data_9OXE
#
_entry.id   9OXE
#
_cell.length_a   1.00
_cell.length_b   1.00
_cell.length_c   1.00
_cell.angle_alpha   90.00
_cell.angle_beta   90.00
_cell.angle_gamma   90.00
#
_symmetry.space_group_name_H-M   'P 1'
#
loop_
_entity.id
_entity.type
_entity.pdbx_description
1 polymer 'Cleavage and polyadenylation specificity factor subunit 1'
2 polymer "pre-mRNA 3' end processing protein WDR33"
3 polymer 'Isoform 2 of Cleavage and polyadenylation specificity factor subunit 4'
4 polymer "RNA (5'-R(P*AP*GP*UP*AP*AP*AP*C)-3')"
5 non-polymer 'ZINC ION'
#
loop_
_entity_poly.entity_id
_entity_poly.type
_entity_poly.pdbx_seq_one_letter_code
_entity_poly.pdbx_strand_id
1 'polypeptide(L)'
;MYAVYKQAHPPTGLEFSMYCNFFNNSERNLVVAGTSQLYVYRLNRDAEALTKNDRSTEGKAHREKLELAASFSFFGNVMS
MASVQLAGAKRDALLLSFKDAKLSVVEYDPGTHDLKTLSLHYFEEPELRDGFVQNVHTPRVRVDPDGRCAAMLVYGTRLV
VLPFRRESLAEEHEGLVGEGQRSSFLPSYIIDVRALDEKLLNIIDLQFLHGYYEPTLLILFEPNQTWPGRVAVRQDTCSI
VAISLNITQKVHPVIWSLTSLPFDCTQALAVPKPIGGVVVFAVNSLLYLNQSVPPYGVALNSLTTGTTAFPLRTQEGVRI
TLDCAQATFISYDKMVISLKGGEIYVLTLITDGMRSVRAFHFDKAAASVLTTSMVTMEPGYLFLGSRLGNSLLLKYTEKL
QEPPASAVREAADKEEPPSKKKRVDATAGWSAAGKSVPQDEVDEIEVYGSEAQSGTQLATYSFEVCDSILNIGPCANAAV
GEPAFLSEEFQNSPEPDLEIVVCSGHGKNGALSVLQKSIRPQVVTTFELPGCYDMWTVIAPVRKEEEDNPKGEGTEQEPS
TTPEADDDGRRHGFLILSREDSTMILQTGQEIMELDTSGFATQGPTVFAGNIGDNRYIVQVSPLGIRLLEGVNQLHFIPV
DLGAPIVQCAVADPYVVIMSAEGHVTMFLLKSDSYGGRHHRLALHKPPLHHQSKVITLCLYRDLSGMFTTESRLGGARDE
LGGRSGPEAEGLGSETSPTVDDEEEMLYGDSGSLFSPSKEEARRSSQPPADRDPAPFRAEPTHWCLLVRENGTMEIYQLP
DWRLVFLVKNFPVGQRVLVDSSFGQPTTQGEARREEATRQGELPLVKEVLLVALGSRQSRPYLLVHVDQELLIYEAFPHD
SQLGQGNLKVRFKKVPHNINFREKKPKPSKKKAEGGGAEEGAGARGRVARFRYFEDIYGYSGVFICGPSPHWLLVTGRGA
LRLHPMAIDGPVDSFAPFHNVNCPRGFLYFNRQGELRISVLPAYLSYDAPWPVRKIPLRCTAHYVAYHVESKVYAVATST
NTPCARIPRMTGEEKEFETIERDERYIHPQQEAFSIQLISPVSWEAIPNARIELQEWEHVTCMKTVSLRSEETVSGLKGY
VAAGTCLMQGEEVTCRGRILIMDVIEVVPEPGQPLTKNKFKVLYEKEQKGPVTALCHCNGHLVSAIGQKIFLWSLRASEL
TGMAFIDTQLYIHQMISVKNFILAADVMKSISLLRYQEESKTLSLVSRDAKPLEVYSVDFMVDNAQLGFLVSDRDRNLMV
YMYLPEAKESFGGMRLLRRADFHVGAHVNTFWRTPCRGATEGLSKKSVVWENKHITWFATLDGGIGLLLPMQEKTYRRLL
MLQNALTTMLPHHAGLNPRAFRMLHVDRRTLQNAVRNVLDGELLNRYLYLSTMERSELAKKIGTTPDIILDDLLETDRVT
AHF
;
A
2 'polypeptide(L)'
;SNAATEIGSPPRFFHMPRFQHQAPRQLFYKRPDFAQQQAMQQLTFDGKRMRKAVNRKTIDYNPSVIKYLENRIWQRDQRD
MRAIQPDAGYYNDLVPPIGMLNNPMNAVTTKFVRTSTNKVKCPVFVVRWTPEGRRLVTGASSGEFTLWNGLTFNFETILQ
AHDSPVRAMTWSHNDMWMLTADHGGYVKYWQSNMNNVKMFQAHKEAIREASFSPTDNKFATCSDDGTVRIWDFLRCHEER
ILRGHGADVKCVDWHPTKGLVVSGSKDSQQPIKFWDPKTGQSLATLHAHKNTVMEVKLNLNGNWLLTASRDHLCKLFDIR
NLKEELQVFRGHKKEATAVAWHPVHEGLFASGGSDGSLLFWHVGVEKEVGGMEMAHEGMIWSLAWHPLGHILCSGSNDHT
SKFWTRNRPGDKMRDRYNLNLLPGMSEDGVEYDDLEPNSLAVIPGMGIPEQLKLAMEQEQMGKDESNEIEMTIPGLDWGM
EEVMQKDQKKVPQKKVPYAKPIPAQFQQAWMQNKVPIPAPNEVLNDRKEDIKLEEKKKTQAEIEQEMATLQYTNPQLLEQ
LKIERLAQKQVEQI
;
B
3 'polypeptide(L)'
;MQEIIASVDHIKFDLEIAVEQQLGAQPLPFPGMDKSGAAVCEFFLKAACGKGGMCPFRHISGEKTVVCKHWLRGLCKKGD
QCEFLHEYDMTKMPECYFYSKFGECSNKECPFLHIDPESKIKDCPWYDRGFCKHGPLCRHRHTRRVICVNYLVGFCPEGP
SCKFMHPRFELPMGTTEQPPLPQQTQPPAKQRTPQVIGVMQSQNSSAGNRGPRPLEQVTCYKCGEKGHYANRCTKGHLAF
LSGQ
;
C
4 'polyribonucleotide' UGCAGUAAACAA E
#
# COMPACT_ATOMS: atom_id res chain seq x y z
N MET A 1 20.21 -4.61 9.93
CA MET A 1 19.66 -5.17 11.16
C MET A 1 18.73 -4.16 11.85
N TYR A 2 19.26 -2.99 12.15
CA TYR A 2 18.54 -1.96 12.87
C TYR A 2 18.27 -0.77 11.96
N ALA A 3 17.06 -0.24 12.04
CA ALA A 3 16.64 0.85 11.17
C ALA A 3 15.66 1.73 11.93
N VAL A 4 15.42 2.92 11.36
CA VAL A 4 14.39 3.84 11.85
C VAL A 4 13.48 4.19 10.69
N TYR A 5 12.18 4.17 10.93
CA TYR A 5 11.20 4.55 9.92
C TYR A 5 10.89 6.03 10.04
N LYS A 6 10.91 6.73 8.91
CA LYS A 6 10.56 8.14 8.87
C LYS A 6 9.52 8.37 7.78
N GLN A 7 8.59 9.27 8.04
CA GLN A 7 7.58 9.66 7.06
C GLN A 7 8.01 10.98 6.43
N ALA A 8 8.25 10.97 5.12
CA ALA A 8 8.66 12.17 4.42
C ALA A 8 7.49 12.94 3.83
N HIS A 9 6.49 12.23 3.32
CA HIS A 9 5.30 12.84 2.73
C HIS A 9 4.08 12.22 3.37
N PRO A 10 3.17 13.02 3.96
CA PRO A 10 1.98 12.44 4.57
C PRO A 10 1.09 11.83 3.51
N PRO A 11 0.29 10.82 3.86
CA PRO A 11 -0.62 10.22 2.87
C PRO A 11 -1.67 11.22 2.39
N THR A 12 -2.00 11.12 1.11
CA THR A 12 -3.05 11.93 0.50
C THR A 12 -4.07 10.99 -0.11
N GLY A 13 -5.35 11.29 0.12
CA GLY A 13 -6.41 10.41 -0.33
C GLY A 13 -7.43 10.21 0.75
N LEU A 14 -8.69 10.51 0.44
CA LEU A 14 -9.76 10.56 1.44
C LEU A 14 -10.72 9.40 1.23
N GLU A 15 -11.06 8.73 2.34
CA GLU A 15 -11.98 7.61 2.30
C GLU A 15 -13.32 7.89 2.96
N PHE A 16 -13.35 8.78 3.94
CA PHE A 16 -14.57 9.09 4.68
C PHE A 16 -14.76 10.59 4.75
N SER A 17 -16.01 11.03 4.66
CA SER A 17 -16.34 12.44 4.75
C SER A 17 -17.70 12.61 5.41
N MET A 18 -17.84 13.68 6.19
CA MET A 18 -19.09 13.97 6.87
C MET A 18 -19.20 15.47 7.09
N TYR A 19 -20.41 15.92 7.38
CA TYR A 19 -20.71 17.32 7.65
C TYR A 19 -21.36 17.39 9.03
N CYS A 20 -20.57 17.74 10.04
CA CYS A 20 -21.01 17.70 11.43
C CYS A 20 -20.52 18.93 12.16
N ASN A 21 -20.96 19.08 13.41
CA ASN A 21 -20.57 20.22 14.26
C ASN A 21 -19.31 19.84 15.04
N PHE A 22 -18.17 19.99 14.37
CA PHE A 22 -16.90 19.59 14.98
C PHE A 22 -16.51 20.54 16.10
N PHE A 23 -16.59 21.85 15.85
CA PHE A 23 -16.13 22.84 16.82
C PHE A 23 -17.24 23.26 17.77
N ASN A 24 -18.41 23.59 17.24
CA ASN A 24 -19.52 24.06 18.05
C ASN A 24 -20.82 23.80 17.29
N ASN A 25 -21.93 24.06 17.96
CA ASN A 25 -23.25 23.79 17.39
C ASN A 25 -23.76 24.92 16.50
N SER A 26 -23.02 26.01 16.37
CA SER A 26 -23.47 27.11 15.52
C SER A 26 -23.24 26.81 14.04
N GLU A 27 -22.08 26.26 13.71
CA GLU A 27 -21.72 25.94 12.33
C GLU A 27 -21.29 24.49 12.21
N ARG A 28 -21.52 23.91 11.03
CA ARG A 28 -21.06 22.58 10.71
C ARG A 28 -19.80 22.66 9.85
N ASN A 29 -19.00 21.60 9.90
CA ASN A 29 -17.72 21.55 9.21
C ASN A 29 -17.62 20.27 8.40
N LEU A 30 -16.84 20.34 7.33
CA LEU A 30 -16.52 19.17 6.52
C LEU A 30 -15.38 18.41 7.19
N VAL A 31 -15.66 17.21 7.66
CA VAL A 31 -14.67 16.36 8.31
C VAL A 31 -14.36 15.20 7.39
N VAL A 32 -13.11 15.09 6.96
CA VAL A 32 -12.68 14.03 6.06
C VAL A 32 -11.54 13.27 6.71
N ALA A 33 -11.48 11.97 6.41
CA ALA A 33 -10.46 11.09 6.95
C ALA A 33 -9.85 10.27 5.82
N GLY A 34 -8.53 10.10 5.87
CA GLY A 34 -7.83 9.28 4.91
C GLY A 34 -7.60 7.89 5.46
N THR A 35 -6.36 7.59 5.84
CA THR A 35 -6.05 6.35 6.53
C THR A 35 -5.66 6.60 7.98
N SER A 36 -4.61 7.39 8.21
CA SER A 36 -4.22 7.79 9.56
C SER A 36 -4.33 9.29 9.76
N GLN A 37 -5.02 9.99 8.87
CA GLN A 37 -5.12 11.44 8.90
C GLN A 37 -6.59 11.85 8.99
N LEU A 38 -6.87 12.86 9.81
CA LEU A 38 -8.19 13.44 9.94
C LEU A 38 -8.09 14.93 9.67
N TYR A 39 -9.01 15.45 8.86
CA TYR A 39 -9.00 16.86 8.48
C TYR A 39 -10.37 17.48 8.74
N VAL A 40 -10.36 18.74 9.16
CA VAL A 40 -11.57 19.52 9.37
C VAL A 40 -11.48 20.75 8.47
N TYR A 41 -12.52 20.99 7.68
CA TYR A 41 -12.53 22.06 6.70
C TYR A 41 -13.71 23.00 6.93
N ARG A 42 -13.45 24.29 6.80
CA ARG A 42 -14.48 25.31 6.72
C ARG A 42 -14.67 25.73 5.27
N LEU A 43 -15.85 26.28 4.99
CA LEU A 43 -16.17 26.77 3.65
C LEU A 43 -16.14 28.29 3.67
N ASN A 44 -15.32 28.87 2.79
CA ASN A 44 -15.20 30.32 2.67
C ASN A 44 -16.00 30.78 1.45
N ARG A 45 -16.82 31.81 1.66
CA ARG A 45 -17.69 32.32 0.60
C ARG A 45 -17.12 33.58 -0.02
N ARG A 63 -15.52 33.40 -4.99
CA ARG A 63 -15.36 31.96 -5.16
C ARG A 63 -15.46 31.24 -3.81
N GLU A 64 -15.65 29.92 -3.87
CA GLU A 64 -15.75 29.09 -2.67
C GLU A 64 -14.47 28.30 -2.50
N LYS A 65 -13.89 28.38 -1.31
CA LYS A 65 -12.62 27.73 -1.00
C LYS A 65 -12.76 26.94 0.29
N LEU A 66 -12.15 25.76 0.32
CA LEU A 66 -12.11 24.94 1.52
C LEU A 66 -10.87 25.32 2.33
N GLU A 67 -11.09 25.76 3.56
CA GLU A 67 -10.03 26.20 4.45
C GLU A 67 -9.81 25.14 5.53
N LEU A 68 -8.56 24.70 5.68
CA LEU A 68 -8.25 23.71 6.69
C LEU A 68 -8.30 24.34 8.08
N ALA A 69 -9.10 23.76 8.96
CA ALA A 69 -9.25 24.25 10.32
C ALA A 69 -8.49 23.42 11.35
N ALA A 70 -8.35 22.12 11.13
CA ALA A 70 -7.64 21.25 12.05
C ALA A 70 -7.20 20.01 11.31
N SER A 71 -6.17 19.35 11.83
CA SER A 71 -5.66 18.12 11.25
C SER A 71 -5.03 17.29 12.36
N PHE A 72 -5.32 15.98 12.34
CA PHE A 72 -4.88 15.08 13.39
C PHE A 72 -4.35 13.79 12.77
N SER A 73 -3.35 13.21 13.43
CA SER A 73 -2.75 11.94 13.02
C SER A 73 -3.04 10.88 14.06
N PHE A 74 -3.23 9.64 13.59
CA PHE A 74 -3.55 8.52 14.46
C PHE A 74 -2.52 7.41 14.28
N PHE A 75 -2.28 6.68 15.38
CA PHE A 75 -1.49 5.46 15.32
C PHE A 75 -2.40 4.28 14.97
N GLY A 76 -2.97 4.38 13.78
CA GLY A 76 -3.93 3.40 13.30
C GLY A 76 -4.58 3.91 12.04
N ASN A 77 -5.30 3.02 11.38
CA ASN A 77 -5.99 3.33 10.14
C ASN A 77 -7.49 3.40 10.40
N VAL A 78 -8.11 4.50 9.99
CA VAL A 78 -9.54 4.68 10.19
C VAL A 78 -10.29 3.76 9.23
N MET A 79 -11.17 2.92 9.78
CA MET A 79 -11.95 2.01 8.97
C MET A 79 -13.39 2.47 8.77
N SER A 80 -13.90 3.32 9.66
CA SER A 80 -15.26 3.84 9.56
C SER A 80 -15.36 5.09 10.42
N MET A 81 -16.07 6.10 9.92
CA MET A 81 -16.19 7.37 10.61
C MET A 81 -17.66 7.75 10.70
N ALA A 82 -18.10 8.12 11.90
CA ALA A 82 -19.47 8.53 12.13
C ALA A 82 -19.49 9.60 13.21
N SER A 83 -20.57 10.37 13.25
CA SER A 83 -20.74 11.43 14.22
C SER A 83 -22.13 11.35 14.85
N VAL A 84 -22.23 11.83 16.09
CA VAL A 84 -23.49 11.82 16.82
C VAL A 84 -23.51 13.01 17.77
N GLN A 85 -24.69 13.59 17.96
CA GLN A 85 -24.90 14.66 18.93
C GLN A 85 -25.36 14.02 20.24
N LEU A 86 -24.54 14.13 21.28
CA LEU A 86 -24.83 13.53 22.56
C LEU A 86 -25.81 14.41 23.33
N ALA A 87 -26.08 14.05 24.59
CA ALA A 87 -27.05 14.77 25.41
C ALA A 87 -26.35 15.93 26.11
N GLY A 88 -26.89 17.13 25.94
CA GLY A 88 -26.30 18.32 26.53
C GLY A 88 -24.88 18.60 26.05
N ALA A 89 -24.61 18.34 24.78
CA ALA A 89 -23.29 18.52 24.22
C ALA A 89 -23.22 19.84 23.46
N LYS A 90 -22.02 20.43 23.46
CA LYS A 90 -21.77 21.68 22.74
C LYS A 90 -21.26 21.45 21.32
N ARG A 91 -21.06 20.21 20.92
CA ARG A 91 -20.58 19.89 19.58
C ARG A 91 -20.83 18.40 19.33
N ASP A 92 -20.48 17.95 18.13
CA ASP A 92 -20.59 16.55 17.78
C ASP A 92 -19.39 15.77 18.32
N ALA A 93 -19.57 14.46 18.43
CA ALA A 93 -18.50 13.54 18.78
C ALA A 93 -18.30 12.57 17.64
N LEU A 94 -17.04 12.37 17.25
CA LEU A 94 -16.70 11.46 16.16
C LEU A 94 -16.60 10.03 16.66
N LEU A 95 -17.03 9.09 15.83
CA LEU A 95 -16.92 7.67 16.10
C LEU A 95 -15.97 7.05 15.08
N LEU A 96 -14.81 6.62 15.54
CA LEU A 96 -13.76 6.10 14.66
C LEU A 96 -13.53 4.62 14.98
N SER A 97 -13.49 3.80 13.94
CA SER A 97 -13.20 2.38 14.07
C SER A 97 -11.81 2.10 13.50
N PHE A 98 -11.07 1.21 14.18
CA PHE A 98 -9.70 0.90 13.82
C PHE A 98 -9.49 -0.60 13.83
N LYS A 99 -8.33 -1.00 13.27
CA LYS A 99 -7.80 -2.36 13.31
C LYS A 99 -8.84 -3.42 13.01
N ASP A 100 -9.09 -4.31 13.98
CA ASP A 100 -10.08 -5.38 13.85
C ASP A 100 -11.39 -5.03 14.54
N ALA A 101 -11.34 -4.68 15.83
CA ALA A 101 -12.54 -4.26 16.56
C ALA A 101 -12.09 -3.23 17.60
N LYS A 102 -12.13 -1.95 17.21
CA LYS A 102 -11.79 -0.84 18.09
C LYS A 102 -12.74 0.30 17.79
N LEU A 103 -13.52 0.71 18.77
CA LEU A 103 -14.39 1.86 18.64
C LEU A 103 -13.87 2.98 19.55
N SER A 104 -13.50 4.10 18.95
CA SER A 104 -13.00 5.26 19.68
C SER A 104 -13.98 6.41 19.51
N VAL A 105 -14.35 7.03 20.61
CA VAL A 105 -15.22 8.21 20.61
C VAL A 105 -14.36 9.41 20.96
N VAL A 106 -14.22 10.33 20.03
CA VAL A 106 -13.39 11.51 20.22
C VAL A 106 -14.24 12.76 20.03
N GLU A 107 -13.75 13.87 20.56
CA GLU A 107 -14.44 15.14 20.48
C GLU A 107 -13.40 16.25 20.39
N TYR A 108 -13.78 17.37 19.79
CA TYR A 108 -12.90 18.52 19.78
C TYR A 108 -12.83 19.13 21.18
N ASP A 109 -11.62 19.45 21.62
CA ASP A 109 -11.41 20.01 22.94
C ASP A 109 -11.08 21.49 22.84
N PRO A 110 -11.95 22.39 23.28
CA PRO A 110 -11.55 23.79 23.45
C PRO A 110 -10.57 23.92 24.61
N GLY A 111 -10.04 25.11 24.86
CA GLY A 111 -8.95 25.18 25.81
C GLY A 111 -7.67 24.93 25.05
N THR A 112 -7.25 23.67 25.02
CA THR A 112 -6.29 23.24 24.01
C THR A 112 -6.95 23.31 22.63
N HIS A 113 -6.20 22.96 21.59
CA HIS A 113 -6.75 22.99 20.25
C HIS A 113 -6.63 21.61 19.62
N ASP A 114 -6.98 20.58 20.39
CA ASP A 114 -6.67 19.20 20.06
C ASP A 114 -7.93 18.34 20.17
N LEU A 115 -7.76 17.04 19.97
CA LEU A 115 -8.82 16.07 20.15
C LEU A 115 -8.84 15.56 21.59
N LYS A 116 -10.04 15.23 22.06
CA LYS A 116 -10.25 14.62 23.36
C LYS A 116 -10.94 13.28 23.17
N THR A 117 -10.37 12.23 23.72
CA THR A 117 -10.96 10.90 23.63
C THR A 117 -11.96 10.72 24.77
N LEU A 118 -13.21 10.41 24.42
CA LEU A 118 -14.26 10.28 25.41
C LEU A 118 -14.37 8.87 25.97
N SER A 119 -14.25 7.85 25.11
CA SER A 119 -14.30 6.47 25.56
C SER A 119 -13.61 5.59 24.53
N LEU A 120 -12.97 4.53 25.02
CA LEU A 120 -12.35 3.52 24.19
C LEU A 120 -13.05 2.19 24.40
N HIS A 121 -13.34 1.49 23.30
CA HIS A 121 -14.03 0.21 23.36
C HIS A 121 -13.23 -0.82 22.55
N TYR A 122 -12.92 -1.94 23.19
CA TYR A 122 -12.19 -3.04 22.56
C TYR A 122 -13.07 -4.27 22.53
N PHE A 123 -13.12 -4.92 21.37
CA PHE A 123 -13.90 -6.14 21.18
C PHE A 123 -13.08 -7.20 20.46
N GLU A 124 -11.78 -7.22 20.75
CA GLU A 124 -10.86 -8.17 20.13
C GLU A 124 -10.66 -9.41 21.00
N GLU A 125 -11.76 -10.04 21.41
CA GLU A 125 -11.61 -11.30 22.10
C GLU A 125 -11.55 -12.46 21.11
N PRO A 126 -10.77 -13.50 21.39
CA PRO A 126 -10.70 -14.64 20.46
C PRO A 126 -12.02 -15.34 20.25
N GLU A 127 -12.91 -15.34 21.25
CA GLU A 127 -14.19 -16.04 21.12
C GLU A 127 -15.14 -15.35 20.16
N LEU A 128 -14.92 -14.07 19.85
CA LEU A 128 -15.75 -13.38 18.88
C LEU A 128 -15.38 -13.69 17.44
N ARG A 129 -14.22 -14.32 17.21
CA ARG A 129 -13.77 -14.61 15.85
C ARG A 129 -14.24 -15.96 15.34
N ASP A 130 -14.85 -16.78 16.18
CA ASP A 130 -15.43 -18.08 15.79
C ASP A 130 -14.36 -19.02 15.24
N GLY A 131 -13.12 -18.88 15.70
CA GLY A 131 -12.04 -19.73 15.25
C GLY A 131 -11.30 -19.24 14.02
N PHE A 132 -11.79 -18.19 13.36
CA PHE A 132 -11.10 -17.63 12.22
C PHE A 132 -9.93 -16.78 12.69
N VAL A 133 -8.75 -16.99 12.10
CA VAL A 133 -7.58 -16.20 12.43
C VAL A 133 -7.36 -15.06 11.42
N GLN A 134 -7.90 -15.16 10.22
CA GLN A 134 -7.79 -14.12 9.21
C GLN A 134 -9.12 -13.38 9.13
N ASN A 135 -9.12 -12.10 9.49
CA ASN A 135 -10.32 -11.28 9.47
C ASN A 135 -10.39 -10.55 8.15
N VAL A 136 -11.47 -10.77 7.40
CA VAL A 136 -11.70 -10.14 6.12
C VAL A 136 -12.79 -9.09 6.20
N HIS A 137 -13.26 -8.76 7.40
CA HIS A 137 -14.35 -7.81 7.58
C HIS A 137 -13.83 -6.59 8.32
N THR A 138 -14.10 -5.41 7.76
CA THR A 138 -13.75 -4.15 8.40
C THR A 138 -14.85 -3.72 9.36
N PRO A 139 -14.51 -3.18 10.53
CA PRO A 139 -15.54 -2.72 11.47
C PRO A 139 -16.27 -1.51 10.93
N ARG A 140 -17.60 -1.62 10.82
CA ARG A 140 -18.42 -0.58 10.22
C ARG A 140 -19.36 -0.01 11.27
N VAL A 141 -19.25 1.30 11.49
CA VAL A 141 -20.02 1.99 12.54
C VAL A 141 -21.22 2.68 11.90
N ARG A 142 -22.39 2.51 12.50
CA ARG A 142 -23.61 3.17 12.08
C ARG A 142 -24.23 3.88 13.27
N VAL A 143 -24.91 4.99 13.00
CA VAL A 143 -25.52 5.81 14.05
C VAL A 143 -27.00 5.98 13.74
N ASP A 144 -27.83 5.87 14.78
CA ASP A 144 -29.24 6.12 14.64
C ASP A 144 -29.48 7.59 14.26
N PRO A 145 -30.42 7.86 13.35
CA PRO A 145 -30.68 9.27 12.98
C PRO A 145 -31.12 10.14 14.13
N ASP A 146 -31.80 9.58 15.13
CA ASP A 146 -32.21 10.33 16.31
C ASP A 146 -31.15 10.36 17.40
N GLY A 147 -30.00 9.75 17.17
CA GLY A 147 -28.93 9.75 18.15
C GLY A 147 -29.18 8.88 19.35
N ARG A 148 -30.08 7.90 19.24
CA ARG A 148 -30.40 7.05 20.37
C ARG A 148 -29.33 6.01 20.64
N CYS A 149 -28.69 5.48 19.60
CA CYS A 149 -27.65 4.48 19.78
C CYS A 149 -26.74 4.46 18.56
N ALA A 150 -25.58 3.83 18.74
CA ALA A 150 -24.66 3.56 17.65
C ALA A 150 -24.40 2.06 17.59
N ALA A 151 -24.16 1.56 16.38
CA ALA A 151 -23.92 0.14 16.17
C ALA A 151 -22.69 -0.04 15.30
N MET A 152 -21.83 -0.99 15.68
CA MET A 152 -20.65 -1.35 14.91
C MET A 152 -20.68 -2.85 14.64
N LEU A 153 -20.62 -3.22 13.37
CA LEU A 153 -20.55 -4.63 12.98
C LEU A 153 -19.10 -5.08 13.03
N VAL A 154 -18.82 -6.14 13.77
CA VAL A 154 -17.47 -6.58 14.07
C VAL A 154 -17.32 -8.03 13.64
N TYR A 155 -16.27 -8.32 12.87
CA TYR A 155 -15.95 -9.64 12.34
C TYR A 155 -17.07 -10.19 11.45
N GLY A 156 -18.01 -9.35 11.04
CA GLY A 156 -19.12 -9.76 10.20
C GLY A 156 -20.21 -10.54 10.92
N THR A 157 -20.04 -10.82 12.21
CA THR A 157 -21.00 -11.62 12.96
C THR A 157 -21.39 -11.04 14.31
N ARG A 158 -20.66 -10.07 14.83
CA ARG A 158 -20.94 -9.48 16.14
C ARG A 158 -21.42 -8.05 15.94
N LEU A 159 -22.60 -7.75 16.46
CA LEU A 159 -23.17 -6.41 16.39
C LEU A 159 -23.03 -5.76 17.76
N VAL A 160 -22.11 -4.81 17.86
CA VAL A 160 -21.91 -4.05 19.09
C VAL A 160 -22.86 -2.88 19.11
N VAL A 161 -23.61 -2.74 20.21
CA VAL A 161 -24.57 -1.66 20.38
C VAL A 161 -24.04 -0.73 21.47
N LEU A 162 -23.92 0.55 21.15
CA LEU A 162 -23.44 1.55 22.10
C LEU A 162 -24.58 2.52 22.39
N PRO A 163 -25.33 2.33 23.47
CA PRO A 163 -26.46 3.22 23.75
C PRO A 163 -25.98 4.59 24.24
N PHE A 164 -26.81 5.59 24.01
CA PHE A 164 -26.56 6.95 24.45
C PHE A 164 -27.67 7.39 25.39
N ARG A 165 -27.33 8.26 26.34
CA ARG A 165 -28.32 8.82 27.24
C ARG A 165 -29.36 9.65 26.50
N SER A 183 -20.53 10.54 31.48
CA SER A 183 -21.48 9.43 31.50
C SER A 183 -22.49 9.55 30.36
N SER A 184 -22.01 9.99 29.20
CA SER A 184 -22.87 10.14 28.04
C SER A 184 -23.13 8.83 27.30
N PHE A 185 -22.47 7.74 27.71
CA PHE A 185 -22.61 6.45 27.07
C PHE A 185 -23.12 5.43 28.08
N LEU A 186 -24.17 4.71 27.70
CA LEU A 186 -24.63 3.58 28.49
C LEU A 186 -23.74 2.37 28.24
N PRO A 187 -23.69 1.42 29.17
CA PRO A 187 -22.86 0.22 28.94
C PRO A 187 -23.28 -0.51 27.68
N SER A 188 -22.28 -0.94 26.92
CA SER A 188 -22.51 -1.56 25.62
C SER A 188 -22.75 -3.06 25.77
N TYR A 189 -23.40 -3.62 24.76
CA TYR A 189 -23.64 -5.06 24.69
C TYR A 189 -23.46 -5.52 23.25
N ILE A 190 -23.29 -6.83 23.09
CA ILE A 190 -22.96 -7.42 21.80
C ILE A 190 -24.11 -8.33 21.39
N ILE A 191 -24.50 -8.24 20.11
CA ILE A 191 -25.54 -9.08 19.53
C ILE A 191 -24.87 -10.05 18.56
N ASP A 192 -25.15 -11.34 18.74
CA ASP A 192 -24.70 -12.36 17.80
C ASP A 192 -25.75 -12.49 16.71
N VAL A 193 -25.43 -12.00 15.51
CA VAL A 193 -26.40 -11.98 14.43
C VAL A 193 -26.78 -13.39 13.98
N ARG A 194 -25.93 -14.38 14.27
CA ARG A 194 -26.27 -15.77 13.94
C ARG A 194 -27.33 -16.33 14.88
N ALA A 195 -27.57 -15.69 16.02
CA ALA A 195 -28.51 -16.17 17.02
C ALA A 195 -29.79 -15.34 17.06
N LEU A 196 -30.08 -14.61 15.99
CA LEU A 196 -31.30 -13.82 15.90
C LEU A 196 -32.47 -14.72 15.49
N ASP A 197 -33.61 -14.11 15.16
CA ASP A 197 -34.73 -14.88 14.63
C ASP A 197 -34.35 -15.59 13.34
N GLU A 198 -33.60 -14.91 12.47
CA GLU A 198 -32.99 -15.50 11.29
C GLU A 198 -31.48 -15.45 11.44
N LYS A 199 -30.81 -16.47 10.90
CA LYS A 199 -29.35 -16.52 10.93
C LYS A 199 -28.81 -15.57 9.87
N LEU A 200 -28.16 -14.49 10.31
CA LEU A 200 -27.66 -13.46 9.41
C LEU A 200 -26.22 -13.78 9.03
N LEU A 201 -26.02 -14.20 7.79
CA LEU A 201 -24.71 -14.52 7.26
C LEU A 201 -24.40 -13.63 6.08
N ASN A 202 -23.12 -13.28 5.92
CA ASN A 202 -22.62 -12.49 4.80
C ASN A 202 -23.33 -11.14 4.72
N ILE A 203 -23.14 -10.33 5.76
CA ILE A 203 -23.73 -9.00 5.81
C ILE A 203 -23.12 -8.14 4.70
N ILE A 204 -23.97 -7.58 3.86
CA ILE A 204 -23.51 -6.69 2.79
C ILE A 204 -23.48 -5.24 3.25
N ASP A 205 -24.56 -4.77 3.87
CA ASP A 205 -24.61 -3.42 4.40
C ASP A 205 -25.64 -3.38 5.52
N LEU A 206 -25.52 -2.35 6.36
CA LEU A 206 -26.46 -2.14 7.46
C LEU A 206 -26.66 -0.65 7.64
N GLN A 207 -27.93 -0.25 7.83
CA GLN A 207 -28.29 1.16 7.97
C GLN A 207 -29.41 1.29 8.99
N PHE A 208 -29.35 2.36 9.78
CA PHE A 208 -30.45 2.73 10.66
C PHE A 208 -31.52 3.46 9.85
N LEU A 209 -32.78 3.10 10.08
CA LEU A 209 -33.88 3.66 9.31
C LEU A 209 -34.41 4.93 9.95
N HIS A 210 -35.32 5.59 9.25
CA HIS A 210 -35.94 6.84 9.69
C HIS A 210 -37.41 6.62 10.01
N GLY A 211 -37.88 7.26 11.08
CA GLY A 211 -39.29 7.25 11.42
C GLY A 211 -39.74 6.06 12.24
N TYR A 212 -38.99 5.73 13.29
CA TYR A 212 -39.33 4.62 14.17
C TYR A 212 -39.21 5.07 15.62
N TYR A 213 -40.02 4.44 16.48
CA TYR A 213 -39.98 4.77 17.91
C TYR A 213 -38.75 4.17 18.58
N GLU A 214 -38.25 3.04 18.09
CA GLU A 214 -37.02 2.43 18.55
C GLU A 214 -35.99 2.46 17.42
N PRO A 215 -34.70 2.41 17.76
CA PRO A 215 -33.68 2.30 16.70
C PRO A 215 -33.88 1.06 15.85
N THR A 216 -34.22 1.25 14.59
CA THR A 216 -34.50 0.16 13.67
C THR A 216 -33.34 0.04 12.69
N LEU A 217 -32.61 -1.06 12.79
CA LEU A 217 -31.42 -1.29 11.97
C LEU A 217 -31.79 -2.23 10.83
N LEU A 218 -31.65 -1.77 9.60
CA LEU A 218 -31.89 -2.60 8.43
C LEU A 218 -30.57 -3.24 8.00
N ILE A 219 -30.59 -4.55 7.79
CA ILE A 219 -29.40 -5.32 7.49
C ILE A 219 -29.61 -6.05 6.18
N LEU A 220 -28.73 -5.81 5.22
CA LEU A 220 -28.73 -6.49 3.93
C LEU A 220 -27.66 -7.58 3.97
N PHE A 221 -28.09 -8.83 3.84
CA PHE A 221 -27.20 -9.97 4.02
C PHE A 221 -27.48 -11.01 2.95
N GLU A 222 -26.61 -12.01 2.88
CA GLU A 222 -26.66 -13.07 1.86
C GLU A 222 -26.54 -14.42 2.57
N PRO A 223 -27.66 -14.98 3.03
CA PRO A 223 -27.58 -16.24 3.82
C PRO A 223 -26.93 -17.39 3.07
N ASN A 224 -27.20 -17.54 1.78
CA ASN A 224 -26.54 -18.55 0.93
C ASN A 224 -25.77 -17.80 -0.14
N GLN A 225 -24.45 -17.71 0.05
CA GLN A 225 -23.61 -16.90 -0.82
C GLN A 225 -23.41 -17.57 -2.17
N THR A 226 -23.35 -16.74 -3.22
CA THR A 226 -23.03 -17.18 -4.56
C THR A 226 -22.09 -16.15 -5.17
N TRP A 227 -21.58 -16.45 -6.37
CA TRP A 227 -20.71 -15.53 -7.09
C TRP A 227 -21.12 -15.53 -8.55
N PRO A 228 -20.80 -14.44 -9.27
CA PRO A 228 -21.32 -14.32 -10.66
C PRO A 228 -20.89 -15.44 -11.59
N GLY A 229 -19.77 -16.10 -11.33
CA GLY A 229 -19.40 -17.24 -12.14
C GLY A 229 -20.37 -18.39 -12.04
N ARG A 230 -21.06 -18.49 -10.90
CA ARG A 230 -22.12 -19.48 -10.71
C ARG A 230 -23.41 -18.73 -10.40
N VAL A 231 -24.09 -18.25 -11.44
CA VAL A 231 -25.49 -17.90 -11.27
C VAL A 231 -26.26 -18.66 -12.33
N ALA A 232 -26.46 -19.95 -12.09
CA ALA A 232 -27.47 -20.78 -12.76
C ALA A 232 -28.09 -21.78 -11.80
N VAL A 233 -27.47 -22.04 -10.66
CA VAL A 233 -27.98 -22.96 -9.65
C VAL A 233 -28.26 -22.28 -8.33
N ARG A 234 -27.75 -21.06 -8.12
CA ARG A 234 -28.07 -20.24 -6.94
C ARG A 234 -28.33 -18.83 -7.48
N GLN A 235 -29.60 -18.53 -7.74
CA GLN A 235 -29.95 -17.40 -8.60
C GLN A 235 -29.88 -16.06 -7.86
N ASP A 236 -30.74 -15.88 -6.86
CA ASP A 236 -30.81 -14.61 -6.13
C ASP A 236 -31.09 -14.89 -4.66
N THR A 237 -30.04 -14.92 -3.85
CA THR A 237 -30.17 -15.12 -2.41
C THR A 237 -29.60 -13.88 -1.72
N CYS A 238 -30.43 -12.85 -1.60
CA CYS A 238 -30.12 -11.69 -0.79
C CYS A 238 -31.36 -11.32 0.00
N SER A 239 -31.17 -10.91 1.24
CA SER A 239 -32.29 -10.66 2.13
C SER A 239 -32.03 -9.39 2.92
N ILE A 240 -33.13 -8.78 3.38
CA ILE A 240 -33.08 -7.65 4.30
C ILE A 240 -33.97 -7.97 5.49
N VAL A 241 -33.51 -7.61 6.68
CA VAL A 241 -34.33 -7.65 7.89
C VAL A 241 -34.19 -6.32 8.60
N ALA A 242 -35.19 -5.98 9.39
CA ALA A 242 -35.15 -4.82 10.27
C ALA A 242 -35.36 -5.29 11.69
N ILE A 243 -34.46 -4.90 12.58
CA ILE A 243 -34.54 -5.25 14.00
C ILE A 243 -34.77 -3.99 14.81
N SER A 244 -35.77 -4.03 15.69
CA SER A 244 -36.02 -2.93 16.61
C SER A 244 -35.18 -3.12 17.86
N LEU A 245 -34.29 -2.18 18.11
CA LEU A 245 -33.34 -2.28 19.22
C LEU A 245 -33.97 -1.71 20.47
N ASN A 246 -34.36 -2.60 21.40
CA ASN A 246 -34.83 -2.18 22.71
C ASN A 246 -33.61 -2.10 23.61
N ILE A 247 -33.15 -0.88 23.87
CA ILE A 247 -31.92 -0.69 24.63
C ILE A 247 -32.06 -1.21 26.05
N THR A 248 -33.18 -0.89 26.71
CA THR A 248 -33.35 -1.26 28.11
C THR A 248 -33.45 -2.77 28.27
N GLN A 249 -34.32 -3.42 27.49
CA GLN A 249 -34.56 -4.85 27.64
C GLN A 249 -33.54 -5.70 26.87
N LYS A 250 -32.73 -5.10 26.00
CA LYS A 250 -31.76 -5.83 25.18
C LYS A 250 -32.43 -6.94 24.38
N VAL A 251 -33.59 -6.62 23.80
CA VAL A 251 -34.31 -7.54 22.91
C VAL A 251 -34.39 -6.88 21.54
N HIS A 252 -34.15 -7.67 20.50
CA HIS A 252 -34.05 -7.18 19.13
C HIS A 252 -34.88 -8.04 18.20
N PRO A 253 -36.21 -7.93 18.27
CA PRO A 253 -37.07 -8.72 17.38
C PRO A 253 -36.91 -8.28 15.94
N VAL A 254 -37.16 -9.23 15.03
CA VAL A 254 -37.07 -8.97 13.60
C VAL A 254 -38.42 -8.53 13.08
N ILE A 255 -38.43 -7.43 12.33
CA ILE A 255 -39.63 -6.94 11.66
C ILE A 255 -39.28 -6.72 10.19
N TRP A 256 -40.26 -6.91 9.31
CA TRP A 256 -40.14 -6.58 7.89
C TRP A 256 -38.98 -7.36 7.23
N SER A 257 -39.17 -8.67 7.14
CA SER A 257 -38.25 -9.50 6.39
C SER A 257 -38.56 -9.46 4.90
N LEU A 258 -37.55 -9.78 4.10
CA LEU A 258 -37.66 -9.91 2.65
C LEU A 258 -36.52 -10.78 2.17
N THR A 259 -36.81 -11.78 1.33
CA THR A 259 -35.91 -12.92 1.17
C THR A 259 -35.35 -13.12 -0.23
N SER A 260 -35.94 -12.54 -1.28
CA SER A 260 -35.51 -12.90 -2.63
C SER A 260 -34.94 -11.74 -3.42
N LEU A 261 -34.08 -10.94 -2.79
CA LEU A 261 -33.46 -9.81 -3.47
C LEU A 261 -32.41 -10.32 -4.45
N PRO A 262 -32.07 -9.51 -5.47
CA PRO A 262 -31.05 -9.94 -6.44
C PRO A 262 -29.72 -10.26 -5.79
N PHE A 263 -29.02 -11.23 -6.38
CA PHE A 263 -27.79 -11.75 -5.80
C PHE A 263 -26.69 -10.70 -5.71
N ASP A 264 -26.77 -9.63 -6.50
CA ASP A 264 -25.69 -8.66 -6.61
C ASP A 264 -26.01 -7.36 -5.89
N CYS A 265 -26.82 -7.41 -4.84
CA CYS A 265 -27.06 -6.23 -4.02
C CYS A 265 -25.77 -5.78 -3.36
N THR A 266 -25.50 -4.48 -3.41
CA THR A 266 -24.21 -3.94 -2.99
C THR A 266 -24.29 -3.04 -1.78
N GLN A 267 -25.33 -2.22 -1.65
CA GLN A 267 -25.45 -1.32 -0.51
C GLN A 267 -26.90 -0.90 -0.35
N ALA A 268 -27.19 -0.30 0.80
CA ALA A 268 -28.51 0.21 1.13
C ALA A 268 -28.38 1.64 1.65
N LEU A 269 -29.39 2.46 1.36
CA LEU A 269 -29.44 3.83 1.81
C LEU A 269 -30.81 4.10 2.43
N ALA A 270 -30.82 4.62 3.64
CA ALA A 270 -32.07 4.94 4.32
C ALA A 270 -32.66 6.23 3.75
N VAL A 271 -33.91 6.14 3.30
CA VAL A 271 -34.61 7.31 2.75
C VAL A 271 -35.01 8.24 3.90
N PRO A 272 -34.94 9.55 3.72
CA PRO A 272 -35.29 10.47 4.82
C PRO A 272 -36.74 10.31 5.27
N LYS A 273 -37.04 11.03 6.35
CA LYS A 273 -38.24 10.75 7.15
C LYS A 273 -39.56 10.88 6.39
N PRO A 274 -39.82 11.94 5.61
CA PRO A 274 -41.17 12.07 5.01
C PRO A 274 -41.58 10.88 4.15
N ILE A 275 -40.65 10.32 3.38
CA ILE A 275 -40.97 9.16 2.56
C ILE A 275 -40.64 7.86 3.29
N GLY A 276 -39.47 7.80 3.91
CA GLY A 276 -39.07 6.62 4.66
C GLY A 276 -38.72 5.46 3.76
N GLY A 277 -38.45 4.33 4.40
CA GLY A 277 -38.04 3.14 3.68
C GLY A 277 -36.54 3.07 3.49
N VAL A 278 -36.14 2.25 2.52
CA VAL A 278 -34.73 2.06 2.22
C VAL A 278 -34.58 1.89 0.71
N VAL A 279 -33.47 2.38 0.18
CA VAL A 279 -33.10 2.20 -1.22
C VAL A 279 -31.91 1.24 -1.26
N VAL A 280 -32.04 0.18 -2.05
CA VAL A 280 -31.02 -0.86 -2.15
C VAL A 280 -30.37 -0.76 -3.52
N PHE A 281 -29.05 -0.63 -3.53
CA PHE A 281 -28.28 -0.64 -4.77
C PHE A 281 -27.88 -2.07 -5.09
N ALA A 282 -28.26 -2.53 -6.28
CA ALA A 282 -27.70 -3.75 -6.86
C ALA A 282 -26.81 -3.36 -8.03
N VAL A 283 -26.09 -4.35 -8.57
CA VAL A 283 -25.16 -4.07 -9.66
C VAL A 283 -25.92 -3.58 -10.89
N ASN A 284 -27.01 -4.25 -11.24
CA ASN A 284 -27.75 -3.94 -12.46
C ASN A 284 -29.19 -3.51 -12.20
N SER A 285 -29.55 -3.21 -10.96
CA SER A 285 -30.92 -2.86 -10.64
C SER A 285 -30.97 -1.94 -9.42
N LEU A 286 -32.08 -1.23 -9.29
CA LEU A 286 -32.33 -0.31 -8.19
C LEU A 286 -33.67 -0.65 -7.55
N LEU A 287 -33.68 -0.76 -6.22
CA LEU A 287 -34.86 -1.18 -5.48
C LEU A 287 -35.21 -0.16 -4.41
N TYR A 288 -36.50 0.10 -4.25
CA TYR A 288 -37.03 0.84 -3.11
C TYR A 288 -37.91 -0.10 -2.31
N LEU A 289 -37.62 -0.23 -1.02
CA LEU A 289 -38.32 -1.15 -0.13
C LEU A 289 -38.91 -0.39 1.04
N ASN A 290 -40.18 -0.67 1.35
CA ASN A 290 -40.83 -0.11 2.52
C ASN A 290 -41.60 -1.22 3.23
N GLN A 291 -41.84 -1.01 4.53
CA GLN A 291 -42.46 -2.05 5.35
C GLN A 291 -43.91 -2.29 4.96
N SER A 292 -44.67 -1.23 4.71
CA SER A 292 -46.10 -1.34 4.47
C SER A 292 -46.46 -1.25 2.99
N VAL A 293 -45.48 -1.32 2.10
CA VAL A 293 -45.75 -1.19 0.66
C VAL A 293 -45.02 -2.31 -0.07
N PRO A 294 -45.57 -2.76 -1.20
CA PRO A 294 -44.89 -3.78 -2.01
C PRO A 294 -43.59 -3.25 -2.58
N PRO A 295 -42.60 -4.11 -2.78
CA PRO A 295 -41.31 -3.64 -3.31
C PRO A 295 -41.45 -3.07 -4.71
N TYR A 296 -40.65 -2.05 -4.99
CA TYR A 296 -40.57 -1.45 -6.32
C TYR A 296 -39.13 -1.44 -6.77
N GLY A 297 -38.87 -2.03 -7.94
CA GLY A 297 -37.51 -2.07 -8.47
C GLY A 297 -37.53 -1.92 -9.98
N VAL A 298 -36.39 -1.47 -10.51
CA VAL A 298 -36.20 -1.31 -11.94
C VAL A 298 -34.87 -1.92 -12.34
N ALA A 299 -34.76 -2.25 -13.62
CA ALA A 299 -33.55 -2.81 -14.20
C ALA A 299 -32.77 -1.70 -14.91
N LEU A 300 -31.51 -1.52 -14.53
CA LEU A 300 -30.69 -0.47 -15.11
C LEU A 300 -30.04 -0.88 -16.43
N ASN A 301 -30.01 -2.17 -16.74
CA ASN A 301 -29.47 -2.65 -18.01
C ASN A 301 -30.06 -4.04 -18.26
N SER A 302 -29.68 -4.62 -19.39
CA SER A 302 -30.25 -5.90 -19.82
C SER A 302 -29.56 -7.10 -19.18
N LEU A 303 -28.54 -6.89 -18.36
CA LEU A 303 -27.83 -7.99 -17.71
C LEU A 303 -28.63 -8.63 -16.56
N THR A 304 -29.90 -8.25 -16.38
CA THR A 304 -30.74 -8.81 -15.35
C THR A 304 -31.65 -9.94 -15.85
N THR A 305 -31.62 -10.25 -17.14
CA THR A 305 -32.64 -11.12 -17.72
C THR A 305 -32.58 -12.53 -17.14
N GLY A 306 -31.42 -13.15 -17.15
CA GLY A 306 -31.24 -14.50 -16.64
C GLY A 306 -30.58 -14.61 -15.29
N THR A 307 -30.39 -13.49 -14.58
CA THR A 307 -29.63 -13.49 -13.35
C THR A 307 -30.45 -13.21 -12.10
N THR A 308 -31.71 -12.80 -12.26
CA THR A 308 -32.58 -12.58 -11.11
C THR A 308 -34.03 -12.78 -11.53
N ALA A 309 -34.80 -13.45 -10.68
CA ALA A 309 -36.23 -13.63 -10.89
C ALA A 309 -37.05 -12.57 -10.18
N PHE A 310 -36.40 -11.62 -9.50
CA PHE A 310 -37.11 -10.55 -8.84
C PHE A 310 -37.84 -9.70 -9.88
N PRO A 311 -39.10 -9.34 -9.64
CA PRO A 311 -39.84 -8.53 -10.62
C PRO A 311 -39.24 -7.14 -10.79
N LEU A 312 -38.69 -6.89 -11.97
CA LEU A 312 -38.05 -5.62 -12.28
C LEU A 312 -38.63 -5.06 -13.57
N ARG A 313 -38.96 -3.76 -13.54
CA ARG A 313 -39.38 -3.06 -14.74
C ARG A 313 -38.18 -2.39 -15.40
N THR A 314 -38.27 -2.21 -16.71
CA THR A 314 -37.21 -1.54 -17.45
C THR A 314 -37.30 -0.04 -17.19
N GLN A 315 -36.21 0.55 -16.70
CA GLN A 315 -36.11 1.99 -16.51
C GLN A 315 -35.63 2.59 -17.83
N GLU A 316 -36.55 3.22 -18.56
CA GLU A 316 -36.22 3.76 -19.88
C GLU A 316 -35.28 4.94 -19.77
N GLY A 317 -34.33 5.02 -20.71
CA GLY A 317 -33.45 6.16 -20.82
C GLY A 317 -32.14 6.07 -20.05
N VAL A 318 -31.93 5.02 -19.27
CA VAL A 318 -30.70 4.87 -18.51
C VAL A 318 -30.10 3.50 -18.79
N ARG A 319 -28.77 3.46 -18.93
CA ARG A 319 -28.03 2.21 -19.12
C ARG A 319 -26.75 2.32 -18.30
N ILE A 320 -26.82 1.90 -17.04
CA ILE A 320 -25.72 2.07 -16.08
C ILE A 320 -25.64 0.85 -15.19
N THR A 321 -24.57 0.80 -14.40
CA THR A 321 -24.42 -0.18 -13.34
C THR A 321 -24.08 0.53 -12.03
N LEU A 322 -24.40 -0.12 -10.92
CA LEU A 322 -24.07 0.36 -9.58
C LEU A 322 -23.21 -0.71 -8.92
N ASP A 323 -21.91 -0.68 -9.19
CA ASP A 323 -20.97 -1.62 -8.61
C ASP A 323 -20.24 -1.01 -7.42
N CYS A 324 -19.52 0.08 -7.65
CA CYS A 324 -18.83 0.82 -6.60
C CYS A 324 -19.23 2.27 -6.78
N ALA A 325 -20.41 2.61 -6.25
CA ALA A 325 -21.01 3.91 -6.45
C ALA A 325 -21.26 4.58 -5.10
N GLN A 326 -21.12 5.90 -5.08
CA GLN A 326 -21.38 6.69 -3.89
C GLN A 326 -22.65 7.49 -4.11
N ALA A 327 -23.54 7.44 -3.13
CA ALA A 327 -24.80 8.17 -3.19
C ALA A 327 -25.04 8.91 -1.89
N THR A 328 -25.78 10.01 -1.98
CA THR A 328 -26.21 10.75 -0.81
C THR A 328 -27.49 11.50 -1.16
N PHE A 329 -28.24 11.87 -0.13
CA PHE A 329 -29.50 12.57 -0.31
C PHE A 329 -29.26 14.08 -0.19
N ILE A 330 -29.53 14.80 -1.29
CA ILE A 330 -29.52 16.26 -1.25
C ILE A 330 -30.88 16.84 -0.90
N SER A 331 -31.93 16.02 -0.97
CA SER A 331 -33.29 16.45 -0.63
C SER A 331 -34.03 15.23 -0.11
N TYR A 332 -35.27 15.43 0.32
CA TYR A 332 -36.06 14.33 0.85
C TYR A 332 -36.41 13.30 -0.22
N ASP A 333 -36.39 13.70 -1.50
CA ASP A 333 -36.71 12.79 -2.59
C ASP A 333 -35.66 12.82 -3.70
N LYS A 334 -34.58 13.57 -3.54
CA LYS A 334 -33.54 13.70 -4.54
C LYS A 334 -32.25 13.04 -4.04
N MET A 335 -31.69 12.17 -4.86
CA MET A 335 -30.44 11.47 -4.54
C MET A 335 -29.45 11.71 -5.67
N VAL A 336 -28.22 12.07 -5.31
CA VAL A 336 -27.15 12.25 -6.28
C VAL A 336 -26.21 11.06 -6.17
N ILE A 337 -25.93 10.42 -7.30
CA ILE A 337 -25.16 9.18 -7.36
C ILE A 337 -23.91 9.41 -8.18
N SER A 338 -22.76 9.02 -7.63
CA SER A 338 -21.49 9.05 -8.34
C SER A 338 -21.14 7.64 -8.76
N LEU A 339 -21.28 7.35 -10.05
CA LEU A 339 -21.02 6.02 -10.56
C LEU A 339 -19.52 5.76 -10.66
N LYS A 340 -19.16 4.49 -10.84
CA LYS A 340 -17.82 4.16 -11.26
C LYS A 340 -17.59 4.72 -12.66
N GLY A 341 -16.39 5.25 -12.89
CA GLY A 341 -16.14 6.03 -14.08
C GLY A 341 -16.38 7.53 -13.91
N GLY A 342 -16.95 7.94 -12.78
CA GLY A 342 -17.10 9.35 -12.46
C GLY A 342 -18.39 10.00 -12.86
N GLU A 343 -19.28 9.29 -13.56
CA GLU A 343 -20.54 9.89 -13.98
C GLU A 343 -21.40 10.22 -12.78
N ILE A 344 -22.05 11.38 -12.82
CA ILE A 344 -22.91 11.86 -11.75
C ILE A 344 -24.35 11.86 -12.24
N TYR A 345 -25.22 11.20 -11.47
CA TYR A 345 -26.64 11.15 -11.76
C TYR A 345 -27.42 11.70 -10.57
N VAL A 346 -28.52 12.37 -10.86
CA VAL A 346 -29.47 12.81 -9.84
C VAL A 346 -30.69 11.91 -9.94
N LEU A 347 -31.01 11.22 -8.85
CA LEU A 347 -32.12 10.29 -8.78
C LEU A 347 -33.29 10.94 -8.06
N THR A 348 -34.46 10.88 -8.67
CA THR A 348 -35.68 11.43 -8.11
C THR A 348 -36.64 10.30 -7.76
N LEU A 349 -37.15 10.31 -6.53
CA LEU A 349 -38.19 9.38 -6.11
C LEU A 349 -39.53 9.98 -6.45
N ILE A 350 -40.13 9.53 -7.54
CA ILE A 350 -41.44 10.03 -7.94
C ILE A 350 -42.50 9.44 -7.01
N THR A 351 -43.30 10.32 -6.41
CA THR A 351 -44.19 9.92 -5.33
C THR A 351 -45.57 10.51 -5.56
N ASP A 352 -46.61 9.71 -5.30
CA ASP A 352 -47.98 10.16 -5.40
C ASP A 352 -48.40 10.84 -4.10
N GLY A 353 -49.70 11.09 -3.94
CA GLY A 353 -50.20 11.75 -2.74
C GLY A 353 -50.11 10.91 -1.49
N MET A 354 -50.05 9.59 -1.63
CA MET A 354 -49.98 8.68 -0.49
C MET A 354 -48.58 8.58 0.10
N ARG A 355 -47.65 9.44 -0.32
CA ARG A 355 -46.27 9.43 0.14
C ARG A 355 -45.58 8.10 -0.12
N SER A 356 -45.98 7.42 -1.18
CA SER A 356 -45.38 6.15 -1.58
C SER A 356 -44.66 6.32 -2.91
N VAL A 357 -43.42 5.83 -2.97
CA VAL A 357 -42.63 5.94 -4.19
C VAL A 357 -43.26 5.08 -5.27
N ARG A 358 -43.58 5.69 -6.42
CA ARG A 358 -44.18 4.97 -7.52
C ARG A 358 -43.30 4.87 -8.75
N ALA A 359 -42.25 5.69 -8.86
CA ALA A 359 -41.41 5.69 -10.04
C ALA A 359 -40.05 6.27 -9.69
N PHE A 360 -39.09 6.05 -10.56
CA PHE A 360 -37.75 6.63 -10.48
C PHE A 360 -37.53 7.56 -11.66
N HIS A 361 -36.69 8.56 -11.46
CA HIS A 361 -36.24 9.43 -12.54
C HIS A 361 -34.74 9.62 -12.42
N PHE A 362 -34.04 9.39 -13.53
CA PHE A 362 -32.59 9.54 -13.59
C PHE A 362 -32.23 10.72 -14.48
N ASP A 363 -31.32 11.56 -14.00
CA ASP A 363 -30.82 12.70 -14.76
C ASP A 363 -29.31 12.60 -14.86
N LYS A 364 -28.82 12.42 -16.08
CA LYS A 364 -27.38 12.35 -16.32
C LYS A 364 -26.78 13.74 -16.18
N ALA A 365 -26.14 14.00 -15.05
CA ALA A 365 -25.49 15.28 -14.79
C ALA A 365 -24.03 15.21 -15.26
N ALA A 366 -23.21 16.12 -14.76
CA ALA A 366 -21.83 16.22 -15.20
C ALA A 366 -21.04 14.95 -14.88
N ALA A 367 -19.82 14.89 -15.39
CA ALA A 367 -18.85 13.87 -15.02
C ALA A 367 -17.84 14.48 -14.07
N SER A 368 -17.33 13.68 -13.14
CA SER A 368 -16.46 14.20 -12.10
C SER A 368 -15.46 13.13 -11.71
N VAL A 369 -14.81 13.31 -10.56
CA VAL A 369 -13.72 12.45 -10.13
C VAL A 369 -14.26 11.09 -9.67
N LEU A 370 -13.39 10.09 -9.71
CA LEU A 370 -13.68 8.80 -9.10
C LEU A 370 -13.73 8.96 -7.58
N THR A 371 -14.85 8.61 -6.97
CA THR A 371 -15.13 8.96 -5.59
C THR A 371 -15.07 7.74 -4.68
N THR A 372 -14.52 7.92 -3.49
CA THR A 372 -14.63 6.96 -2.41
C THR A 372 -15.62 7.40 -1.34
N SER A 373 -16.09 8.64 -1.40
CA SER A 373 -16.96 9.20 -0.38
C SER A 373 -17.78 10.31 -1.00
N MET A 374 -18.88 10.66 -0.34
CA MET A 374 -19.82 11.65 -0.87
C MET A 374 -20.64 12.19 0.29
N VAL A 375 -20.64 13.50 0.48
CA VAL A 375 -21.39 14.14 1.55
C VAL A 375 -21.95 15.45 1.05
N THR A 376 -23.12 15.82 1.58
CA THR A 376 -23.77 17.08 1.25
C THR A 376 -23.43 18.11 2.33
N MET A 377 -22.83 19.22 1.91
CA MET A 377 -22.57 20.36 2.77
C MET A 377 -23.81 21.26 2.77
N GLU A 378 -23.65 22.52 3.19
CA GLU A 378 -24.72 23.51 3.09
C GLU A 378 -25.44 23.40 1.76
N PRO A 379 -26.76 23.60 1.72
CA PRO A 379 -27.52 23.28 0.51
C PRO A 379 -26.96 24.01 -0.72
N GLY A 380 -26.88 23.27 -1.82
CA GLY A 380 -26.23 23.73 -3.02
C GLY A 380 -24.78 23.34 -3.15
N TYR A 381 -24.17 22.75 -2.10
CA TYR A 381 -22.78 22.35 -2.11
C TYR A 381 -22.65 20.87 -1.84
N LEU A 382 -21.78 20.21 -2.60
CA LEU A 382 -21.57 18.78 -2.51
C LEU A 382 -20.08 18.49 -2.56
N PHE A 383 -19.60 17.67 -1.64
CA PHE A 383 -18.18 17.30 -1.59
C PHE A 383 -18.00 15.87 -2.08
N LEU A 384 -17.03 15.67 -2.96
CA LEU A 384 -16.68 14.36 -3.49
C LEU A 384 -15.29 13.99 -2.99
N GLY A 385 -15.23 13.07 -2.03
CA GLY A 385 -13.95 12.57 -1.56
C GLY A 385 -13.39 11.52 -2.50
N SER A 386 -12.07 11.49 -2.63
CA SER A 386 -11.44 10.65 -3.64
C SER A 386 -10.10 10.15 -3.16
N ARG A 387 -9.82 8.87 -3.47
CA ARG A 387 -8.48 8.31 -3.35
C ARG A 387 -7.74 8.29 -4.68
N LEU A 388 -8.47 8.25 -5.78
CA LEU A 388 -7.90 8.15 -7.13
C LEU A 388 -8.22 9.45 -7.85
N GLY A 389 -7.37 10.45 -7.65
CA GLY A 389 -7.60 11.78 -8.17
C GLY A 389 -7.87 12.78 -7.05
N ASN A 390 -7.98 14.04 -7.45
CA ASN A 390 -8.18 15.13 -6.51
C ASN A 390 -9.63 15.16 -6.06
N SER A 391 -9.84 15.13 -4.74
CA SER A 391 -11.18 15.30 -4.19
C SER A 391 -11.60 16.76 -4.33
N LEU A 392 -12.81 16.98 -4.83
CA LEU A 392 -13.24 18.31 -5.22
C LEU A 392 -14.59 18.67 -4.62
N LEU A 393 -14.79 19.96 -4.43
CA LEU A 393 -16.06 20.51 -3.94
C LEU A 393 -16.88 20.99 -5.12
N LEU A 394 -18.15 20.58 -5.15
CA LEU A 394 -19.05 20.92 -6.25
C LEU A 394 -20.18 21.80 -5.75
N LYS A 395 -20.66 22.67 -6.62
CA LYS A 395 -21.85 23.48 -6.37
C LYS A 395 -22.89 23.13 -7.43
N TYR A 396 -24.08 22.75 -6.99
CA TYR A 396 -25.16 22.40 -7.91
C TYR A 396 -26.27 23.44 -7.81
N THR A 397 -26.78 23.84 -8.97
CA THR A 397 -27.86 24.81 -9.07
C THR A 397 -28.95 24.24 -9.95
N GLU A 398 -30.20 24.41 -9.51
CA GLU A 398 -31.33 24.03 -10.35
C GLU A 398 -31.46 25.00 -11.51
N LYS A 399 -31.60 24.46 -12.72
CA LYS A 399 -31.68 25.26 -13.92
C LYS A 399 -33.10 25.27 -14.48
N LEU A 400 -33.44 26.36 -15.16
CA LEU A 400 -34.78 26.56 -15.69
C LEU A 400 -35.14 25.53 -16.75
N ALA A 459 -35.95 20.39 -10.99
CA ALA A 459 -36.09 19.04 -11.51
C ALA A 459 -34.77 18.53 -12.08
N THR A 460 -33.97 19.45 -12.63
CA THR A 460 -32.69 19.12 -13.22
C THR A 460 -31.63 20.07 -12.67
N TYR A 461 -30.43 19.55 -12.44
CA TYR A 461 -29.36 20.29 -11.79
C TYR A 461 -28.12 20.31 -12.67
N SER A 462 -27.32 21.36 -12.51
CA SER A 462 -26.03 21.49 -13.17
C SER A 462 -24.94 21.67 -12.10
N PHE A 463 -23.82 20.99 -12.30
CA PHE A 463 -22.75 20.95 -11.31
C PHE A 463 -21.52 21.66 -11.85
N GLU A 464 -20.84 22.40 -10.97
CA GLU A 464 -19.61 23.08 -11.30
C GLU A 464 -18.59 22.83 -10.20
N VAL A 465 -17.32 22.89 -10.57
CA VAL A 465 -16.22 22.67 -9.63
C VAL A 465 -15.86 24.00 -8.97
N CYS A 466 -15.82 24.01 -7.64
CA CYS A 466 -15.44 25.20 -6.89
C CYS A 466 -14.07 25.11 -6.25
N ASP A 467 -13.64 23.93 -5.84
CA ASP A 467 -12.35 23.75 -5.20
C ASP A 467 -11.93 22.30 -5.36
N SER A 468 -10.64 22.05 -5.18
CA SER A 468 -10.11 20.70 -5.23
C SER A 468 -8.98 20.57 -4.23
N ILE A 469 -8.76 19.34 -3.76
CA ILE A 469 -7.71 19.04 -2.80
C ILE A 469 -6.68 18.16 -3.50
N LEU A 470 -5.43 18.61 -3.49
CA LEU A 470 -4.37 17.88 -4.19
C LEU A 470 -4.18 16.50 -3.58
N ASN A 471 -4.16 15.49 -4.45
CA ASN A 471 -4.00 14.10 -4.02
C ASN A 471 -2.99 13.42 -4.93
N ILE A 472 -1.80 13.17 -4.40
CA ILE A 472 -0.90 12.20 -5.02
C ILE A 472 -1.57 10.84 -4.81
N GLY A 473 -2.07 10.25 -5.88
CA GLY A 473 -2.95 9.10 -5.77
C GLY A 473 -2.22 7.86 -5.30
N PRO A 474 -2.74 6.69 -5.64
CA PRO A 474 -2.00 5.46 -5.36
C PRO A 474 -0.69 5.45 -6.12
N CYS A 475 0.42 5.53 -5.40
CA CYS A 475 1.74 5.63 -6.00
C CYS A 475 2.14 4.25 -6.51
N ALA A 476 1.74 3.96 -7.76
CA ALA A 476 2.00 2.65 -8.33
C ALA A 476 3.48 2.45 -8.63
N ASN A 477 4.12 3.45 -9.23
CA ASN A 477 5.50 3.35 -9.66
C ASN A 477 6.15 4.72 -9.52
N ALA A 478 7.45 4.73 -9.29
CA ALA A 478 8.20 5.97 -9.13
C ALA A 478 9.52 5.88 -9.86
N ALA A 479 10.01 7.03 -10.30
CA ALA A 479 11.29 7.12 -10.98
C ALA A 479 12.04 8.34 -10.47
N VAL A 480 13.34 8.18 -10.25
CA VAL A 480 14.22 9.29 -9.89
C VAL A 480 14.91 9.77 -11.15
N GLY A 481 14.84 11.08 -11.40
CA GLY A 481 15.48 11.67 -12.56
C GLY A 481 16.13 12.99 -12.20
N GLU A 482 16.82 13.55 -13.18
CA GLU A 482 17.48 14.83 -13.02
C GLU A 482 16.54 15.95 -13.46
N PRO A 483 16.38 16.99 -12.64
CA PRO A 483 15.57 18.14 -13.08
C PRO A 483 16.15 18.78 -14.34
N ALA A 484 15.26 19.24 -15.21
CA ALA A 484 15.69 19.76 -16.51
C ALA A 484 16.55 21.01 -16.35
N PHE A 485 16.17 21.91 -15.45
CA PHE A 485 16.85 23.18 -15.30
C PHE A 485 17.37 23.35 -13.87
N LEU A 486 18.62 23.76 -13.75
CA LEU A 486 19.22 24.18 -12.49
C LEU A 486 20.12 25.37 -12.80
N SER A 487 20.12 26.36 -11.90
CA SER A 487 20.95 27.54 -12.10
C SER A 487 22.42 27.15 -12.11
N GLU A 488 23.20 27.85 -12.94
CA GLU A 488 24.62 27.53 -13.08
C GLU A 488 25.40 27.77 -11.79
N GLU A 489 24.84 28.54 -10.86
CA GLU A 489 25.49 28.75 -9.58
C GLU A 489 25.41 27.53 -8.68
N PHE A 490 24.54 26.57 -9.01
CA PHE A 490 24.35 25.37 -8.20
C PHE A 490 24.90 24.11 -8.86
N GLN A 491 25.63 24.25 -9.97
CA GLN A 491 26.11 23.07 -10.69
C GLN A 491 27.28 22.37 -9.98
N ASN A 492 27.98 23.07 -9.09
CA ASN A 492 29.14 22.51 -8.42
C ASN A 492 28.80 21.91 -7.06
N SER A 493 27.52 21.77 -6.74
CA SER A 493 27.14 21.18 -5.47
C SER A 493 27.54 19.71 -5.42
N PRO A 494 28.17 19.26 -4.34
CA PRO A 494 28.55 17.85 -4.25
C PRO A 494 27.37 16.90 -4.21
N GLU A 495 26.25 17.32 -3.62
CA GLU A 495 25.08 16.46 -3.57
C GLU A 495 24.36 16.43 -4.92
N PRO A 496 23.78 15.29 -5.28
CA PRO A 496 23.03 15.22 -6.54
C PRO A 496 21.75 16.03 -6.48
N ASP A 497 21.31 16.48 -7.66
CA ASP A 497 20.07 17.24 -7.82
C ASP A 497 19.05 16.28 -8.42
N LEU A 498 18.03 15.92 -7.64
CA LEU A 498 17.12 14.85 -8.00
C LEU A 498 15.68 15.28 -7.82
N GLU A 499 14.80 14.62 -8.57
CA GLU A 499 13.35 14.79 -8.44
C GLU A 499 12.70 13.43 -8.60
N ILE A 500 11.46 13.33 -8.15
CA ILE A 500 10.71 12.08 -8.17
C ILE A 500 9.50 12.24 -9.08
N VAL A 501 9.34 11.30 -10.02
CA VAL A 501 8.18 11.24 -10.89
C VAL A 501 7.41 9.98 -10.54
N VAL A 502 6.14 10.14 -10.19
CA VAL A 502 5.33 9.05 -9.65
C VAL A 502 4.09 8.89 -10.52
N CYS A 503 3.75 7.63 -10.83
CA CYS A 503 2.48 7.29 -11.45
C CYS A 503 1.40 7.35 -10.37
N SER A 504 0.46 8.28 -10.51
CA SER A 504 -0.56 8.50 -9.50
C SER A 504 -1.94 8.49 -10.15
N GLY A 505 -2.96 8.37 -9.30
CA GLY A 505 -4.33 8.33 -9.76
C GLY A 505 -4.71 7.01 -10.40
N HIS A 506 -5.84 7.03 -11.11
CA HIS A 506 -6.29 5.86 -11.84
C HIS A 506 -7.33 6.27 -12.87
N GLY A 507 -7.24 5.68 -14.06
CA GLY A 507 -8.28 5.88 -15.06
C GLY A 507 -8.30 7.31 -15.57
N LYS A 508 -9.49 7.90 -15.60
CA LYS A 508 -9.64 9.28 -16.05
C LYS A 508 -8.87 10.25 -15.17
N ASN A 509 -8.55 9.87 -13.93
CA ASN A 509 -7.80 10.71 -13.02
C ASN A 509 -6.33 10.30 -12.94
N GLY A 510 -5.86 9.47 -13.86
CA GLY A 510 -4.46 9.08 -13.85
C GLY A 510 -3.57 10.24 -14.26
N ALA A 511 -2.40 10.33 -13.61
CA ALA A 511 -1.53 11.48 -13.80
C ALA A 511 -0.12 11.10 -13.41
N LEU A 512 0.81 12.03 -13.68
CA LEU A 512 2.18 11.95 -13.22
C LEU A 512 2.42 13.08 -12.24
N SER A 513 3.01 12.76 -11.09
CA SER A 513 3.31 13.74 -10.06
C SER A 513 4.82 13.95 -10.01
N VAL A 514 5.27 15.16 -10.30
CA VAL A 514 6.66 15.53 -10.20
C VAL A 514 6.86 16.14 -8.82
N LEU A 515 7.66 15.48 -7.98
CA LEU A 515 7.79 15.83 -6.57
C LEU A 515 9.22 16.25 -6.27
N GLN A 516 9.36 17.43 -5.66
CA GLN A 516 10.64 17.91 -5.16
C GLN A 516 10.46 18.29 -3.70
N LYS A 517 11.37 17.83 -2.85
CA LYS A 517 11.25 18.12 -1.42
C LYS A 517 11.62 19.55 -1.11
N SER A 518 12.69 20.07 -1.72
CA SER A 518 13.21 21.39 -1.43
C SER A 518 12.89 22.36 -2.56
N ILE A 519 13.25 23.62 -2.35
CA ILE A 519 13.01 24.69 -3.29
C ILE A 519 14.35 25.11 -3.90
N ARG A 520 14.40 25.16 -5.22
CA ARG A 520 15.60 25.61 -5.93
C ARG A 520 15.32 26.94 -6.59
N PRO A 521 15.88 28.04 -6.09
CA PRO A 521 15.62 29.35 -6.72
C PRO A 521 16.24 29.46 -8.10
N GLN A 522 15.56 30.18 -8.98
CA GLN A 522 16.06 30.48 -10.32
C GLN A 522 16.83 31.80 -10.25
N VAL A 523 18.14 31.70 -10.14
CA VAL A 523 18.98 32.89 -10.04
C VAL A 523 19.10 33.54 -11.41
N VAL A 524 18.79 34.83 -11.48
CA VAL A 524 18.93 35.60 -12.71
C VAL A 524 20.01 36.67 -12.62
N THR A 525 20.52 36.95 -11.43
CA THR A 525 21.58 37.93 -11.25
C THR A 525 22.25 37.70 -9.90
N THR A 526 23.58 37.63 -9.90
CA THR A 526 24.35 37.45 -8.67
C THR A 526 25.30 38.63 -8.51
N PHE A 527 25.28 39.24 -7.31
CA PHE A 527 26.15 40.35 -6.98
C PHE A 527 27.11 39.94 -5.88
N GLU A 528 28.41 40.13 -6.11
CA GLU A 528 29.42 39.87 -5.09
C GLU A 528 29.59 41.14 -4.27
N LEU A 529 29.01 41.15 -3.08
CA LEU A 529 29.00 42.33 -2.20
C LEU A 529 29.51 41.91 -0.84
N PRO A 530 30.83 41.85 -0.65
CA PRO A 530 31.37 41.49 0.66
C PRO A 530 31.14 42.59 1.68
N GLY A 531 31.11 42.18 2.94
CA GLY A 531 30.96 43.11 4.06
C GLY A 531 29.56 43.34 4.58
N CYS A 532 28.61 43.60 3.70
CA CYS A 532 27.24 43.85 4.12
C CYS A 532 26.60 42.56 4.63
N TYR A 533 26.01 42.64 5.81
CA TYR A 533 25.44 41.48 6.48
C TYR A 533 23.93 41.46 6.53
N ASP A 534 23.28 42.62 6.54
CA ASP A 534 21.83 42.71 6.59
C ASP A 534 21.35 43.61 5.45
N MET A 535 20.09 43.40 5.06
CA MET A 535 19.55 44.15 3.94
C MET A 535 18.03 44.24 4.07
N TRP A 536 17.47 45.25 3.41
CA TRP A 536 16.03 45.47 3.38
C TRP A 536 15.63 45.99 2.01
N THR A 537 14.43 45.65 1.58
CA THR A 537 13.84 46.18 0.35
C THR A 537 12.61 47.00 0.71
N VAL A 538 12.50 48.20 0.13
CA VAL A 538 11.39 49.10 0.40
C VAL A 538 10.72 49.45 -0.92
N ILE A 539 9.45 49.82 -0.82
CA ILE A 539 8.64 50.21 -1.97
C ILE A 539 8.68 51.73 -2.11
N ALA A 540 8.96 52.21 -3.31
CA ALA A 540 9.04 53.63 -3.58
C ALA A 540 7.99 54.03 -4.61
N PRO A 541 7.48 55.27 -4.54
CA PRO A 541 6.49 55.76 -5.49
C PRO A 541 7.13 56.21 -6.82
N ARG A 570 3.21 47.78 -7.20
CA ARG A 570 3.94 47.84 -5.94
C ARG A 570 5.38 47.35 -6.11
N ARG A 571 6.12 48.01 -6.99
CA ARG A 571 7.51 47.68 -7.21
C ARG A 571 8.37 48.12 -6.03
N HIS A 572 9.58 47.59 -5.97
CA HIS A 572 10.55 47.98 -4.96
C HIS A 572 11.52 49.01 -5.54
N GLY A 573 11.68 50.12 -4.84
CA GLY A 573 12.48 51.22 -5.34
C GLY A 573 13.91 51.24 -4.89
N PHE A 574 14.16 50.84 -3.63
CA PHE A 574 15.49 50.90 -3.06
C PHE A 574 15.83 49.58 -2.38
N LEU A 575 17.13 49.28 -2.37
CA LEU A 575 17.68 48.14 -1.65
C LEU A 575 18.71 48.68 -0.66
N ILE A 576 18.38 48.64 0.61
CA ILE A 576 19.23 49.15 1.67
C ILE A 576 20.02 47.98 2.25
N LEU A 577 21.35 48.08 2.22
CA LEU A 577 22.23 47.07 2.78
C LEU A 577 23.13 47.72 3.81
N SER A 578 23.38 47.01 4.91
CA SER A 578 24.13 47.53 6.05
C SER A 578 25.44 46.77 6.20
N ARG A 579 26.54 47.51 6.33
CA ARG A 579 27.84 46.95 6.62
C ARG A 579 28.19 47.20 8.08
N GLU A 580 29.42 46.80 8.47
CA GLU A 580 29.86 47.03 9.83
C GLU A 580 30.05 48.51 10.14
N ASP A 581 30.31 49.33 9.11
CA ASP A 581 30.56 50.75 9.32
C ASP A 581 29.82 51.66 8.35
N SER A 582 29.11 51.13 7.35
CA SER A 582 28.48 51.97 6.35
C SER A 582 27.22 51.30 5.84
N THR A 583 26.38 52.07 5.18
CA THR A 583 25.14 51.60 4.58
C THR A 583 25.16 51.88 3.09
N MET A 584 24.91 50.84 2.29
CA MET A 584 24.90 50.95 0.84
C MET A 584 23.47 50.91 0.33
N ILE A 585 23.10 51.91 -0.45
CA ILE A 585 21.75 52.06 -0.98
C ILE A 585 21.78 51.82 -2.49
N LEU A 586 20.96 50.90 -2.95
CA LEU A 586 20.86 50.55 -4.36
C LEU A 586 19.49 50.96 -4.89
N GLN A 587 19.47 51.75 -5.96
CA GLN A 587 18.24 52.14 -6.62
C GLN A 587 17.85 51.06 -7.61
N THR A 588 16.68 50.45 -7.41
CA THR A 588 16.25 49.28 -8.16
C THR A 588 15.15 49.69 -9.13
N GLY A 589 15.53 49.97 -10.37
CA GLY A 589 14.58 50.29 -11.41
C GLY A 589 14.73 49.37 -12.61
N GLN A 590 14.92 49.96 -13.80
CA GLN A 590 15.22 49.14 -14.98
C GLN A 590 16.57 48.44 -14.83
N GLU A 591 17.49 49.03 -14.08
CA GLU A 591 18.78 48.40 -13.78
C GLU A 591 19.19 48.82 -12.38
N ILE A 592 19.80 47.89 -11.65
CA ILE A 592 20.18 48.14 -10.26
C ILE A 592 21.51 48.86 -10.23
N MET A 593 21.51 50.09 -9.72
CA MET A 593 22.71 50.90 -9.64
C MET A 593 22.76 51.59 -8.29
N GLU A 594 23.97 51.69 -7.72
CA GLU A 594 24.14 52.29 -6.41
C GLU A 594 23.75 53.76 -6.43
N LEU A 595 23.10 54.21 -5.36
CA LEU A 595 22.60 55.58 -5.23
C LEU A 595 23.47 56.30 -4.21
N ASP A 596 24.40 57.13 -4.72
CA ASP A 596 25.35 57.85 -3.89
C ASP A 596 24.87 59.25 -3.50
N THR A 597 23.66 59.64 -3.87
CA THR A 597 23.15 60.96 -3.57
C THR A 597 22.72 61.03 -2.09
N SER A 598 22.05 62.11 -1.72
CA SER A 598 21.66 62.34 -0.33
C SER A 598 20.43 61.51 0.02
N GLY A 599 19.83 61.79 1.17
CA GLY A 599 18.69 61.03 1.62
C GLY A 599 19.02 60.05 2.72
N PHE A 600 19.12 58.77 2.35
CA PHE A 600 19.46 57.74 3.33
C PHE A 600 20.83 57.98 3.93
N ALA A 601 20.97 57.71 5.22
CA ALA A 601 22.26 57.80 5.88
C ALA A 601 23.17 56.68 5.41
N THR A 602 24.44 57.01 5.17
CA THR A 602 25.41 56.04 4.70
C THR A 602 26.65 55.93 5.58
N GLN A 603 26.83 56.82 6.55
CA GLN A 603 28.04 56.82 7.36
C GLN A 603 28.05 55.76 8.46
N GLY A 604 26.93 55.07 8.68
CA GLY A 604 26.85 54.07 9.71
C GLY A 604 25.96 52.91 9.32
N PRO A 605 25.92 51.88 10.16
CA PRO A 605 25.04 50.75 9.90
C PRO A 605 23.57 51.11 10.10
N THR A 606 22.71 50.34 9.46
CA THR A 606 21.26 50.53 9.56
C THR A 606 20.68 49.43 10.44
N VAL A 607 19.81 49.82 11.38
CA VAL A 607 19.15 48.84 12.23
C VAL A 607 17.94 48.24 11.50
N PHE A 608 17.12 49.09 10.90
CA PHE A 608 15.93 48.61 10.20
C PHE A 608 15.51 49.65 9.16
N ALA A 609 15.02 49.17 8.03
CA ALA A 609 14.45 50.01 6.99
C ALA A 609 13.16 49.39 6.49
N GLY A 610 12.14 50.22 6.28
CA GLY A 610 10.87 49.72 5.83
C GLY A 610 9.94 50.85 5.47
N ASN A 611 8.78 50.47 4.91
CA ASN A 611 7.76 51.42 4.52
C ASN A 611 6.83 51.74 5.68
N ILE A 612 6.13 52.87 5.55
CA ILE A 612 5.14 53.29 6.54
C ILE A 612 4.18 54.24 5.84
N GLY A 613 2.98 54.38 6.40
CA GLY A 613 1.97 55.22 5.78
C GLY A 613 1.45 54.70 4.46
N ASP A 614 1.16 53.40 4.37
CA ASP A 614 0.62 52.78 3.16
C ASP A 614 1.58 52.92 1.98
N ASN A 615 2.84 52.54 2.22
CA ASN A 615 3.89 52.53 1.19
C ASN A 615 4.12 53.92 0.60
N ARG A 616 3.83 54.96 1.37
CA ARG A 616 4.06 56.33 0.93
C ARG A 616 5.38 56.91 1.44
N TYR A 617 5.81 56.49 2.63
CA TYR A 617 7.05 56.96 3.21
C TYR A 617 8.01 55.79 3.41
N ILE A 618 9.28 56.14 3.62
CA ILE A 618 10.32 55.17 3.93
C ILE A 618 10.92 55.54 5.27
N VAL A 619 11.01 54.57 6.17
CA VAL A 619 11.54 54.78 7.52
C VAL A 619 12.85 54.04 7.62
N GLN A 620 13.84 54.68 8.25
CA GLN A 620 15.17 54.10 8.41
C GLN A 620 15.64 54.33 9.85
N VAL A 621 16.13 53.27 10.47
CA VAL A 621 16.54 53.31 11.87
C VAL A 621 18.05 53.18 11.93
N SER A 622 18.70 54.13 12.59
CA SER A 622 20.12 54.15 12.84
C SER A 622 20.39 53.87 14.31
N PRO A 623 21.62 53.48 14.66
CA PRO A 623 21.94 53.32 16.09
C PRO A 623 21.83 54.61 16.89
N LEU A 624 21.85 55.76 16.23
CA LEU A 624 21.76 57.05 16.91
C LEU A 624 20.37 57.66 16.88
N GLY A 625 19.53 57.29 15.92
CA GLY A 625 18.21 57.91 15.84
C GLY A 625 17.35 57.24 14.79
N ILE A 626 16.20 57.85 14.56
CA ILE A 626 15.18 57.35 13.63
C ILE A 626 14.94 58.41 12.57
N ARG A 627 14.92 57.99 11.30
CA ARG A 627 14.84 58.90 10.17
C ARG A 627 13.65 58.54 9.29
N LEU A 628 12.93 59.56 8.82
CA LEU A 628 11.81 59.38 7.92
C LEU A 628 12.12 60.02 6.57
N LEU A 629 11.80 59.30 5.50
CA LEU A 629 12.05 59.76 4.14
C LEU A 629 10.80 59.54 3.29
N GLU A 630 10.77 60.23 2.15
CA GLU A 630 9.71 60.11 1.17
C GLU A 630 10.29 59.83 -0.21
N GLY A 631 11.21 58.87 -0.25
CA GLY A 631 11.91 58.55 -1.48
C GLY A 631 13.40 58.75 -1.34
N VAL A 632 13.98 59.60 -2.20
CA VAL A 632 15.40 59.93 -2.10
C VAL A 632 15.66 61.11 -1.19
N ASN A 633 14.61 61.75 -0.67
CA ASN A 633 14.74 62.95 0.16
C ASN A 633 14.38 62.62 1.60
N GLN A 634 15.25 63.04 2.52
CA GLN A 634 14.96 62.88 3.94
C GLN A 634 13.92 63.90 4.37
N LEU A 635 12.89 63.43 5.07
CA LEU A 635 11.82 64.30 5.54
C LEU A 635 12.15 64.94 6.88
N HIS A 636 12.43 64.12 7.88
CA HIS A 636 12.91 64.63 9.17
C HIS A 636 13.64 63.51 9.89
N PHE A 637 14.51 63.90 10.82
CA PHE A 637 15.32 62.96 11.59
C PHE A 637 15.14 63.25 13.07
N ILE A 638 14.87 62.20 13.85
CA ILE A 638 14.66 62.30 15.28
C ILE A 638 15.82 61.58 15.97
N PRO A 639 16.71 62.29 16.67
CA PRO A 639 17.76 61.61 17.42
C PRO A 639 17.17 60.76 18.55
N VAL A 640 17.83 59.64 18.82
CA VAL A 640 17.41 58.74 19.89
C VAL A 640 18.58 58.40 20.79
N ALA A 644 22.50 54.08 25.21
CA ALA A 644 21.53 53.04 24.88
C ALA A 644 21.29 52.98 23.37
N PRO A 645 22.20 52.35 22.64
CA PRO A 645 22.04 52.25 21.18
C PRO A 645 20.84 51.38 20.80
N ILE A 646 20.24 51.73 19.67
CA ILE A 646 19.10 50.97 19.16
C ILE A 646 19.60 49.64 18.61
N VAL A 647 18.93 48.55 18.98
CA VAL A 647 19.31 47.23 18.52
C VAL A 647 18.22 46.53 17.72
N GLN A 648 16.96 46.93 17.85
CA GLN A 648 15.90 46.31 17.08
C GLN A 648 14.76 47.31 16.92
N CYS A 649 14.07 47.24 15.79
CA CYS A 649 12.92 48.08 15.51
C CYS A 649 11.80 47.23 14.92
N ALA A 650 10.59 47.45 15.42
CA ALA A 650 9.38 46.80 14.91
C ALA A 650 8.44 47.88 14.39
N VAL A 651 7.93 47.71 13.18
CA VAL A 651 7.13 48.71 12.50
C VAL A 651 5.78 48.11 12.12
N ALA A 652 4.72 48.79 12.53
CA ALA A 652 3.37 48.55 12.04
C ALA A 652 2.87 49.85 11.41
N ASP A 653 1.59 49.85 11.00
CA ASP A 653 0.99 51.04 10.42
C ASP A 653 -0.03 51.61 11.37
N PRO A 654 0.19 52.82 11.91
CA PRO A 654 1.35 53.69 11.72
C PRO A 654 2.27 53.73 12.94
N TYR A 655 2.58 52.59 13.54
CA TYR A 655 3.34 52.52 14.77
C TYR A 655 4.76 52.02 14.51
N VAL A 656 5.73 52.68 15.14
CA VAL A 656 7.12 52.27 15.09
C VAL A 656 7.60 52.12 16.53
N VAL A 657 8.12 50.94 16.87
CA VAL A 657 8.61 50.65 18.20
C VAL A 657 10.07 50.21 18.09
N ILE A 658 10.94 50.89 18.83
CA ILE A 658 12.37 50.59 18.83
C ILE A 658 12.76 50.17 20.24
N MET A 659 13.76 49.29 20.31
CA MET A 659 14.26 48.77 21.58
C MET A 659 15.77 49.01 21.65
N SER A 660 16.23 49.51 22.79
CA SER A 660 17.64 49.77 23.00
C SER A 660 18.34 48.50 23.47
N ALA A 661 19.67 48.59 23.64
CA ALA A 661 20.44 47.45 24.09
C ALA A 661 20.11 47.05 25.53
N GLU A 662 19.61 47.97 26.34
CA GLU A 662 19.27 47.70 27.73
C GLU A 662 17.78 47.46 27.94
N GLY A 663 17.02 47.27 26.86
CA GLY A 663 15.60 46.97 26.97
C GLY A 663 14.67 48.16 26.96
N HIS A 664 15.20 49.38 26.91
CA HIS A 664 14.34 50.55 26.85
C HIS A 664 13.52 50.56 25.58
N VAL A 665 12.24 50.89 25.70
CA VAL A 665 11.29 50.85 24.60
C VAL A 665 10.64 52.22 24.44
N THR A 666 10.67 52.75 23.23
CA THR A 666 9.95 53.96 22.88
C THR A 666 9.14 53.70 21.61
N MET A 667 8.06 54.45 21.45
CA MET A 667 7.15 54.27 20.33
C MET A 667 6.99 55.58 19.56
N PHE A 668 6.89 55.47 18.24
CA PHE A 668 6.66 56.60 17.36
C PHE A 668 5.40 56.37 16.54
N LEU A 669 4.60 57.42 16.40
CA LEU A 669 3.36 57.36 15.63
C LEU A 669 3.45 58.31 14.45
N LEU A 670 3.05 57.82 13.28
CA LEU A 670 3.05 58.65 12.07
C LEU A 670 1.84 59.57 12.11
N LYS A 671 2.05 60.80 12.56
CA LYS A 671 0.98 61.76 12.76
C LYS A 671 0.91 62.70 11.55
N SER A 672 -0.30 62.87 11.02
CA SER A 672 -0.51 63.74 9.87
C SER A 672 -0.68 65.20 10.30
N HIS A 680 3.46 64.28 6.62
CA HIS A 680 3.36 63.54 7.88
C HIS A 680 4.62 63.71 8.72
N ARG A 681 4.56 63.24 9.96
CA ARG A 681 5.71 63.29 10.86
C ARG A 681 5.60 62.14 11.85
N LEU A 682 6.73 61.83 12.49
CA LEU A 682 6.80 60.79 13.51
C LEU A 682 6.77 61.47 14.88
N ALA A 683 5.74 61.17 15.67
CA ALA A 683 5.57 61.75 16.99
C ALA A 683 5.95 60.74 18.06
N LEU A 684 6.76 61.18 19.02
CA LEU A 684 7.20 60.31 20.10
C LEU A 684 6.09 60.12 21.12
N HIS A 685 5.82 58.87 21.47
CA HIS A 685 4.86 58.51 22.50
C HIS A 685 5.52 57.52 23.45
N LYS A 686 5.83 57.97 24.65
CA LYS A 686 6.50 57.10 25.64
C LYS A 686 5.51 56.07 26.17
N PRO A 687 5.79 54.78 26.01
CA PRO A 687 4.87 53.76 26.51
C PRO A 687 4.98 53.60 28.01
N PRO A 688 3.86 53.46 28.72
CA PRO A 688 3.88 53.21 30.17
C PRO A 688 4.07 51.73 30.51
N LEU A 689 5.31 51.26 30.37
CA LEU A 689 5.65 49.87 30.63
C LEU A 689 6.41 49.77 31.96
N HIS A 690 6.08 48.75 32.74
CA HIS A 690 6.77 48.53 34.00
C HIS A 690 8.18 48.00 33.75
N HIS A 691 9.05 48.23 34.74
CA HIS A 691 10.45 47.85 34.63
C HIS A 691 10.81 46.73 35.61
N GLN A 692 9.84 45.86 35.90
CA GLN A 692 10.12 44.72 36.77
C GLN A 692 11.16 43.79 36.14
N SER A 693 11.03 43.54 34.84
CA SER A 693 12.00 42.75 34.09
C SER A 693 12.27 43.45 32.77
N LYS A 694 13.53 43.41 32.33
CA LYS A 694 13.90 44.10 31.10
C LYS A 694 13.38 43.34 29.87
N VAL A 695 13.01 44.10 28.85
CA VAL A 695 12.51 43.53 27.61
C VAL A 695 13.68 42.99 26.81
N ILE A 696 13.59 41.72 26.40
CA ILE A 696 14.65 41.09 25.63
C ILE A 696 14.40 41.22 24.14
N THR A 697 13.15 41.03 23.71
CA THR A 697 12.79 41.16 22.30
C THR A 697 11.30 41.46 22.22
N LEU A 698 10.87 41.96 21.06
CA LEU A 698 9.47 42.31 20.87
C LEU A 698 9.16 42.31 19.37
N CYS A 699 7.88 42.46 19.07
CA CYS A 699 7.42 42.57 17.69
C CYS A 699 6.10 43.31 17.68
N LEU A 700 5.74 43.81 16.51
CA LEU A 700 4.48 44.52 16.30
C LEU A 700 3.59 43.72 15.36
N TYR A 701 2.31 43.66 15.68
CA TYR A 701 1.35 42.88 14.91
C TYR A 701 0.11 43.71 14.64
N ARG A 702 -0.36 43.68 13.40
CA ARG A 702 -1.56 44.38 12.97
C ARG A 702 -2.59 43.34 12.56
N ASP A 703 -3.62 43.17 13.39
CA ASP A 703 -4.64 42.16 13.15
C ASP A 703 -5.68 42.72 12.19
N LEU A 704 -5.93 42.01 11.09
CA LEU A 704 -6.92 42.42 10.10
C LEU A 704 -8.19 41.58 10.18
N SER A 705 -8.06 40.26 10.09
CA SER A 705 -9.17 39.37 10.40
C SER A 705 -9.14 39.12 11.90
N GLY A 706 -10.08 39.74 12.62
CA GLY A 706 -9.91 39.93 14.04
C GLY A 706 -10.35 38.80 14.94
N MET A 707 -9.40 37.95 15.35
CA MET A 707 -9.58 37.10 16.51
C MET A 707 -8.95 37.70 17.76
N PHE A 708 -8.09 38.70 17.59
CA PHE A 708 -7.56 39.49 18.71
C PHE A 708 -8.61 40.54 19.06
N THR A 709 -9.65 40.07 19.75
CA THR A 709 -10.85 40.88 19.96
C THR A 709 -10.81 41.67 21.26
N THR A 710 -10.70 40.97 22.38
CA THR A 710 -10.77 41.63 23.69
C THR A 710 -9.41 41.68 24.36
N PRO A 781 -9.00 47.45 11.89
CA PRO A 781 -7.71 46.85 12.25
C PRO A 781 -7.23 47.25 13.63
N THR A 782 -6.64 46.29 14.35
CA THR A 782 -6.09 46.52 15.67
C THR A 782 -4.59 46.28 15.65
N HIS A 783 -3.89 46.91 16.59
CA HIS A 783 -2.44 46.84 16.67
C HIS A 783 -2.01 46.33 18.03
N TRP A 784 -1.03 45.45 18.04
CA TRP A 784 -0.58 44.78 19.27
C TRP A 784 0.94 44.72 19.29
N CYS A 785 1.48 44.54 20.48
CA CYS A 785 2.92 44.40 20.69
C CYS A 785 3.18 43.16 21.53
N LEU A 786 3.64 42.09 20.89
CA LEU A 786 4.06 40.90 21.63
C LEU A 786 5.45 41.13 22.19
N LEU A 787 5.59 40.92 23.49
CA LEU A 787 6.78 41.33 24.23
C LEU A 787 7.30 40.16 25.06
N VAL A 788 8.62 40.02 25.09
CA VAL A 788 9.28 38.97 25.87
C VAL A 788 10.26 39.63 26.83
N ARG A 789 10.23 39.21 28.08
CA ARG A 789 11.07 39.79 29.13
C ARG A 789 12.13 38.79 29.57
N GLU A 790 13.08 39.30 30.38
CA GLU A 790 14.24 38.51 30.77
C GLU A 790 13.86 37.35 31.69
N ASN A 791 12.80 37.50 32.48
CA ASN A 791 12.38 36.48 33.42
C ASN A 791 11.55 35.37 32.76
N GLY A 792 11.59 35.26 31.44
CA GLY A 792 10.86 34.22 30.75
C GLY A 792 9.40 34.49 30.53
N THR A 793 8.94 35.70 30.80
CA THR A 793 7.53 36.05 30.70
C THR A 793 7.25 36.70 29.34
N MET A 794 6.24 36.20 28.65
CA MET A 794 5.80 36.76 27.37
C MET A 794 4.51 37.52 27.60
N GLU A 795 4.45 38.76 27.10
CA GLU A 795 3.33 39.64 27.32
C GLU A 795 2.85 40.23 26.00
N ILE A 796 1.55 40.50 25.93
CA ILE A 796 0.92 41.12 24.77
C ILE A 796 0.19 42.37 25.24
N TYR A 797 0.43 43.49 24.57
CA TYR A 797 -0.20 44.76 24.87
C TYR A 797 -0.97 45.26 23.64
N GLN A 798 -2.10 45.90 23.89
CA GLN A 798 -2.78 46.65 22.83
C GLN A 798 -2.02 47.94 22.58
N LEU A 799 -1.80 48.26 21.31
CA LEU A 799 -0.79 49.24 20.92
C LEU A 799 -1.19 50.71 21.08
N PRO A 800 -2.44 51.12 20.75
CA PRO A 800 -2.81 52.52 21.01
C PRO A 800 -2.59 52.90 22.46
N ASP A 801 -3.22 52.15 23.38
CA ASP A 801 -2.89 52.20 24.78
C ASP A 801 -1.64 51.35 25.00
N TRP A 802 -1.35 51.00 26.25
CA TRP A 802 -0.33 49.99 26.55
C TRP A 802 -0.79 49.10 27.69
N ARG A 803 -2.05 48.68 27.65
CA ARG A 803 -2.61 47.83 28.69
C ARG A 803 -2.37 46.37 28.38
N LEU A 804 -2.03 45.61 29.42
CA LEU A 804 -1.74 44.18 29.25
C LEU A 804 -3.02 43.41 28.98
N VAL A 805 -2.95 42.48 28.01
CA VAL A 805 -4.09 41.64 27.66
C VAL A 805 -3.72 40.16 27.59
N PHE A 806 -2.47 39.79 27.84
CA PHE A 806 -2.05 38.40 27.74
C PHE A 806 -0.72 38.24 28.46
N LEU A 807 -0.55 37.11 29.15
CA LEU A 807 0.67 36.87 29.91
C LEU A 807 0.95 35.37 29.94
N VAL A 808 2.20 35.01 29.71
CA VAL A 808 2.69 33.64 29.86
C VAL A 808 3.92 33.69 30.75
N LYS A 809 3.97 32.83 31.77
CA LYS A 809 5.01 32.92 32.78
C LYS A 809 6.28 32.16 32.43
N ASN A 810 6.19 31.07 31.65
CA ASN A 810 7.36 30.31 31.20
C ASN A 810 7.25 30.15 29.69
N PHE A 811 7.70 31.17 28.97
CA PHE A 811 7.66 31.19 27.51
C PHE A 811 8.80 30.41 26.86
N PRO A 812 10.07 30.61 27.26
CA PRO A 812 11.17 29.94 26.55
C PRO A 812 11.13 28.42 26.64
N VAL A 813 10.41 27.86 27.61
CA VAL A 813 10.38 26.42 27.79
C VAL A 813 9.79 25.73 26.57
N GLY A 814 8.79 26.35 25.95
CA GLY A 814 8.18 25.77 24.76
C GLY A 814 6.97 24.93 25.09
N GLN A 815 6.07 25.47 25.91
CA GLN A 815 4.86 24.75 26.28
C GLN A 815 4.00 24.48 25.05
N ARG A 816 3.34 23.32 25.05
CA ARG A 816 2.57 22.91 23.88
C ARG A 816 1.31 23.76 23.68
N VAL A 817 0.78 24.36 24.73
CA VAL A 817 -0.34 25.30 24.64
C VAL A 817 -0.01 26.50 25.51
N LEU A 818 -0.18 27.70 24.95
CA LEU A 818 0.07 28.95 25.67
C LEU A 818 -1.26 29.49 26.18
N VAL A 819 -1.36 29.67 27.50
CA VAL A 819 -2.58 30.14 28.14
C VAL A 819 -2.28 31.45 28.87
N ASP A 820 -3.33 32.22 29.09
CA ASP A 820 -3.20 33.53 29.72
C ASP A 820 -2.88 33.38 31.20
N SER A 821 -2.01 34.26 31.69
CA SER A 821 -1.58 34.28 33.09
C SER A 821 -1.09 32.92 33.56
N PRO A 844 15.63 28.91 27.64
CA PRO A 844 15.95 30.31 27.90
C PRO A 844 16.59 31.00 26.70
N LEU A 845 16.87 32.30 26.84
CA LEU A 845 17.49 33.10 25.80
C LEU A 845 16.64 33.13 24.53
N VAL A 846 15.47 33.76 24.67
CA VAL A 846 14.66 34.07 23.49
C VAL A 846 15.38 35.12 22.66
N LYS A 847 15.57 34.83 21.37
CA LYS A 847 16.35 35.67 20.49
C LYS A 847 15.50 36.50 19.53
N GLU A 848 14.39 35.96 19.05
CA GLU A 848 13.53 36.70 18.13
C GLU A 848 12.12 36.13 18.17
N VAL A 849 11.14 37.01 18.10
CA VAL A 849 9.74 36.63 17.97
C VAL A 849 9.15 37.38 16.77
N LEU A 850 8.27 36.71 16.04
CA LEU A 850 7.55 37.33 14.93
C LEU A 850 6.10 36.84 14.96
N LEU A 851 5.18 37.75 15.23
CA LEU A 851 3.76 37.48 15.16
C LEU A 851 3.24 38.02 13.83
N VAL A 852 2.65 37.16 13.01
CA VAL A 852 2.22 37.53 11.67
C VAL A 852 1.00 36.72 11.30
N ALA A 853 0.11 37.34 10.52
CA ALA A 853 -1.12 36.71 10.08
C ALA A 853 -0.99 36.24 8.63
N LEU A 854 -1.41 35.00 8.38
CA LEU A 854 -1.29 34.41 7.06
C LEU A 854 -2.64 33.88 6.59
N GLY A 855 -2.63 33.12 5.49
CA GLY A 855 -3.86 32.58 4.96
C GLY A 855 -4.62 33.59 4.12
N SER A 856 -5.91 33.31 3.94
CA SER A 856 -6.76 34.18 3.14
C SER A 856 -7.16 35.41 3.96
N ARG A 857 -6.91 36.59 3.39
CA ARG A 857 -7.18 37.87 4.06
C ARG A 857 -6.46 37.98 5.40
N GLN A 858 -5.30 37.34 5.51
CA GLN A 858 -4.50 37.37 6.73
C GLN A 858 -5.31 36.96 7.95
N SER A 859 -5.99 35.82 7.84
CA SER A 859 -6.91 35.36 8.87
C SER A 859 -6.30 34.32 9.80
N ARG A 860 -5.05 33.93 9.58
CA ARG A 860 -4.40 32.87 10.36
C ARG A 860 -3.13 33.44 11.01
N PRO A 861 -3.23 33.98 12.23
CA PRO A 861 -2.04 34.49 12.90
C PRO A 861 -1.15 33.37 13.43
N TYR A 862 0.16 33.52 13.21
CA TYR A 862 1.15 32.55 13.66
C TYR A 862 2.23 33.27 14.45
N LEU A 863 2.77 32.57 15.45
CA LEU A 863 3.86 33.08 16.27
C LEU A 863 5.10 32.23 16.05
N LEU A 864 6.20 32.88 15.68
CA LEU A 864 7.49 32.22 15.46
C LEU A 864 8.47 32.70 16.52
N VAL A 865 9.17 31.76 17.15
CA VAL A 865 10.08 32.06 18.25
C VAL A 865 11.43 31.40 17.97
N HIS A 866 12.50 32.11 18.33
CA HIS A 866 13.87 31.59 18.25
C HIS A 866 14.42 31.55 19.67
N VAL A 867 14.58 30.35 20.22
CA VAL A 867 15.02 30.15 21.59
C VAL A 867 16.15 29.13 21.60
N ASP A 868 17.38 29.60 21.82
CA ASP A 868 18.55 28.76 22.05
C ASP A 868 18.64 27.62 21.04
N GLN A 869 18.81 27.99 19.78
CA GLN A 869 18.97 27.04 18.67
C GLN A 869 17.76 26.13 18.53
N GLU A 870 16.58 26.63 18.87
CA GLU A 870 15.34 25.91 18.72
C GLU A 870 14.29 26.82 18.10
N LEU A 871 13.52 26.29 17.16
CA LEU A 871 12.44 27.03 16.52
C LEU A 871 11.10 26.59 17.10
N LEU A 872 10.33 27.56 17.59
CA LEU A 872 8.98 27.32 18.08
C LEU A 872 7.99 27.96 17.13
N ILE A 873 7.00 27.18 16.69
CA ILE A 873 5.93 27.67 15.83
C ILE A 873 4.62 27.51 16.60
N TYR A 874 3.90 28.60 16.79
CA TYR A 874 2.63 28.60 17.51
C TYR A 874 1.52 29.09 16.60
N GLU A 875 0.38 28.40 16.65
CA GLU A 875 -0.82 28.77 15.91
C GLU A 875 -1.83 29.34 16.89
N ALA A 876 -2.38 30.51 16.56
CA ALA A 876 -3.36 31.16 17.41
C ALA A 876 -4.76 30.65 17.08
N PHE A 877 -5.54 30.39 18.13
CA PHE A 877 -6.94 30.01 17.99
C PHE A 877 -7.75 30.75 19.04
N PRO A 878 -8.99 31.10 18.74
CA PRO A 878 -9.81 31.83 19.70
C PRO A 878 -10.19 30.97 20.90
N HIS A 879 -10.33 31.62 22.05
CA HIS A 879 -10.71 30.93 23.27
C HIS A 879 -11.30 31.94 24.24
N ASP A 880 -12.58 31.78 24.56
CA ASP A 880 -13.24 32.64 25.53
C ASP A 880 -13.32 31.94 26.88
N GLY A 886 -11.00 41.75 30.88
CA GLY A 886 -10.90 42.15 29.50
C GLY A 886 -9.60 41.73 28.85
N ASN A 887 -9.28 40.45 28.95
CA ASN A 887 -8.04 39.91 28.40
C ASN A 887 -8.25 39.46 26.95
N LEU A 888 -7.13 39.17 26.29
CA LEU A 888 -7.19 38.72 24.90
C LEU A 888 -7.81 37.32 24.84
N LYS A 889 -8.80 37.15 23.97
CA LYS A 889 -9.54 35.91 23.86
C LYS A 889 -8.90 34.95 22.85
N VAL A 890 -7.59 34.71 23.01
CA VAL A 890 -6.87 33.80 22.13
C VAL A 890 -5.98 32.89 22.98
N ARG A 891 -5.64 31.75 22.39
CA ARG A 891 -4.59 30.88 22.90
C ARG A 891 -3.73 30.43 21.73
N PHE A 892 -2.52 29.96 22.05
CA PHE A 892 -1.56 29.55 21.04
C PHE A 892 -1.25 28.08 21.20
N LYS A 893 -1.26 27.35 20.08
CA LYS A 893 -0.95 25.93 20.07
C LYS A 893 0.37 25.69 19.36
N LYS A 894 1.26 24.93 20.00
CA LYS A 894 2.54 24.60 19.40
C LYS A 894 2.36 23.76 18.15
N VAL A 895 3.07 24.10 17.10
CA VAL A 895 2.99 23.42 15.81
C VAL A 895 4.23 22.54 15.65
N PRO A 896 4.06 21.27 15.30
CA PRO A 896 5.24 20.39 15.13
C PRO A 896 5.97 20.68 13.84
N HIS A 897 7.30 20.56 13.88
CA HIS A 897 8.14 20.77 12.72
C HIS A 897 9.46 20.03 12.93
N ASN A 898 10.21 19.89 11.83
CA ASN A 898 11.52 19.25 11.86
C ASN A 898 12.63 20.23 11.51
N ILE A 899 12.34 21.54 11.53
CA ILE A 899 13.34 22.55 11.23
C ILE A 899 14.32 22.64 12.39
N ASN A 900 15.62 22.65 12.06
CA ASN A 900 16.67 22.59 13.06
C ASN A 900 17.48 23.88 13.00
N PHE A 901 17.59 24.58 14.13
CA PHE A 901 18.44 25.76 14.24
C PHE A 901 19.83 25.41 14.75
N ARG A 902 20.47 24.42 14.11
CA ARG A 902 21.80 23.97 14.53
C ARG A 902 22.73 23.82 13.34
N ARG A 927 22.02 42.43 15.74
CA ARG A 927 20.97 41.42 15.60
C ARG A 927 20.40 41.42 14.19
N VAL A 928 20.50 40.29 13.52
CA VAL A 928 19.97 40.10 12.17
C VAL A 928 18.73 39.23 12.27
N ALA A 929 17.61 39.72 11.75
CA ALA A 929 16.35 38.99 11.86
C ALA A 929 16.42 37.70 11.04
N ARG A 930 16.00 36.61 11.66
CA ARG A 930 15.95 35.31 10.99
C ARG A 930 14.60 35.06 10.34
N PHE A 931 13.54 35.70 10.83
CA PHE A 931 12.20 35.56 10.28
C PHE A 931 11.94 36.69 9.31
N ARG A 932 11.67 36.36 8.06
CA ARG A 932 11.48 37.34 6.98
C ARG A 932 10.09 37.12 6.38
N TYR A 933 9.16 37.98 6.73
CA TYR A 933 7.82 37.92 6.17
C TYR A 933 7.80 38.51 4.76
N PHE A 934 7.05 37.87 3.87
CA PHE A 934 6.81 38.39 2.53
C PHE A 934 5.33 38.30 2.21
N GLU A 935 4.81 39.31 1.54
CA GLU A 935 3.40 39.35 1.19
C GLU A 935 3.11 38.73 -0.17
N ASP A 936 4.06 38.79 -1.10
CA ASP A 936 3.82 38.30 -2.46
C ASP A 936 5.15 37.90 -3.07
N ILE A 937 5.42 36.59 -3.09
CA ILE A 937 6.53 36.01 -3.84
C ILE A 937 5.92 34.94 -4.74
N TYR A 938 5.81 35.24 -6.03
CA TYR A 938 5.14 34.36 -7.00
C TYR A 938 3.69 34.08 -6.56
N GLY A 939 3.05 35.09 -5.96
CA GLY A 939 1.69 34.98 -5.52
C GLY A 939 1.50 34.40 -4.14
N TYR A 940 2.57 33.95 -3.50
CA TYR A 940 2.50 33.33 -2.19
C TYR A 940 2.85 34.34 -1.10
N SER A 941 2.21 34.19 0.05
CA SER A 941 2.54 34.93 1.25
C SER A 941 3.07 33.96 2.30
N GLY A 942 3.97 34.45 3.14
CA GLY A 942 4.54 33.60 4.18
C GLY A 942 5.76 34.24 4.80
N VAL A 943 6.51 33.42 5.52
CA VAL A 943 7.71 33.85 6.23
C VAL A 943 8.87 32.98 5.77
N PHE A 944 10.01 33.60 5.47
CA PHE A 944 11.24 32.87 5.17
C PHE A 944 12.10 32.84 6.43
N ILE A 945 12.62 31.66 6.75
CA ILE A 945 13.43 31.44 7.94
C ILE A 945 14.87 31.27 7.50
N CYS A 946 15.76 32.14 7.99
CA CYS A 946 17.17 32.09 7.66
C CYS A 946 17.88 31.11 8.58
N GLY A 947 19.21 31.04 8.49
CA GLY A 947 19.98 30.20 9.35
C GLY A 947 20.63 29.04 8.63
N PRO A 948 21.16 28.08 9.39
CA PRO A 948 21.81 26.91 8.77
C PRO A 948 20.90 26.10 7.88
N SER A 949 19.60 26.05 8.19
CA SER A 949 18.62 25.30 7.40
C SER A 949 17.52 26.26 6.96
N PRO A 950 17.70 26.94 5.83
CA PRO A 950 16.66 27.84 5.34
C PRO A 950 15.39 27.09 4.96
N HIS A 951 14.25 27.65 5.36
CA HIS A 951 12.95 27.05 5.10
C HIS A 951 11.98 28.12 4.65
N TRP A 952 11.03 27.71 3.82
CA TRP A 952 9.92 28.56 3.39
C TRP A 952 8.68 28.15 4.15
N LEU A 953 8.06 29.10 4.84
CA LEU A 953 6.83 28.89 5.57
C LEU A 953 5.70 29.53 4.77
N LEU A 954 4.85 28.70 4.17
CA LEU A 954 3.81 29.17 3.27
C LEU A 954 2.44 28.77 3.80
N VAL A 955 1.54 29.75 3.90
CA VAL A 955 0.13 29.51 4.19
C VAL A 955 -0.69 30.24 3.13
N THR A 956 -1.63 29.54 2.52
CA THR A 956 -2.44 30.06 1.43
C THR A 956 -3.90 30.03 1.86
N GLY A 957 -4.80 30.28 0.91
CA GLY A 957 -6.23 30.20 1.19
C GLY A 957 -6.69 28.83 1.64
N ARG A 958 -5.91 27.79 1.34
CA ARG A 958 -6.21 26.45 1.85
C ARG A 958 -6.09 26.41 3.37
N GLY A 959 -5.18 27.19 3.94
CA GLY A 959 -4.99 27.23 5.38
C GLY A 959 -4.07 26.18 5.93
N ALA A 960 -3.43 25.38 5.09
CA ALA A 960 -2.48 24.37 5.53
C ALA A 960 -1.08 24.96 5.57
N LEU A 961 -0.34 24.60 6.63
CA LEU A 961 1.03 25.10 6.79
C LEU A 961 1.98 24.27 5.94
N ARG A 962 2.79 24.95 5.14
CA ARG A 962 3.76 24.30 4.26
C ARG A 962 5.16 24.74 4.69
N LEU A 963 6.03 23.77 4.94
CA LEU A 963 7.42 24.03 5.33
C LEU A 963 8.34 23.41 4.28
N HIS A 964 8.82 24.24 3.36
CA HIS A 964 9.68 23.77 2.28
C HIS A 964 11.11 24.20 2.54
N PRO A 965 12.05 23.27 2.66
CA PRO A 965 13.45 23.66 2.88
C PRO A 965 14.08 24.23 1.63
N MET A 966 15.08 25.10 1.83
CA MET A 966 15.95 25.57 0.76
C MET A 966 17.37 25.35 1.23
N ALA A 967 17.88 24.14 1.05
CA ALA A 967 19.20 23.77 1.54
C ALA A 967 20.30 24.00 0.52
N ILE A 968 19.95 24.10 -0.76
CA ILE A 968 20.95 24.42 -1.77
C ILE A 968 21.50 25.82 -1.48
N ASP A 969 22.73 26.06 -1.94
CA ASP A 969 23.47 27.30 -1.71
C ASP A 969 23.84 27.49 -0.24
N GLY A 970 23.61 26.50 0.62
CA GLY A 970 24.00 26.56 2.00
C GLY A 970 23.13 27.46 2.85
N PRO A 971 23.64 27.85 4.02
CA PRO A 971 22.86 28.73 4.90
C PRO A 971 22.65 30.10 4.29
N VAL A 972 21.51 30.70 4.63
CA VAL A 972 21.12 32.03 4.16
C VAL A 972 21.24 32.99 5.33
N ASP A 973 21.95 34.10 5.09
CA ASP A 973 22.16 35.09 6.15
C ASP A 973 21.00 36.08 6.25
N SER A 974 20.59 36.65 5.12
CA SER A 974 19.51 37.61 5.08
C SER A 974 18.62 37.32 3.89
N PHE A 975 17.41 37.88 3.91
CA PHE A 975 16.41 37.60 2.91
C PHE A 975 15.47 38.79 2.80
N ALA A 976 14.96 39.02 1.58
CA ALA A 976 14.03 40.12 1.36
C ALA A 976 13.23 39.87 0.11
N PRO A 977 11.95 40.26 0.08
CA PRO A 977 11.20 40.21 -1.18
C PRO A 977 11.71 41.25 -2.16
N PHE A 978 11.49 40.98 -3.45
CA PHE A 978 12.00 41.87 -4.50
C PHE A 978 11.09 41.78 -5.71
N HIS A 979 10.30 42.82 -5.94
CA HIS A 979 9.45 42.94 -7.12
C HIS A 979 10.11 43.95 -8.07
N ASN A 980 10.58 43.46 -9.21
CA ASN A 980 11.30 44.29 -10.16
C ASN A 980 10.90 43.90 -11.58
N VAL A 981 11.25 44.75 -12.54
CA VAL A 981 10.99 44.42 -13.94
C VAL A 981 11.81 43.22 -14.38
N ASN A 982 13.07 43.14 -13.94
CA ASN A 982 13.91 41.99 -14.23
C ASN A 982 13.68 40.84 -13.27
N CYS A 983 13.00 41.07 -12.15
CA CYS A 983 12.72 40.04 -11.15
C CYS A 983 11.25 40.12 -10.77
N PRO A 984 10.36 39.64 -11.62
CA PRO A 984 8.92 39.75 -11.33
C PRO A 984 8.49 38.90 -10.15
N ARG A 985 8.09 39.56 -9.06
CA ARG A 985 7.65 38.90 -7.84
C ARG A 985 8.68 37.89 -7.34
N GLY A 986 9.92 38.35 -7.24
CA GLY A 986 11.01 37.50 -6.80
C GLY A 986 11.46 37.80 -5.38
N PHE A 987 12.74 37.54 -5.10
CA PHE A 987 13.27 37.73 -3.75
C PHE A 987 14.78 37.90 -3.83
N LEU A 988 15.35 38.34 -2.72
CA LEU A 988 16.79 38.53 -2.56
C LEU A 988 17.26 37.76 -1.34
N TYR A 989 18.45 37.17 -1.43
CA TYR A 989 19.04 36.53 -0.27
C TYR A 989 20.55 36.49 -0.41
N PHE A 990 21.23 36.60 0.73
CA PHE A 990 22.68 36.50 0.82
C PHE A 990 23.05 35.10 1.28
N ASN A 991 23.97 34.46 0.57
CA ASN A 991 24.50 33.17 0.99
C ASN A 991 25.64 33.41 1.98
N ARG A 992 26.35 32.34 2.35
CA ARG A 992 27.43 32.46 3.32
C ARG A 992 28.73 32.98 2.72
N GLN A 993 28.84 33.03 1.39
CA GLN A 993 30.04 33.51 0.71
C GLN A 993 29.92 34.97 0.30
N GLY A 994 28.97 35.71 0.86
CA GLY A 994 28.80 37.11 0.55
C GLY A 994 28.35 37.38 -0.87
N GLU A 995 27.47 36.55 -1.41
CA GLU A 995 26.92 36.73 -2.75
C GLU A 995 25.43 37.03 -2.66
N LEU A 996 25.01 38.13 -3.28
CA LEU A 996 23.61 38.51 -3.32
C LEU A 996 23.01 38.00 -4.63
N ARG A 997 21.97 37.17 -4.52
CA ARG A 997 21.36 36.53 -5.66
C ARG A 997 19.96 37.10 -5.88
N ILE A 998 19.67 37.46 -7.13
CA ILE A 998 18.33 37.91 -7.53
C ILE A 998 17.63 36.69 -8.12
N SER A 999 16.58 36.22 -7.45
CA SER A 999 15.98 34.94 -7.77
C SER A 999 14.46 35.06 -7.85
N VAL A 1000 13.86 34.18 -8.66
CA VAL A 1000 12.42 33.98 -8.69
C VAL A 1000 12.15 32.50 -8.43
N LEU A 1001 10.96 32.24 -7.93
CA LEU A 1001 10.54 30.85 -7.73
C LEU A 1001 10.24 30.21 -9.08
N PRO A 1002 10.74 29.00 -9.35
CA PRO A 1002 10.37 28.32 -10.59
C PRO A 1002 8.86 28.15 -10.69
N ALA A 1003 8.33 28.36 -11.90
CA ALA A 1003 6.91 28.54 -12.09
C ALA A 1003 6.16 27.25 -12.40
N TYR A 1004 6.85 26.13 -12.59
CA TYR A 1004 6.18 24.90 -12.97
C TYR A 1004 5.73 24.06 -11.79
N LEU A 1005 6.10 24.42 -10.57
CA LEU A 1005 5.74 23.67 -9.38
C LEU A 1005 4.72 24.44 -8.56
N SER A 1006 3.88 23.69 -7.84
CA SER A 1006 2.91 24.26 -6.91
C SER A 1006 3.44 24.07 -5.50
N TYR A 1007 3.53 25.16 -4.74
CA TYR A 1007 4.09 25.13 -3.40
C TYR A 1007 3.01 25.09 -2.32
N ASP A 1008 1.76 24.84 -2.70
CA ASP A 1008 0.65 24.72 -1.77
C ASP A 1008 0.33 23.27 -1.46
N ALA A 1009 1.37 22.44 -1.38
CA ALA A 1009 1.27 21.02 -1.12
C ALA A 1009 2.33 20.64 -0.10
N PRO A 1010 2.23 19.45 0.50
CA PRO A 1010 3.28 19.04 1.45
C PRO A 1010 4.68 19.07 0.85
N TRP A 1011 4.82 18.67 -0.42
CA TRP A 1011 6.01 18.89 -1.21
C TRP A 1011 5.65 19.72 -2.44
N PRO A 1012 6.56 20.58 -2.91
CA PRO A 1012 6.35 21.20 -4.23
C PRO A 1012 6.08 20.15 -5.29
N VAL A 1013 4.93 20.22 -5.94
CA VAL A 1013 4.46 19.17 -6.83
C VAL A 1013 3.93 19.79 -8.11
N ARG A 1014 4.04 19.02 -9.20
CA ARG A 1014 3.37 19.32 -10.46
C ARG A 1014 2.65 18.07 -10.92
N LYS A 1015 1.32 18.12 -10.96
CA LYS A 1015 0.52 17.00 -11.44
C LYS A 1015 0.28 17.15 -12.94
N ILE A 1016 0.58 16.09 -13.68
CA ILE A 1016 0.46 16.10 -15.14
C ILE A 1016 -0.69 15.18 -15.52
N PRO A 1017 -1.87 15.71 -15.83
CA PRO A 1017 -3.03 14.86 -16.14
C PRO A 1017 -2.79 14.09 -17.44
N LEU A 1018 -2.86 12.76 -17.36
CA LEU A 1018 -2.74 11.92 -18.54
C LEU A 1018 -4.08 11.46 -19.08
N ARG A 1019 -5.16 11.60 -18.29
CA ARG A 1019 -6.49 11.13 -18.64
C ARG A 1019 -6.54 9.62 -18.84
N CYS A 1020 -5.53 8.91 -18.33
CA CYS A 1020 -5.41 7.47 -18.51
C CYS A 1020 -4.54 6.93 -17.38
N THR A 1021 -4.62 5.62 -17.19
CA THR A 1021 -3.89 4.98 -16.09
C THR A 1021 -2.41 4.91 -16.41
N ALA A 1022 -1.57 5.38 -15.49
CA ALA A 1022 -0.13 5.30 -15.61
C ALA A 1022 0.37 4.12 -14.79
N HIS A 1023 1.03 3.18 -15.44
CA HIS A 1023 1.47 1.96 -14.78
C HIS A 1023 2.95 1.99 -14.37
N TYR A 1024 3.83 2.28 -15.31
CA TYR A 1024 5.27 2.31 -15.04
C TYR A 1024 5.87 3.58 -15.63
N VAL A 1025 6.88 4.11 -14.95
CA VAL A 1025 7.64 5.26 -15.42
C VAL A 1025 9.12 4.94 -15.26
N ALA A 1026 9.90 5.17 -16.32
CA ALA A 1026 11.32 4.92 -16.31
C ALA A 1026 12.05 6.16 -16.82
N TYR A 1027 13.16 6.50 -16.18
CA TYR A 1027 13.95 7.65 -16.57
C TYR A 1027 15.16 7.17 -17.36
N HIS A 1028 15.30 7.68 -18.58
CA HIS A 1028 16.42 7.37 -19.45
C HIS A 1028 17.52 8.41 -19.21
N VAL A 1029 18.63 7.97 -18.62
CA VAL A 1029 19.70 8.91 -18.26
C VAL A 1029 20.26 9.58 -19.50
N GLU A 1030 20.48 8.81 -20.56
CA GLU A 1030 20.82 9.38 -21.86
C GLU A 1030 19.58 10.00 -22.48
N SER A 1031 19.71 11.22 -23.00
CA SER A 1031 18.65 12.01 -23.61
C SER A 1031 17.69 12.58 -22.56
N LYS A 1032 17.84 12.15 -21.30
CA LYS A 1032 17.16 12.76 -20.16
C LYS A 1032 15.66 12.90 -20.37
N VAL A 1033 15.00 11.78 -20.70
CA VAL A 1033 13.56 11.77 -20.89
C VAL A 1033 12.95 10.62 -20.10
N TYR A 1034 11.65 10.71 -19.86
CA TYR A 1034 10.90 9.69 -19.14
C TYR A 1034 10.07 8.85 -20.10
N ALA A 1035 10.11 7.54 -19.91
CA ALA A 1035 9.22 6.63 -20.61
C ALA A 1035 8.11 6.22 -19.65
N VAL A 1036 6.86 6.39 -20.09
CA VAL A 1036 5.69 6.12 -19.26
C VAL A 1036 4.81 5.11 -20.01
N ALA A 1037 4.49 4.01 -19.34
CA ALA A 1037 3.56 3.03 -19.86
C ALA A 1037 2.16 3.37 -19.36
N THR A 1038 1.23 3.62 -20.28
CA THR A 1038 -0.12 4.02 -19.94
C THR A 1038 -1.12 3.05 -20.56
N SER A 1039 -2.36 3.16 -20.12
CA SER A 1039 -3.44 2.29 -20.59
C SER A 1039 -4.73 3.09 -20.65
N THR A 1040 -5.55 2.80 -21.66
CA THR A 1040 -6.88 3.37 -21.78
C THR A 1040 -7.89 2.23 -21.93
N ASN A 1041 -9.11 2.48 -21.49
CA ASN A 1041 -10.19 1.50 -21.56
C ASN A 1041 -11.02 1.75 -22.81
N THR A 1042 -11.31 0.67 -23.53
CA THR A 1042 -12.16 0.68 -24.71
C THR A 1042 -13.16 -0.47 -24.60
N PRO A 1043 -14.34 -0.34 -25.21
CA PRO A 1043 -15.32 -1.43 -25.15
C PRO A 1043 -14.76 -2.72 -25.74
N CYS A 1044 -15.07 -3.83 -25.08
CA CYS A 1044 -14.65 -5.15 -25.55
C CYS A 1044 -15.69 -5.68 -26.52
N ALA A 1045 -15.23 -6.06 -27.72
CA ALA A 1045 -16.14 -6.46 -28.79
C ALA A 1045 -16.01 -7.92 -29.19
N ARG A 1046 -14.91 -8.59 -28.85
CA ARG A 1046 -14.68 -9.96 -29.28
C ARG A 1046 -14.21 -10.81 -28.09
N ILE A 1047 -14.50 -12.10 -28.17
CA ILE A 1047 -14.09 -13.08 -27.18
C ILE A 1047 -13.07 -14.02 -27.84
N PRO A 1048 -11.79 -13.90 -27.51
CA PRO A 1048 -10.79 -14.80 -28.12
C PRO A 1048 -11.01 -16.25 -27.72
N ARG A 1049 -10.76 -17.15 -28.68
CA ARG A 1049 -10.82 -18.58 -28.45
C ARG A 1049 -9.48 -19.20 -28.82
N MET A 1050 -9.33 -20.50 -28.56
CA MET A 1050 -8.07 -21.19 -28.84
C MET A 1050 -8.33 -22.64 -29.21
N LYS A 1055 -6.24 -18.94 -33.37
CA LYS A 1055 -7.26 -18.37 -32.50
C LYS A 1055 -8.50 -17.95 -33.28
N GLU A 1056 -9.67 -18.16 -32.67
CA GLU A 1056 -10.93 -17.68 -33.20
C GLU A 1056 -11.47 -16.58 -32.29
N PHE A 1057 -12.15 -15.62 -32.90
CA PHE A 1057 -12.75 -14.51 -32.16
C PHE A 1057 -14.26 -14.53 -32.36
N GLU A 1058 -14.99 -14.42 -31.25
CA GLU A 1058 -16.45 -14.41 -31.27
C GLU A 1058 -16.93 -13.00 -31.03
N THR A 1059 -17.64 -12.44 -32.01
CA THR A 1059 -18.20 -11.11 -31.87
C THR A 1059 -19.32 -11.11 -30.84
N ILE A 1060 -19.27 -10.17 -29.91
CA ILE A 1060 -20.27 -10.09 -28.84
C ILE A 1060 -21.55 -9.49 -29.43
N GLU A 1061 -22.58 -10.31 -29.56
CA GLU A 1061 -23.87 -9.88 -30.09
C GLU A 1061 -24.86 -9.79 -28.93
N ARG A 1062 -25.29 -8.57 -28.62
CA ARG A 1062 -26.21 -8.32 -27.52
C ARG A 1062 -27.23 -7.29 -27.98
N ASP A 1063 -28.01 -6.77 -27.03
CA ASP A 1063 -29.03 -5.78 -27.32
C ASP A 1063 -28.53 -4.38 -26.95
N GLU A 1064 -29.40 -3.39 -27.13
CA GLU A 1064 -29.01 -1.99 -26.94
C GLU A 1064 -28.84 -1.62 -25.48
N ARG A 1065 -29.46 -2.37 -24.56
CA ARG A 1065 -29.31 -2.10 -23.13
C ARG A 1065 -28.14 -2.85 -22.51
N TYR A 1066 -27.38 -3.58 -23.30
CA TYR A 1066 -26.22 -4.31 -22.80
C TYR A 1066 -25.06 -3.36 -22.54
N ILE A 1067 -24.25 -3.70 -21.54
CA ILE A 1067 -23.09 -2.90 -21.15
C ILE A 1067 -21.83 -3.71 -21.47
N HIS A 1068 -20.98 -3.18 -22.34
CA HIS A 1068 -19.79 -3.89 -22.75
C HIS A 1068 -18.73 -3.88 -21.65
N PRO A 1069 -17.94 -4.94 -21.53
CA PRO A 1069 -16.81 -4.91 -20.60
C PRO A 1069 -15.70 -3.99 -21.11
N GLN A 1070 -14.87 -3.56 -20.16
CA GLN A 1070 -13.75 -2.67 -20.49
C GLN A 1070 -12.55 -3.49 -20.94
N GLN A 1071 -11.92 -3.06 -22.02
CA GLN A 1071 -10.68 -3.65 -22.52
C GLN A 1071 -9.59 -2.60 -22.47
N GLU A 1072 -8.44 -2.97 -21.92
CA GLU A 1072 -7.33 -2.04 -21.76
C GLU A 1072 -6.41 -2.09 -22.97
N ALA A 1073 -6.09 -0.91 -23.51
CA ALA A 1073 -5.11 -0.77 -24.57
C ALA A 1073 -3.90 -0.04 -24.03
N PHE A 1074 -2.73 -0.63 -24.16
CA PHE A 1074 -1.51 -0.09 -23.57
C PHE A 1074 -0.68 0.66 -24.60
N SER A 1075 0.05 1.66 -24.13
CA SER A 1075 0.99 2.40 -24.95
C SER A 1075 2.12 2.88 -24.06
N ILE A 1076 3.27 3.15 -24.70
CA ILE A 1076 4.44 3.70 -24.02
C ILE A 1076 4.74 5.05 -24.62
N GLN A 1077 4.78 6.09 -23.79
CA GLN A 1077 4.96 7.45 -24.24
C GLN A 1077 6.28 8.01 -23.69
N LEU A 1078 6.83 8.99 -24.40
CA LEU A 1078 7.99 9.73 -23.95
C LEU A 1078 7.54 11.08 -23.39
N ILE A 1079 8.03 11.41 -22.21
CA ILE A 1079 7.69 12.67 -21.53
C ILE A 1079 8.97 13.47 -21.36
N SER A 1080 8.95 14.72 -21.81
CA SER A 1080 10.11 15.60 -21.70
C SER A 1080 10.07 16.35 -20.37
N PRO A 1081 11.13 16.27 -19.55
CA PRO A 1081 11.14 17.04 -18.30
C PRO A 1081 11.29 18.54 -18.49
N VAL A 1082 11.62 19.00 -19.70
CA VAL A 1082 11.81 20.42 -19.93
C VAL A 1082 10.49 21.17 -19.83
N SER A 1083 9.45 20.66 -20.48
CA SER A 1083 8.14 21.27 -20.46
C SER A 1083 7.06 20.37 -19.87
N TRP A 1084 7.41 19.16 -19.46
CA TRP A 1084 6.47 18.17 -18.91
C TRP A 1084 5.29 17.96 -19.86
N GLU A 1085 5.63 17.61 -21.10
CA GLU A 1085 4.66 17.32 -22.13
C GLU A 1085 5.06 16.04 -22.86
N ALA A 1086 4.06 15.35 -23.40
CA ALA A 1086 4.32 14.16 -24.20
C ALA A 1086 5.01 14.55 -25.50
N ILE A 1087 6.08 13.86 -25.83
CA ILE A 1087 6.83 14.12 -27.05
C ILE A 1087 6.02 13.63 -28.24
N PRO A 1088 5.70 14.49 -29.21
CA PRO A 1088 4.92 14.04 -30.36
C PRO A 1088 5.68 13.04 -31.22
N ASN A 1089 4.91 12.13 -31.83
CA ASN A 1089 5.43 11.11 -32.73
C ASN A 1089 6.40 10.15 -32.04
N ALA A 1090 6.41 10.14 -30.71
CA ALA A 1090 7.22 9.21 -29.93
C ALA A 1090 6.27 8.44 -29.00
N ARG A 1091 5.67 7.39 -29.53
CA ARG A 1091 4.67 6.63 -28.79
C ARG A 1091 4.59 5.23 -29.38
N ILE A 1092 4.89 4.22 -28.58
CA ILE A 1092 4.75 2.83 -28.98
C ILE A 1092 3.37 2.35 -28.60
N GLU A 1093 2.64 1.79 -29.55
CA GLU A 1093 1.32 1.22 -29.31
C GLU A 1093 1.46 -0.30 -29.20
N LEU A 1094 1.07 -0.84 -28.06
CA LEU A 1094 1.11 -2.29 -27.87
C LEU A 1094 -0.02 -2.95 -28.65
N GLN A 1095 0.02 -4.28 -28.68
CA GLN A 1095 -0.99 -5.05 -29.40
C GLN A 1095 -2.33 -4.97 -28.66
N GLU A 1096 -3.37 -5.56 -29.27
CA GLU A 1096 -4.73 -5.30 -28.84
C GLU A 1096 -4.98 -5.75 -27.40
N TRP A 1097 -4.64 -6.99 -27.08
CA TRP A 1097 -4.83 -7.52 -25.73
C TRP A 1097 -3.55 -7.52 -24.92
N GLU A 1098 -2.51 -6.87 -25.41
CA GLU A 1098 -1.21 -6.90 -24.74
C GLU A 1098 -1.22 -5.98 -23.52
N HIS A 1099 -0.77 -6.52 -22.39
CA HIS A 1099 -0.66 -5.77 -21.14
C HIS A 1099 0.81 -5.66 -20.77
N VAL A 1100 1.24 -4.44 -20.44
CA VAL A 1100 2.61 -4.21 -19.99
C VAL A 1100 2.71 -4.65 -18.53
N THR A 1101 3.46 -5.71 -18.27
CA THR A 1101 3.60 -6.23 -16.92
C THR A 1101 4.80 -5.65 -16.19
N CYS A 1102 5.75 -5.07 -16.90
CA CYS A 1102 6.92 -4.45 -16.29
C CYS A 1102 7.58 -3.54 -17.31
N MET A 1103 8.23 -2.48 -16.80
CA MET A 1103 8.98 -1.58 -17.66
C MET A 1103 10.08 -0.94 -16.82
N LYS A 1104 11.33 -1.13 -17.22
CA LYS A 1104 12.48 -0.66 -16.47
C LYS A 1104 13.53 -0.11 -17.41
N THR A 1105 14.40 0.72 -16.86
CA THR A 1105 15.63 1.13 -17.54
C THR A 1105 16.74 0.17 -17.13
N VAL A 1106 17.33 -0.51 -18.11
CA VAL A 1106 18.30 -1.58 -17.86
C VAL A 1106 19.62 -1.21 -18.52
N SER A 1107 20.71 -1.52 -17.83
CA SER A 1107 22.06 -1.30 -18.34
C SER A 1107 22.55 -2.61 -18.96
N LEU A 1108 22.75 -2.60 -20.27
CA LEU A 1108 23.15 -3.80 -21.00
C LEU A 1108 24.50 -3.56 -21.67
N ARG A 1109 25.29 -4.62 -21.78
CA ARG A 1109 26.64 -4.51 -22.30
C ARG A 1109 26.63 -4.13 -23.78
N SER A 1110 27.56 -3.26 -24.16
CA SER A 1110 27.74 -2.87 -25.55
C SER A 1110 29.19 -2.48 -25.75
N GLU A 1111 29.63 -2.54 -27.03
CA GLU A 1111 30.99 -2.15 -27.37
C GLU A 1111 31.10 -0.68 -27.78
N GLU A 1112 30.02 -0.11 -28.30
CA GLU A 1112 30.04 1.29 -28.74
C GLU A 1112 29.84 2.23 -27.57
N THR A 1113 30.64 2.08 -26.53
CA THR A 1113 30.55 2.92 -25.34
C THR A 1113 31.91 2.94 -24.66
N VAL A 1114 32.21 4.05 -23.99
CA VAL A 1114 33.45 4.13 -23.22
C VAL A 1114 33.46 3.06 -22.13
N SER A 1115 32.33 2.89 -21.44
CA SER A 1115 32.15 1.77 -20.52
C SER A 1115 31.52 0.61 -21.28
N GLY A 1116 31.05 -0.40 -20.56
CA GLY A 1116 30.42 -1.53 -21.19
C GLY A 1116 28.92 -1.37 -21.35
N LEU A 1117 28.28 -0.75 -20.37
CA LEU A 1117 26.83 -0.65 -20.34
C LEU A 1117 26.34 0.43 -21.29
N LYS A 1118 25.05 0.36 -21.61
CA LYS A 1118 24.45 1.30 -22.55
C LYS A 1118 23.20 1.98 -22.01
N GLY A 1119 22.39 1.30 -21.21
CA GLY A 1119 21.21 1.94 -20.65
C GLY A 1119 20.00 2.06 -21.54
N TYR A 1120 19.38 0.93 -21.90
CA TYR A 1120 18.16 0.94 -22.69
C TYR A 1120 16.93 0.95 -21.77
N VAL A 1121 15.75 0.95 -22.39
CA VAL A 1121 14.48 0.81 -21.68
C VAL A 1121 13.87 -0.52 -22.10
N ALA A 1122 13.59 -1.38 -21.13
CA ALA A 1122 13.06 -2.71 -21.37
C ALA A 1122 11.64 -2.81 -20.84
N ALA A 1123 10.75 -3.38 -21.63
CA ALA A 1123 9.37 -3.60 -21.24
C ALA A 1123 8.99 -5.06 -21.43
N GLY A 1124 8.29 -5.61 -20.45
CA GLY A 1124 7.74 -6.96 -20.53
C GLY A 1124 6.23 -6.89 -20.71
N THR A 1125 5.70 -7.74 -21.58
CA THR A 1125 4.29 -7.73 -21.90
C THR A 1125 3.72 -9.14 -21.81
N CYS A 1126 2.41 -9.22 -21.65
CA CYS A 1126 1.67 -10.47 -21.71
C CYS A 1126 0.36 -10.22 -22.44
N LEU A 1127 -0.03 -11.17 -23.28
CA LEU A 1127 -1.27 -11.08 -24.04
C LEU A 1127 -2.39 -11.69 -23.19
N MET A 1128 -3.18 -10.83 -22.55
CA MET A 1128 -4.27 -11.27 -21.68
C MET A 1128 -5.51 -11.54 -22.53
N GLN A 1129 -5.91 -12.82 -22.63
CA GLN A 1129 -7.08 -13.19 -23.40
C GLN A 1129 -7.92 -14.23 -22.70
N GLY A 1130 -7.89 -14.26 -21.37
CA GLY A 1130 -8.72 -15.14 -20.59
C GLY A 1130 -7.97 -16.33 -20.03
N GLU A 1131 -8.69 -17.11 -19.21
CA GLU A 1131 -8.10 -18.26 -18.53
C GLU A 1131 -7.88 -19.43 -19.48
N GLU A 1132 -8.67 -19.52 -20.55
CA GLU A 1132 -8.66 -20.68 -21.42
C GLU A 1132 -7.77 -20.51 -22.65
N VAL A 1133 -7.01 -19.42 -22.72
CA VAL A 1133 -6.06 -19.18 -23.79
C VAL A 1133 -4.66 -19.12 -23.17
N THR A 1134 -3.72 -19.83 -23.76
CA THR A 1134 -2.35 -19.83 -23.27
C THR A 1134 -1.77 -18.42 -23.31
N CYS A 1135 -1.20 -17.98 -22.19
CA CYS A 1135 -0.69 -16.62 -22.06
C CYS A 1135 0.78 -16.60 -22.46
N ARG A 1136 1.12 -15.77 -23.44
CA ARG A 1136 2.48 -15.55 -23.87
C ARG A 1136 2.73 -14.05 -23.95
N GLY A 1137 3.99 -13.68 -24.06
CA GLY A 1137 4.34 -12.27 -24.09
C GLY A 1137 5.54 -11.92 -24.94
N ARG A 1138 5.99 -10.68 -24.84
CA ARG A 1138 7.13 -10.19 -25.60
C ARG A 1138 8.07 -9.44 -24.67
N ILE A 1139 9.33 -9.36 -25.08
CA ILE A 1139 10.31 -8.49 -24.46
C ILE A 1139 10.61 -7.36 -25.44
N LEU A 1140 10.45 -6.13 -24.99
CA LEU A 1140 10.69 -4.95 -25.80
C LEU A 1140 11.91 -4.22 -25.27
N ILE A 1141 12.93 -4.07 -26.10
CA ILE A 1141 14.13 -3.31 -25.76
C ILE A 1141 14.15 -2.07 -26.64
N MET A 1142 14.09 -0.91 -26.01
CA MET A 1142 13.95 0.36 -26.72
C MET A 1142 15.06 1.32 -26.33
N ASP A 1143 15.57 2.05 -27.30
CA ASP A 1143 16.56 3.10 -27.08
C ASP A 1143 15.92 4.44 -27.44
N VAL A 1144 16.30 5.48 -26.70
CA VAL A 1144 15.86 6.84 -26.99
C VAL A 1144 17.03 7.55 -27.67
N ILE A 1145 16.82 7.93 -28.93
CA ILE A 1145 17.89 8.48 -29.75
C ILE A 1145 17.69 9.97 -29.91
N GLU A 1146 18.72 10.64 -30.43
CA GLU A 1146 18.69 12.06 -30.74
C GLU A 1146 18.58 12.22 -32.26
N VAL A 1147 17.55 12.93 -32.71
CA VAL A 1147 17.35 13.20 -34.12
C VAL A 1147 17.21 14.72 -34.30
N VAL A 1148 17.33 15.15 -35.55
CA VAL A 1148 17.16 16.56 -35.88
C VAL A 1148 15.72 16.95 -35.61
N PRO A 1149 15.48 17.97 -34.77
CA PRO A 1149 14.11 18.34 -34.44
C PRO A 1149 13.36 18.85 -35.66
N GLU A 1150 12.05 18.60 -35.67
CA GLU A 1150 11.19 19.17 -36.69
C GLU A 1150 11.11 20.69 -36.51
N PRO A 1151 10.95 21.43 -37.60
CA PRO A 1151 10.88 22.90 -37.49
C PRO A 1151 9.72 23.34 -36.63
N GLY A 1152 10.02 24.10 -35.57
CA GLY A 1152 9.03 24.60 -34.66
C GLY A 1152 8.63 23.66 -33.54
N GLN A 1153 9.20 22.46 -33.48
CA GLN A 1153 8.88 21.48 -32.45
C GLN A 1153 10.16 20.99 -31.80
N PRO A 1154 10.69 21.73 -30.82
CA PRO A 1154 11.94 21.31 -30.17
C PRO A 1154 11.82 20.00 -29.39
N LEU A 1155 10.61 19.58 -29.03
CA LEU A 1155 10.45 18.32 -28.31
C LEU A 1155 10.78 17.12 -29.19
N THR A 1156 10.66 17.27 -30.50
CA THR A 1156 10.82 16.15 -31.43
C THR A 1156 12.27 15.75 -31.65
N LYS A 1157 13.20 16.23 -30.83
CA LYS A 1157 14.58 15.79 -30.95
C LYS A 1157 14.79 14.38 -30.41
N ASN A 1158 13.83 13.84 -29.67
CA ASN A 1158 13.92 12.51 -29.10
C ASN A 1158 12.87 11.60 -29.71
N LYS A 1159 13.30 10.39 -30.09
CA LYS A 1159 12.44 9.43 -30.76
C LYS A 1159 12.72 8.04 -30.21
N PHE A 1160 11.73 7.16 -30.33
CA PHE A 1160 11.87 5.79 -29.87
C PHE A 1160 12.58 4.94 -30.91
N LYS A 1161 13.57 4.18 -30.47
CA LYS A 1161 14.34 3.27 -31.32
C LYS A 1161 14.19 1.86 -30.76
N VAL A 1162 13.36 1.05 -31.42
CA VAL A 1162 13.10 -0.31 -30.98
C VAL A 1162 14.20 -1.21 -31.53
N LEU A 1163 14.94 -1.85 -30.62
CA LEU A 1163 16.04 -2.73 -31.00
C LEU A 1163 15.61 -4.20 -31.01
N TYR A 1164 14.99 -4.66 -29.93
CA TYR A 1164 14.50 -6.03 -29.83
C TYR A 1164 13.02 -6.02 -29.53
N GLU A 1165 12.26 -6.79 -30.31
CA GLU A 1165 10.82 -6.91 -30.12
C GLU A 1165 10.41 -8.28 -30.66
N LYS A 1166 10.33 -9.27 -29.78
CA LYS A 1166 10.00 -10.63 -30.19
C LYS A 1166 9.16 -11.31 -29.14
N GLU A 1167 8.33 -12.24 -29.59
CA GLU A 1167 7.49 -13.02 -28.70
C GLU A 1167 8.31 -14.11 -28.00
N GLN A 1168 8.09 -14.26 -26.70
CA GLN A 1168 8.80 -15.25 -25.90
C GLN A 1168 7.95 -16.51 -25.75
N LYS A 1169 8.59 -17.56 -25.23
CA LYS A 1169 7.93 -18.85 -25.01
C LYS A 1169 7.22 -18.88 -23.65
N GLY A 1170 6.35 -17.89 -23.42
CA GLY A 1170 5.64 -17.79 -22.17
C GLY A 1170 5.38 -16.35 -21.79
N PRO A 1171 4.70 -16.15 -20.65
CA PRO A 1171 4.40 -14.78 -20.21
C PRO A 1171 5.60 -14.13 -19.56
N VAL A 1172 5.93 -12.91 -20.00
CA VAL A 1172 7.02 -12.14 -19.42
C VAL A 1172 6.44 -11.33 -18.27
N THR A 1173 6.73 -11.76 -17.04
CA THR A 1173 6.11 -11.18 -15.86
C THR A 1173 7.03 -10.25 -15.09
N ALA A 1174 8.34 -10.38 -15.25
CA ALA A 1174 9.28 -9.51 -14.57
C ALA A 1174 10.53 -9.34 -15.43
N LEU A 1175 11.20 -8.21 -15.25
CA LEU A 1175 12.44 -7.91 -15.94
C LEU A 1175 13.45 -7.34 -14.95
N CYS A 1176 14.72 -7.48 -15.29
CA CYS A 1176 15.82 -7.00 -14.45
C CYS A 1176 17.09 -7.05 -15.29
N HIS A 1177 18.13 -6.40 -14.79
CA HIS A 1177 19.45 -6.49 -15.41
C HIS A 1177 20.46 -6.94 -14.37
N CYS A 1178 21.45 -7.70 -14.83
CA CYS A 1178 22.46 -8.30 -13.93
C CYS A 1178 23.80 -8.28 -14.65
N ASN A 1179 24.67 -7.33 -14.25
CA ASN A 1179 26.02 -7.20 -14.80
C ASN A 1179 26.00 -7.07 -16.33
N GLY A 1180 25.10 -6.24 -16.84
CA GLY A 1180 24.98 -6.04 -18.27
C GLY A 1180 24.15 -7.06 -19.00
N HIS A 1181 23.63 -8.07 -18.30
CA HIS A 1181 22.75 -9.05 -18.89
C HIS A 1181 21.31 -8.71 -18.55
N LEU A 1182 20.39 -9.20 -19.38
CA LEU A 1182 18.96 -8.98 -19.17
C LEU A 1182 18.39 -10.21 -18.48
N VAL A 1183 17.77 -10.00 -17.32
CA VAL A 1183 17.11 -11.06 -16.56
C VAL A 1183 15.61 -10.93 -16.76
N SER A 1184 14.98 -12.02 -17.19
CA SER A 1184 13.54 -12.04 -17.45
C SER A 1184 12.91 -13.22 -16.75
N ALA A 1185 11.75 -12.98 -16.15
CA ALA A 1185 10.92 -14.05 -15.59
C ALA A 1185 9.87 -14.41 -16.64
N ILE A 1186 10.06 -15.57 -17.28
CA ILE A 1186 9.17 -16.04 -18.33
C ILE A 1186 8.53 -17.33 -17.82
N GLY A 1187 7.26 -17.26 -17.45
CA GLY A 1187 6.59 -18.41 -16.88
C GLY A 1187 7.16 -18.73 -15.51
N GLN A 1188 7.31 -20.03 -15.24
CA GLN A 1188 7.90 -20.49 -13.98
C GLN A 1188 9.40 -20.70 -14.08
N LYS A 1189 10.06 -20.03 -15.02
CA LYS A 1189 11.51 -20.03 -15.13
C LYS A 1189 12.01 -18.60 -15.19
N ILE A 1190 13.25 -18.40 -14.78
CA ILE A 1190 13.94 -17.11 -14.87
C ILE A 1190 15.12 -17.30 -15.81
N PHE A 1191 15.19 -16.48 -16.85
CA PHE A 1191 16.21 -16.56 -17.86
C PHE A 1191 17.16 -15.37 -17.78
N LEU A 1192 18.43 -15.62 -18.09
CA LEU A 1192 19.44 -14.58 -18.19
C LEU A 1192 19.86 -14.47 -19.65
N TRP A 1193 19.73 -13.27 -20.21
CA TRP A 1193 19.94 -13.05 -21.64
C TRP A 1193 21.15 -12.14 -21.86
N SER A 1194 21.76 -12.32 -23.03
CA SER A 1194 22.80 -11.43 -23.50
C SER A 1194 22.32 -10.75 -24.77
N LEU A 1195 22.42 -9.42 -24.80
CA LEU A 1195 21.92 -8.64 -25.94
C LEU A 1195 23.05 -8.49 -26.96
N ARG A 1196 22.85 -9.07 -28.14
CA ARG A 1196 23.76 -8.91 -29.25
C ARG A 1196 23.35 -7.67 -30.05
N ALA A 1197 23.85 -7.56 -31.29
CA ALA A 1197 23.52 -6.42 -32.13
C ALA A 1197 22.00 -6.22 -32.21
N SER A 1198 21.26 -7.30 -32.48
CA SER A 1198 19.81 -7.19 -32.57
C SER A 1198 19.07 -8.39 -31.98
N GLU A 1199 19.76 -9.28 -31.27
CA GLU A 1199 19.13 -10.50 -30.78
C GLU A 1199 19.55 -10.77 -29.34
N LEU A 1200 18.64 -11.38 -28.58
CA LEU A 1200 18.94 -11.87 -27.24
C LEU A 1200 19.34 -13.33 -27.32
N THR A 1201 20.42 -13.69 -26.65
CA THR A 1201 20.90 -15.07 -26.59
C THR A 1201 20.81 -15.57 -25.17
N GLY A 1202 20.21 -16.75 -25.00
CA GLY A 1202 20.06 -17.31 -23.66
C GLY A 1202 21.40 -17.73 -23.09
N MET A 1203 21.68 -17.33 -21.85
CA MET A 1203 22.89 -17.70 -21.15
C MET A 1203 22.65 -18.76 -20.09
N ALA A 1204 21.60 -18.60 -19.29
CA ALA A 1204 21.30 -19.51 -18.21
C ALA A 1204 19.82 -19.41 -17.87
N PHE A 1205 19.33 -20.39 -17.13
CA PHE A 1205 17.96 -20.37 -16.64
C PHE A 1205 17.90 -21.13 -15.32
N ILE A 1206 16.81 -20.93 -14.59
CA ILE A 1206 16.54 -21.65 -13.35
C ILE A 1206 15.04 -21.73 -13.15
N ASP A 1207 14.59 -22.84 -12.59
CA ASP A 1207 13.19 -22.98 -12.23
C ASP A 1207 12.88 -22.17 -10.99
N THR A 1208 11.70 -21.56 -10.96
CA THR A 1208 11.32 -20.66 -9.87
C THR A 1208 9.89 -20.98 -9.45
N GLN A 1209 9.31 -20.09 -8.67
CA GLN A 1209 8.03 -20.32 -8.01
C GLN A 1209 6.87 -20.09 -8.97
N LEU A 1210 5.66 -19.98 -8.41
CA LEU A 1210 4.43 -19.95 -9.19
C LEU A 1210 4.39 -18.76 -10.16
N TYR A 1211 4.70 -17.57 -9.66
CA TYR A 1211 4.59 -16.37 -10.50
C TYR A 1211 5.53 -15.31 -9.92
N ILE A 1212 6.58 -14.97 -10.65
CA ILE A 1212 7.52 -13.93 -10.23
C ILE A 1212 7.07 -12.61 -10.85
N HIS A 1213 6.73 -11.64 -10.00
CA HIS A 1213 6.27 -10.34 -10.46
C HIS A 1213 7.26 -9.23 -10.19
N GLN A 1214 8.26 -9.45 -9.33
CA GLN A 1214 9.24 -8.43 -9.00
C GLN A 1214 10.62 -9.05 -8.96
N MET A 1215 11.59 -8.39 -9.60
CA MET A 1215 12.99 -8.81 -9.57
C MET A 1215 13.88 -7.59 -9.45
N ILE A 1216 14.93 -7.71 -8.65
CA ILE A 1216 15.92 -6.65 -8.49
C ILE A 1216 17.26 -7.30 -8.22
N SER A 1217 18.33 -6.70 -8.72
CA SER A 1217 19.64 -7.33 -8.71
C SER A 1217 20.70 -6.39 -8.14
N VAL A 1218 21.72 -6.99 -7.53
CA VAL A 1218 22.91 -6.27 -7.09
C VAL A 1218 24.12 -7.19 -7.16
N LYS A 1219 25.08 -6.83 -8.01
CA LYS A 1219 26.39 -7.50 -8.07
C LYS A 1219 26.24 -9.01 -8.23
N ASN A 1220 25.73 -9.41 -9.40
CA ASN A 1220 25.52 -10.80 -9.80
C ASN A 1220 24.64 -11.58 -8.82
N PHE A 1221 23.84 -10.88 -8.01
CA PHE A 1221 22.82 -11.48 -7.18
C PHE A 1221 21.46 -10.93 -7.58
N ILE A 1222 20.43 -11.77 -7.54
CA ILE A 1222 19.09 -11.39 -7.96
C ILE A 1222 18.11 -11.75 -6.85
N LEU A 1223 17.21 -10.82 -6.54
CA LEU A 1223 16.13 -11.06 -5.59
C LEU A 1223 14.82 -11.11 -6.35
N ALA A 1224 14.16 -12.27 -6.30
CA ALA A 1224 12.91 -12.50 -7.01
C ALA A 1224 11.78 -12.70 -5.99
N ALA A 1225 10.63 -12.09 -6.27
CA ALA A 1225 9.47 -12.16 -5.40
C ALA A 1225 8.32 -12.87 -6.11
N ASP A 1226 7.67 -13.78 -5.38
CA ASP A 1226 6.51 -14.52 -5.88
C ASP A 1226 5.22 -13.94 -5.31
N VAL A 1227 4.12 -14.22 -5.99
CA VAL A 1227 2.83 -13.68 -5.58
C VAL A 1227 2.39 -14.26 -4.25
N MET A 1228 2.56 -15.57 -4.05
CA MET A 1228 2.14 -16.24 -2.83
C MET A 1228 3.31 -16.74 -1.98
N LYS A 1229 4.42 -17.12 -2.60
CA LYS A 1229 5.63 -17.44 -1.88
C LYS A 1229 6.50 -16.20 -1.76
N SER A 1230 7.42 -16.20 -0.80
CA SER A 1230 7.96 -14.91 -0.36
C SER A 1230 9.04 -14.38 -1.28
N ILE A 1231 10.24 -14.97 -1.27
CA ILE A 1231 11.39 -14.40 -1.96
C ILE A 1231 12.42 -15.49 -2.18
N SER A 1232 13.19 -15.37 -3.25
CA SER A 1232 14.30 -16.25 -3.55
C SER A 1232 15.53 -15.41 -3.88
N LEU A 1233 16.67 -15.79 -3.33
CA LEU A 1233 17.94 -15.13 -3.63
C LEU A 1233 18.69 -15.95 -4.68
N LEU A 1234 18.99 -15.33 -5.80
CA LEU A 1234 19.67 -15.99 -6.91
C LEU A 1234 21.08 -15.43 -7.08
N ARG A 1235 21.95 -16.25 -7.65
CA ARG A 1235 23.33 -15.87 -7.92
C ARG A 1235 23.70 -16.33 -9.32
N TYR A 1236 24.47 -15.51 -10.03
CA TYR A 1236 24.94 -15.84 -11.37
C TYR A 1236 26.46 -15.93 -11.36
N GLN A 1237 26.98 -17.01 -11.94
CA GLN A 1237 28.42 -17.18 -12.13
C GLN A 1237 28.71 -17.06 -13.63
N GLU A 1238 29.42 -16.01 -14.01
CA GLU A 1238 29.66 -15.74 -15.42
C GLU A 1238 30.55 -16.81 -16.05
N GLU A 1239 31.54 -17.29 -15.31
CA GLU A 1239 32.53 -18.21 -15.87
C GLU A 1239 31.87 -19.50 -16.34
N SER A 1240 30.99 -20.06 -15.51
CA SER A 1240 30.30 -21.29 -15.84
C SER A 1240 28.91 -21.07 -16.43
N LYS A 1241 28.45 -19.81 -16.51
CA LYS A 1241 27.11 -19.49 -16.97
C LYS A 1241 26.04 -20.22 -16.15
N THR A 1242 26.21 -20.17 -14.83
CA THR A 1242 25.36 -20.91 -13.90
C THR A 1242 24.49 -19.94 -13.12
N LEU A 1243 23.19 -20.12 -13.20
CA LEU A 1243 22.23 -19.39 -12.37
C LEU A 1243 21.71 -20.33 -11.30
N SER A 1244 21.94 -19.99 -10.04
CA SER A 1244 21.67 -20.89 -8.93
C SER A 1244 20.89 -20.17 -7.84
N LEU A 1245 20.18 -20.96 -7.04
CA LEU A 1245 19.43 -20.46 -5.89
C LEU A 1245 20.34 -20.45 -4.67
N VAL A 1246 20.50 -19.29 -4.06
CA VAL A 1246 21.31 -19.20 -2.84
C VAL A 1246 20.47 -19.54 -1.61
N SER A 1247 19.32 -18.88 -1.48
CA SER A 1247 18.46 -19.07 -0.32
C SER A 1247 17.06 -18.59 -0.68
N ARG A 1248 16.11 -18.90 0.18
CA ARG A 1248 14.73 -18.47 -0.01
C ARG A 1248 14.02 -18.51 1.34
N ASP A 1249 12.87 -17.85 1.39
CA ASP A 1249 12.00 -17.90 2.55
C ASP A 1249 11.07 -19.10 2.42
N ALA A 1250 11.10 -19.99 3.41
CA ALA A 1250 10.28 -21.19 3.35
C ALA A 1250 8.80 -20.87 3.57
N LYS A 1251 8.51 -19.90 4.44
CA LYS A 1251 7.13 -19.57 4.75
C LYS A 1251 6.48 -18.81 3.59
N PRO A 1252 5.19 -19.03 3.37
CA PRO A 1252 4.49 -18.27 2.33
C PRO A 1252 4.31 -16.81 2.72
N LEU A 1253 4.24 -15.95 1.70
CA LEU A 1253 4.07 -14.52 1.91
C LEU A 1253 3.62 -13.88 0.61
N GLU A 1254 2.59 -13.04 0.69
CA GLU A 1254 2.11 -12.30 -0.48
C GLU A 1254 2.91 -10.99 -0.53
N VAL A 1255 3.87 -10.92 -1.44
CA VAL A 1255 4.78 -9.80 -1.56
C VAL A 1255 4.23 -8.78 -2.55
N TYR A 1256 4.40 -7.50 -2.22
CA TYR A 1256 4.06 -6.41 -3.13
C TYR A 1256 5.28 -5.95 -3.94
N SER A 1257 6.38 -5.64 -3.26
CA SER A 1257 7.62 -5.28 -3.96
C SER A 1257 8.79 -5.57 -3.03
N VAL A 1258 9.98 -5.63 -3.62
CA VAL A 1258 11.20 -5.94 -2.89
C VAL A 1258 12.28 -4.93 -3.26
N ASP A 1259 13.20 -4.72 -2.33
CA ASP A 1259 14.36 -3.88 -2.56
C ASP A 1259 15.50 -4.39 -1.66
N PHE A 1260 16.51 -3.56 -1.47
CA PHE A 1260 17.67 -3.91 -0.65
C PHE A 1260 17.85 -2.87 0.46
N MET A 1261 18.42 -3.33 1.57
CA MET A 1261 18.90 -2.47 2.64
C MET A 1261 20.41 -2.56 2.67
N VAL A 1262 21.08 -1.42 2.56
CA VAL A 1262 22.53 -1.36 2.38
C VAL A 1262 23.16 -0.78 3.63
N ASP A 1263 24.11 -1.50 4.19
CA ASP A 1263 24.93 -1.06 5.32
C ASP A 1263 26.40 -1.03 4.87
N ASN A 1264 27.30 -0.84 5.84
CA ASN A 1264 28.72 -0.82 5.52
C ASN A 1264 29.15 -2.14 4.89
N ALA A 1265 28.69 -3.26 5.43
CA ALA A 1265 28.91 -4.56 4.81
C ALA A 1265 27.69 -5.47 4.81
N GLN A 1266 26.63 -5.14 5.57
CA GLN A 1266 25.46 -5.99 5.65
C GLN A 1266 24.49 -5.65 4.53
N LEU A 1267 23.98 -6.68 3.85
CA LEU A 1267 23.02 -6.52 2.77
C LEU A 1267 21.71 -7.17 3.20
N GLY A 1268 20.69 -6.35 3.43
CA GLY A 1268 19.37 -6.84 3.77
C GLY A 1268 18.46 -6.86 2.57
N PHE A 1269 17.37 -7.61 2.69
CA PHE A 1269 16.37 -7.73 1.64
C PHE A 1269 15.04 -7.21 2.19
N LEU A 1270 14.65 -6.02 1.73
CA LEU A 1270 13.44 -5.36 2.23
C LEU A 1270 12.24 -5.83 1.40
N VAL A 1271 11.19 -6.27 2.10
CA VAL A 1271 10.01 -6.84 1.48
C VAL A 1271 8.77 -6.11 2.00
N SER A 1272 7.89 -5.70 1.10
CA SER A 1272 6.61 -5.13 1.48
C SER A 1272 5.53 -6.21 1.37
N ASP A 1273 4.49 -6.06 2.20
CA ASP A 1273 3.55 -7.13 2.46
C ASP A 1273 2.14 -6.74 2.02
N ARG A 1274 1.29 -7.75 1.84
CA ARG A 1274 -0.13 -7.51 1.62
C ARG A 1274 -0.81 -7.03 2.90
N ASP A 1275 -0.31 -7.45 4.05
CA ASP A 1275 -0.82 -7.01 5.34
C ASP A 1275 -0.19 -5.69 5.80
N ARG A 1276 0.38 -4.92 4.88
CA ARG A 1276 0.93 -3.60 5.16
C ARG A 1276 2.08 -3.68 6.16
N ASN A 1277 3.01 -4.60 5.90
CA ASN A 1277 4.19 -4.78 6.74
C ASN A 1277 5.45 -4.60 5.90
N LEU A 1278 6.52 -4.21 6.58
CA LEU A 1278 7.86 -4.17 6.00
C LEU A 1278 8.74 -5.14 6.76
N MET A 1279 9.47 -5.98 6.03
CA MET A 1279 10.34 -6.99 6.63
C MET A 1279 11.70 -6.94 5.97
N VAL A 1280 12.74 -7.20 6.76
CA VAL A 1280 14.11 -7.25 6.27
C VAL A 1280 14.63 -8.67 6.49
N TYR A 1281 15.04 -9.32 5.41
CA TYR A 1281 15.64 -10.65 5.46
C TYR A 1281 17.14 -10.54 5.23
N MET A 1282 17.88 -11.45 5.85
CA MET A 1282 19.33 -11.52 5.68
C MET A 1282 19.73 -12.96 5.39
N TYR A 1283 20.81 -13.10 4.63
CA TYR A 1283 21.40 -14.40 4.34
C TYR A 1283 22.50 -14.66 5.36
N LEU A 1284 22.24 -15.60 6.28
CA LEU A 1284 23.14 -15.88 7.40
C LEU A 1284 23.44 -17.37 7.41
N PRO A 1285 24.37 -17.82 6.57
CA PRO A 1285 24.63 -19.27 6.49
C PRO A 1285 25.26 -19.85 7.75
N GLU A 1286 25.87 -19.03 8.60
CA GLU A 1286 26.49 -19.52 9.82
C GLU A 1286 25.51 -19.64 10.98
N ALA A 1287 24.28 -19.15 10.82
CA ALA A 1287 23.29 -19.22 11.88
C ALA A 1287 22.62 -20.58 11.90
N LYS A 1288 22.32 -21.08 13.10
CA LYS A 1288 21.68 -22.38 13.24
C LYS A 1288 20.26 -22.35 12.67
N GLU A 1289 19.57 -21.22 12.80
CA GLU A 1289 18.20 -21.12 12.31
C GLU A 1289 18.14 -21.31 10.80
N SER A 1290 19.10 -20.75 10.08
CA SER A 1290 19.24 -21.03 8.66
C SER A 1290 19.92 -22.37 8.50
N PHE A 1291 19.18 -23.37 8.02
CA PHE A 1291 19.67 -24.74 7.97
C PHE A 1291 20.69 -24.84 6.84
N GLY A 1292 21.91 -24.38 7.13
CA GLY A 1292 22.97 -24.36 6.15
C GLY A 1292 22.93 -23.21 5.18
N GLY A 1293 22.12 -22.18 5.45
CA GLY A 1293 21.98 -21.06 4.55
C GLY A 1293 20.89 -21.20 3.52
N MET A 1294 20.14 -22.31 3.53
CA MET A 1294 19.06 -22.49 2.57
C MET A 1294 17.79 -21.74 2.93
N ARG A 1295 17.75 -21.12 4.11
CA ARG A 1295 16.57 -20.41 4.59
C ARG A 1295 16.93 -18.98 4.91
N LEU A 1296 16.16 -18.04 4.37
CA LEU A 1296 16.35 -16.62 4.68
C LEU A 1296 15.68 -16.30 6.00
N LEU A 1297 16.39 -15.59 6.87
CA LEU A 1297 15.90 -15.24 8.19
C LEU A 1297 15.57 -13.75 8.23
N ARG A 1298 14.40 -13.42 8.77
CA ARG A 1298 14.02 -12.03 8.91
C ARG A 1298 14.64 -11.45 10.18
N ARG A 1299 15.24 -10.27 10.06
CA ARG A 1299 15.93 -9.63 11.16
C ARG A 1299 15.34 -8.29 11.56
N ALA A 1300 14.34 -7.79 10.83
CA ALA A 1300 13.68 -6.54 11.18
C ALA A 1300 12.22 -6.62 10.78
N ASP A 1301 11.35 -6.05 11.62
CA ASP A 1301 9.91 -6.05 11.38
C ASP A 1301 9.36 -4.66 11.64
N PHE A 1302 8.36 -4.28 10.85
CA PHE A 1302 7.68 -3.00 11.03
C PHE A 1302 6.37 -3.03 10.27
N HIS A 1303 5.30 -2.58 10.92
CA HIS A 1303 4.00 -2.43 10.28
C HIS A 1303 3.85 -0.99 9.84
N VAL A 1304 4.01 -0.75 8.54
CA VAL A 1304 3.67 0.53 7.92
C VAL A 1304 2.22 0.43 7.48
N GLY A 1305 1.35 1.22 8.08
CA GLY A 1305 -0.07 1.06 7.79
C GLY A 1305 -0.44 1.52 6.40
N ALA A 1306 0.24 0.97 5.39
CA ALA A 1306 0.02 1.30 4.00
C ALA A 1306 0.70 0.29 3.10
N HIS A 1307 0.17 0.07 1.90
CA HIS A 1307 0.78 -0.83 0.94
C HIS A 1307 1.86 -0.11 0.15
N VAL A 1308 3.00 -0.77 0.00
CA VAL A 1308 4.16 -0.21 -0.69
C VAL A 1308 4.41 -1.02 -1.95
N ASN A 1309 4.45 -0.33 -3.10
CA ASN A 1309 4.65 -0.99 -4.38
C ASN A 1309 5.92 -0.56 -5.11
N THR A 1310 6.63 0.44 -4.60
CA THR A 1310 7.82 0.92 -5.29
C THR A 1310 8.86 1.37 -4.26
N PHE A 1311 10.13 1.09 -4.56
CA PHE A 1311 11.25 1.47 -3.72
C PHE A 1311 12.30 2.18 -4.55
N TRP A 1312 13.14 2.97 -3.87
CA TRP A 1312 14.36 3.49 -4.47
C TRP A 1312 15.34 3.81 -3.35
N ARG A 1313 16.61 3.89 -3.70
CA ARG A 1313 17.69 4.06 -2.74
C ARG A 1313 18.51 5.30 -3.06
N THR A 1314 18.93 6.00 -2.01
CA THR A 1314 19.88 7.09 -2.09
C THR A 1314 20.91 6.91 -0.98
N PRO A 1315 22.11 7.43 -1.15
CA PRO A 1315 23.07 7.48 -0.05
C PRO A 1315 22.70 8.58 0.94
N CYS A 1316 23.36 8.55 2.10
CA CYS A 1316 23.12 9.56 3.11
C CYS A 1316 23.76 10.89 2.70
N ARG A 1317 23.22 11.98 3.23
CA ARG A 1317 23.75 13.31 2.95
C ARG A 1317 25.15 13.48 3.50
N TRP A 1330 27.49 6.77 8.59
CA TRP A 1330 26.75 6.84 7.33
C TRP A 1330 27.69 6.65 6.15
N GLU A 1331 28.79 5.94 6.39
CA GLU A 1331 29.84 5.82 5.37
C GLU A 1331 29.32 5.11 4.12
N ASN A 1332 28.73 3.93 4.29
CA ASN A 1332 28.20 3.17 3.17
C ASN A 1332 26.73 2.83 3.34
N LYS A 1333 26.06 3.42 4.33
CA LYS A 1333 24.64 3.19 4.50
C LYS A 1333 23.84 3.91 3.42
N HIS A 1334 22.78 3.27 2.96
CA HIS A 1334 21.86 3.86 1.98
C HIS A 1334 20.47 3.98 2.60
N ILE A 1335 19.75 5.01 2.16
CA ILE A 1335 18.36 5.21 2.56
C ILE A 1335 17.47 4.56 1.52
N THR A 1336 16.59 3.68 1.97
CA THR A 1336 15.64 3.01 1.08
C THR A 1336 14.31 3.75 1.19
N TRP A 1337 14.02 4.55 0.17
CA TRP A 1337 12.78 5.29 0.10
C TRP A 1337 11.69 4.45 -0.54
N PHE A 1338 10.44 4.78 -0.20
CA PHE A 1338 9.31 4.12 -0.84
C PHE A 1338 8.13 5.06 -0.88
N ALA A 1339 7.23 4.80 -1.82
CA ALA A 1339 5.98 5.51 -1.96
C ALA A 1339 4.83 4.53 -1.75
N THR A 1340 3.86 4.93 -0.93
CA THR A 1340 2.77 4.03 -0.56
C THR A 1340 1.58 4.23 -1.50
N LEU A 1341 0.68 3.25 -1.48
CA LEU A 1341 -0.54 3.31 -2.26
C LEU A 1341 -1.58 4.24 -1.67
N ASP A 1342 -1.30 4.81 -0.50
CA ASP A 1342 -2.14 5.84 0.09
C ASP A 1342 -1.64 7.25 -0.21
N GLY A 1343 -0.65 7.37 -1.09
CA GLY A 1343 -0.14 8.67 -1.47
C GLY A 1343 0.93 9.25 -0.58
N GLY A 1344 1.57 8.44 0.26
CA GLY A 1344 2.63 8.90 1.13
C GLY A 1344 4.00 8.45 0.66
N ILE A 1345 5.02 8.97 1.35
CA ILE A 1345 6.40 8.61 1.10
C ILE A 1345 7.09 8.35 2.44
N GLY A 1346 7.77 7.20 2.55
CA GLY A 1346 8.45 6.84 3.77
C GLY A 1346 9.91 6.48 3.51
N LEU A 1347 10.64 6.32 4.60
CA LEU A 1347 12.06 6.00 4.55
C LEU A 1347 12.37 4.87 5.51
N LEU A 1348 13.43 4.13 5.21
CA LEU A 1348 14.06 3.22 6.15
C LEU A 1348 15.54 3.57 6.20
N LEU A 1349 16.01 4.04 7.35
CA LEU A 1349 17.39 4.47 7.51
C LEU A 1349 18.14 3.50 8.41
N PRO A 1350 19.17 2.82 7.91
CA PRO A 1350 19.93 1.90 8.76
C PRO A 1350 20.56 2.64 9.93
N MET A 1351 20.59 1.97 11.08
CA MET A 1351 21.05 2.56 12.32
C MET A 1351 22.10 1.67 12.96
N GLN A 1352 22.99 2.31 13.73
CA GLN A 1352 23.92 1.57 14.57
C GLN A 1352 23.20 1.05 15.82
N GLU A 1353 23.73 -0.03 16.37
CA GLU A 1353 23.02 -0.74 17.43
C GLU A 1353 22.90 0.10 18.70
N LYS A 1354 23.96 0.82 19.06
CA LYS A 1354 23.92 1.60 20.30
C LYS A 1354 22.88 2.72 20.21
N THR A 1355 22.89 3.45 19.10
CA THR A 1355 21.88 4.49 18.89
C THR A 1355 20.48 3.88 18.84
N TYR A 1356 20.35 2.71 18.21
CA TYR A 1356 19.05 2.06 18.16
C TYR A 1356 18.55 1.70 19.56
N ARG A 1357 19.44 1.20 20.41
CA ARG A 1357 19.03 0.84 21.77
C ARG A 1357 18.62 2.07 22.57
N ARG A 1358 19.40 3.16 22.46
CA ARG A 1358 19.03 4.39 23.17
C ARG A 1358 17.68 4.91 22.70
N LEU A 1359 17.49 4.98 21.38
CA LEU A 1359 16.22 5.46 20.86
C LEU A 1359 15.08 4.48 21.09
N LEU A 1360 15.39 3.19 21.32
CA LEU A 1360 14.35 2.24 21.68
C LEU A 1360 13.87 2.46 23.10
N MET A 1361 14.79 2.76 24.02
CA MET A 1361 14.37 3.18 25.35
C MET A 1361 13.53 4.45 25.29
N LEU A 1362 13.96 5.40 24.47
CA LEU A 1362 13.18 6.63 24.28
C LEU A 1362 11.79 6.32 23.72
N GLN A 1363 11.71 5.41 22.75
CA GLN A 1363 10.44 5.06 22.12
C GLN A 1363 9.50 4.38 23.12
N ASN A 1364 10.04 3.49 23.96
CA ASN A 1364 9.23 2.87 24.99
C ASN A 1364 8.68 3.92 25.96
N ALA A 1365 9.54 4.87 26.37
CA ALA A 1365 9.08 5.93 27.26
C ALA A 1365 7.98 6.76 26.62
N LEU A 1366 8.16 7.12 25.34
CA LEU A 1366 7.16 7.92 24.64
C LEU A 1366 5.83 7.16 24.51
N THR A 1367 5.90 5.85 24.24
CA THR A 1367 4.68 5.05 24.15
C THR A 1367 3.96 5.02 25.49
N THR A 1368 4.71 4.82 26.57
CA THR A 1368 4.06 4.64 27.88
C THR A 1368 3.51 5.95 28.43
N MET A 1369 4.25 7.06 28.28
CA MET A 1369 4.00 8.27 29.03
C MET A 1369 3.25 9.34 28.26
N LEU A 1370 2.71 9.03 27.09
CA LEU A 1370 2.06 10.10 26.34
C LEU A 1370 0.60 9.79 26.07
N PRO A 1371 -0.28 10.80 26.13
CA PRO A 1371 -1.69 10.61 25.77
C PRO A 1371 -1.95 10.70 24.27
N HIS A 1372 -1.79 9.59 23.56
CA HIS A 1372 -1.93 9.59 22.12
C HIS A 1372 -3.39 9.72 21.70
N HIS A 1373 -3.60 10.23 20.48
CA HIS A 1373 -4.93 10.48 19.97
C HIS A 1373 -5.73 9.19 19.87
N ALA A 1374 -7.03 9.30 20.17
CA ALA A 1374 -8.00 8.21 20.11
C ALA A 1374 -7.64 7.04 21.03
N GLY A 1375 -6.73 7.25 21.97
CA GLY A 1375 -6.32 6.18 22.87
C GLY A 1375 -5.58 5.04 22.22
N LEU A 1376 -5.09 5.22 20.99
CA LEU A 1376 -4.41 4.15 20.28
C LEU A 1376 -3.02 3.93 20.87
N ASN A 1377 -2.52 2.70 20.70
CA ASN A 1377 -1.22 2.31 21.24
C ASN A 1377 -0.19 2.36 20.12
N PRO A 1378 0.81 3.25 20.19
CA PRO A 1378 1.82 3.29 19.12
C PRO A 1378 2.60 1.99 18.98
N ARG A 1379 2.92 1.32 20.08
CA ARG A 1379 3.69 0.08 19.99
C ARG A 1379 2.90 -1.02 19.31
N ALA A 1380 1.60 -1.14 19.64
CA ALA A 1380 0.78 -2.18 19.04
C ALA A 1380 0.51 -1.92 17.57
N PHE A 1381 0.45 -0.64 17.16
CA PHE A 1381 0.19 -0.33 15.76
C PHE A 1381 1.36 -0.76 14.87
N ARG A 1382 2.59 -0.60 15.35
CA ARG A 1382 3.77 -0.92 14.57
C ARG A 1382 4.19 -2.38 14.68
N MET A 1383 3.47 -3.18 15.47
CA MET A 1383 3.76 -4.60 15.54
C MET A 1383 3.43 -5.29 14.22
N LEU A 1384 4.28 -6.24 13.84
CA LEU A 1384 4.11 -6.96 12.58
C LEU A 1384 2.84 -7.80 12.63
N HIS A 1385 1.97 -7.59 11.65
CA HIS A 1385 0.80 -8.44 11.42
C HIS A 1385 -0.04 -8.66 12.69
N ASN A 1393 8.72 -14.45 16.91
CA ASN A 1393 7.86 -14.13 15.77
C ASN A 1393 8.22 -12.77 15.19
N ALA A 1394 7.85 -11.70 15.91
CA ALA A 1394 8.11 -10.35 15.47
C ALA A 1394 9.50 -9.92 15.95
N VAL A 1395 10.40 -9.69 15.02
CA VAL A 1395 11.73 -9.14 15.32
C VAL A 1395 11.64 -7.64 15.06
N ARG A 1396 11.22 -6.90 16.09
CA ARG A 1396 10.97 -5.47 15.95
C ARG A 1396 12.28 -4.71 16.14
N ASN A 1397 13.05 -4.62 15.06
CA ASN A 1397 14.32 -3.90 15.06
C ASN A 1397 14.24 -2.60 14.26
N VAL A 1398 13.04 -2.06 14.09
CA VAL A 1398 12.81 -0.82 13.35
C VAL A 1398 12.16 0.18 14.29
N LEU A 1399 12.75 1.38 14.38
CA LEU A 1399 12.19 2.44 15.20
C LEU A 1399 11.12 3.21 14.44
N ASP A 1400 10.21 3.82 15.19
CA ASP A 1400 9.15 4.64 14.63
C ASP A 1400 9.54 6.10 14.80
N GLY A 1401 9.96 6.74 13.69
CA GLY A 1401 10.38 8.13 13.76
C GLY A 1401 9.23 9.10 13.97
N GLU A 1402 8.02 8.71 13.58
CA GLU A 1402 6.86 9.57 13.82
C GLU A 1402 6.51 9.62 15.30
N LEU A 1403 6.76 8.54 16.04
CA LEU A 1403 6.63 8.58 17.48
C LEU A 1403 7.82 9.29 18.13
N LEU A 1404 9.01 9.13 17.55
CA LEU A 1404 10.18 9.83 18.07
C LEU A 1404 10.10 11.33 17.83
N ASN A 1405 9.29 11.78 16.88
CA ASN A 1405 9.09 13.22 16.69
C ASN A 1405 8.36 13.84 17.87
N ARG A 1406 7.59 13.05 18.61
CA ARG A 1406 6.89 13.57 19.78
C ARG A 1406 7.85 14.11 20.82
N TYR A 1407 9.08 13.61 20.84
CA TYR A 1407 10.09 14.14 21.76
C TYR A 1407 10.47 15.56 21.40
N LEU A 1408 10.54 15.86 20.09
CA LEU A 1408 10.82 17.22 19.65
C LEU A 1408 9.68 18.16 20.02
N TYR A 1409 8.45 17.65 20.06
CA TYR A 1409 7.28 18.47 20.36
C TYR A 1409 7.13 18.78 21.85
N LEU A 1410 7.76 18.01 22.72
CA LEU A 1410 7.67 18.27 24.14
C LEU A 1410 8.45 19.53 24.52
N SER A 1411 8.03 20.14 25.62
CA SER A 1411 8.78 21.27 26.17
C SER A 1411 10.12 20.79 26.74
N THR A 1412 10.97 21.75 27.07
CA THR A 1412 12.28 21.40 27.63
C THR A 1412 12.14 20.68 28.96
N MET A 1413 11.18 21.10 29.79
CA MET A 1413 10.97 20.43 31.07
C MET A 1413 10.53 18.99 30.89
N GLU A 1414 9.59 18.74 29.97
CA GLU A 1414 9.15 17.38 29.71
C GLU A 1414 10.27 16.53 29.11
N ARG A 1415 11.07 17.12 28.22
CA ARG A 1415 12.21 16.41 27.67
C ARG A 1415 13.19 16.01 28.76
N SER A 1416 13.49 16.93 29.68
CA SER A 1416 14.41 16.63 30.76
C SER A 1416 13.84 15.54 31.67
N GLU A 1417 12.54 15.61 31.97
CA GLU A 1417 11.93 14.59 32.82
C GLU A 1417 12.02 13.21 32.18
N LEU A 1418 11.68 13.11 30.88
CA LEU A 1418 11.72 11.82 30.21
C LEU A 1418 13.16 11.31 30.09
N ALA A 1419 14.10 12.20 29.80
CA ALA A 1419 15.50 11.78 29.69
C ALA A 1419 16.03 11.28 31.03
N LYS A 1420 15.67 11.94 32.13
CA LYS A 1420 16.07 11.46 33.45
C LYS A 1420 15.39 10.14 33.78
N LYS A 1421 14.14 9.95 33.34
CA LYS A 1421 13.46 8.67 33.56
C LYS A 1421 14.17 7.53 32.85
N ILE A 1422 14.63 7.77 31.62
CA ILE A 1422 15.32 6.72 30.87
C ILE A 1422 16.83 6.80 31.01
N GLY A 1423 17.33 7.60 31.95
CA GLY A 1423 18.75 7.62 32.28
C GLY A 1423 19.68 8.10 31.19
N THR A 1424 19.35 9.21 30.53
CA THR A 1424 20.19 9.75 29.48
C THR A 1424 20.08 11.27 29.50
N THR A 1425 20.52 11.92 28.41
CA THR A 1425 20.59 13.36 28.32
C THR A 1425 19.75 13.85 27.13
N PRO A 1426 18.98 14.93 27.32
CA PRO A 1426 18.23 15.49 26.19
C PRO A 1426 19.12 15.91 25.02
N ASP A 1427 20.33 16.40 25.30
CA ASP A 1427 21.24 16.74 24.22
C ASP A 1427 21.62 15.51 23.41
N ILE A 1428 21.90 14.40 24.08
CA ILE A 1428 22.23 13.16 23.38
C ILE A 1428 21.04 12.70 22.55
N ILE A 1429 19.84 12.75 23.13
CA ILE A 1429 18.66 12.32 22.39
C ILE A 1429 18.45 13.19 21.15
N LEU A 1430 18.61 14.51 21.29
CA LEU A 1430 18.43 15.40 20.15
C LEU A 1430 19.49 15.16 19.09
N ASP A 1431 20.73 14.92 19.50
CA ASP A 1431 21.79 14.63 18.54
C ASP A 1431 21.47 13.36 17.76
N ASP A 1432 20.95 12.33 18.44
CA ASP A 1432 20.56 11.11 17.74
C ASP A 1432 19.39 11.38 16.79
N LEU A 1433 18.41 12.17 17.22
CA LEU A 1433 17.21 12.39 16.42
C LEU A 1433 17.46 13.32 15.24
N LEU A 1434 18.21 14.40 15.46
CA LEU A 1434 18.40 15.40 14.42
C LEU A 1434 19.36 14.94 13.33
N GLU A 1435 20.28 14.02 13.63
CA GLU A 1435 21.15 13.50 12.59
C GLU A 1435 20.39 12.66 11.58
N THR A 1436 19.35 11.94 12.04
CA THR A 1436 18.51 11.19 11.11
C THR A 1436 17.77 12.12 10.16
N ASP A 1437 17.31 13.28 10.66
CA ASP A 1437 16.69 14.26 9.77
C ASP A 1437 17.72 14.91 8.86
N ARG A 1438 18.96 15.07 9.33
CA ARG A 1438 19.98 15.70 8.50
C ARG A 1438 20.38 14.81 7.33
N VAL A 1439 20.64 13.53 7.58
CA VAL A 1439 21.14 12.66 6.52
C VAL A 1439 20.07 12.26 5.53
N THR A 1440 18.81 12.58 5.79
CA THR A 1440 17.71 12.18 4.91
C THR A 1440 17.14 13.35 4.13
N ALA A 1441 17.84 14.49 4.07
CA ALA A 1441 17.34 15.68 3.40
C ALA A 1441 17.70 15.64 1.91
N HIS A 1442 16.97 14.80 1.19
CA HIS A 1442 17.14 14.64 -0.24
C HIS A 1442 15.97 15.23 -1.00
N PHE A 1443 16.13 15.32 -2.32
CA PHE A 1443 15.12 15.84 -3.23
C PHE A 1443 14.72 17.27 -2.86
N THR B 44 2.96 -49.66 -26.48
CA THR B 44 4.24 -49.13 -26.04
C THR B 44 4.37 -47.65 -26.40
N PHE B 45 4.65 -46.82 -25.40
CA PHE B 45 4.82 -45.39 -25.58
C PHE B 45 6.24 -45.02 -25.18
N ASP B 46 7.05 -44.59 -26.16
CA ASP B 46 8.43 -44.22 -25.91
C ASP B 46 8.77 -42.83 -26.45
N GLY B 47 7.77 -42.06 -26.87
CA GLY B 47 8.02 -40.73 -27.39
C GLY B 47 8.76 -40.70 -28.70
N LYS B 48 8.61 -41.73 -29.53
CA LYS B 48 9.33 -41.83 -30.80
C LYS B 48 8.42 -41.82 -32.02
N ARG B 49 7.13 -42.08 -31.87
CA ARG B 49 6.24 -42.11 -33.02
C ARG B 49 5.71 -40.72 -33.34
N MET B 50 5.47 -40.48 -34.62
CA MET B 50 5.05 -39.16 -35.09
C MET B 50 3.62 -38.86 -34.66
N ARG B 51 3.40 -37.67 -34.12
CA ARG B 51 2.08 -37.21 -33.72
C ARG B 51 1.83 -35.82 -34.28
N LYS B 52 0.62 -35.59 -34.78
CA LYS B 52 0.27 -34.29 -35.33
C LYS B 52 0.09 -33.26 -34.23
N ALA B 53 0.48 -32.02 -34.52
CA ALA B 53 0.32 -30.94 -33.55
C ALA B 53 -1.17 -30.64 -33.34
N VAL B 54 -1.57 -30.54 -32.07
CA VAL B 54 -2.95 -30.25 -31.72
C VAL B 54 -2.96 -29.26 -30.57
N ASN B 55 -3.82 -28.24 -30.66
CA ASN B 55 -4.01 -27.33 -29.54
C ASN B 55 -4.64 -28.07 -28.36
N ARG B 56 -4.11 -27.83 -27.17
CA ARG B 56 -4.55 -28.51 -25.97
C ARG B 56 -5.25 -27.53 -25.04
N LYS B 57 -6.38 -27.96 -24.46
CA LYS B 57 -7.10 -27.14 -23.52
C LYS B 57 -6.22 -26.79 -22.32
N THR B 58 -6.30 -25.55 -21.87
CA THR B 58 -5.49 -25.06 -20.78
C THR B 58 -6.36 -24.28 -19.80
N ILE B 59 -5.92 -24.25 -18.55
CA ILE B 59 -6.42 -23.31 -17.54
C ILE B 59 -5.20 -22.53 -17.08
N ASP B 60 -4.98 -21.37 -17.71
CA ASP B 60 -3.81 -20.55 -17.45
C ASP B 60 -4.18 -19.48 -16.42
N TYR B 61 -3.47 -19.45 -15.31
CA TYR B 61 -3.74 -18.50 -14.24
C TYR B 61 -3.04 -17.17 -14.42
N ASN B 62 -2.15 -17.07 -15.41
CA ASN B 62 -1.39 -15.84 -15.60
C ASN B 62 -2.25 -14.62 -15.88
N PRO B 63 -3.25 -14.67 -16.78
CA PRO B 63 -4.10 -13.48 -16.96
C PRO B 63 -4.80 -13.05 -15.67
N SER B 64 -5.27 -14.00 -14.87
CA SER B 64 -5.95 -13.65 -13.62
C SER B 64 -4.97 -13.03 -12.63
N VAL B 65 -3.75 -13.56 -12.54
CA VAL B 65 -2.76 -12.99 -11.65
C VAL B 65 -2.40 -11.57 -12.10
N ILE B 66 -2.28 -11.36 -13.41
CA ILE B 66 -1.96 -10.03 -13.92
C ILE B 66 -3.10 -9.05 -13.60
N LYS B 67 -4.34 -9.48 -13.80
CA LYS B 67 -5.49 -8.62 -13.49
C LYS B 67 -5.53 -8.29 -12.00
N TYR B 68 -5.24 -9.27 -11.15
CA TYR B 68 -5.21 -9.03 -9.71
C TYR B 68 -4.10 -8.05 -9.35
N LEU B 69 -2.92 -8.20 -9.96
CA LEU B 69 -1.82 -7.27 -9.69
C LEU B 69 -2.17 -5.85 -10.12
N GLU B 70 -2.90 -5.72 -11.23
CA GLU B 70 -3.33 -4.39 -11.67
C GLU B 70 -4.36 -3.80 -10.72
N ASN B 71 -5.37 -4.58 -10.34
CA ASN B 71 -6.41 -4.08 -9.42
C ASN B 71 -5.84 -3.76 -8.04
N ARG B 72 -4.78 -4.47 -7.64
CA ARG B 72 -4.20 -4.33 -6.32
C ARG B 72 -3.70 -2.92 -6.06
N ILE B 73 -3.31 -2.21 -7.11
CA ILE B 73 -2.69 -0.90 -6.95
C ILE B 73 -3.72 0.13 -6.49
N TRP B 74 -4.90 0.13 -7.10
CA TRP B 74 -5.89 1.17 -6.84
C TRP B 74 -7.09 0.69 -6.05
N GLN B 75 -7.18 -0.60 -5.71
CA GLN B 75 -8.28 -1.12 -4.90
C GLN B 75 -7.75 -1.47 -3.52
N ARG B 76 -8.37 -0.89 -2.49
CA ARG B 76 -7.98 -1.20 -1.12
C ARG B 76 -8.30 -2.65 -0.76
N ASP B 77 -9.54 -3.07 -1.02
CA ASP B 77 -10.03 -4.39 -0.66
C ASP B 77 -10.93 -4.87 -1.79
N GLN B 78 -11.73 -5.90 -1.50
CA GLN B 78 -12.73 -6.36 -2.46
C GLN B 78 -13.93 -5.43 -2.52
N ARG B 79 -14.07 -4.49 -1.58
CA ARG B 79 -15.16 -3.52 -1.66
C ARG B 79 -14.91 -2.49 -2.76
N ASP B 80 -13.64 -2.20 -3.06
CA ASP B 80 -13.31 -1.38 -4.22
C ASP B 80 -13.30 -2.17 -5.51
N MET B 81 -13.37 -3.49 -5.44
CA MET B 81 -13.34 -4.31 -6.64
C MET B 81 -14.64 -4.18 -7.41
N ARG B 82 -14.52 -3.93 -8.72
CA ARG B 82 -15.70 -3.81 -9.56
C ARG B 82 -16.37 -5.17 -9.74
N ALA B 83 -17.67 -5.13 -10.01
CA ALA B 83 -18.46 -6.35 -10.11
C ALA B 83 -18.15 -7.08 -11.41
N ILE B 84 -17.91 -8.38 -11.31
CA ILE B 84 -17.81 -9.22 -12.50
C ILE B 84 -19.22 -9.56 -12.96
N GLN B 85 -19.51 -9.26 -14.21
CA GLN B 85 -20.85 -9.51 -14.69
C GLN B 85 -21.00 -10.98 -15.10
N PRO B 86 -22.14 -11.61 -14.78
CA PRO B 86 -22.38 -12.98 -15.25
C PRO B 86 -22.63 -13.02 -16.76
N ASP B 87 -21.64 -12.56 -17.52
CA ASP B 87 -21.71 -12.53 -18.98
C ASP B 87 -20.41 -13.09 -19.53
N ALA B 88 -20.51 -13.74 -20.69
CA ALA B 88 -19.35 -14.40 -21.28
C ALA B 88 -18.27 -13.42 -21.71
N GLY B 89 -18.61 -12.14 -21.91
CA GLY B 89 -17.65 -11.15 -22.36
C GLY B 89 -16.71 -10.63 -21.32
N TYR B 90 -16.89 -11.02 -20.06
CA TYR B 90 -16.08 -10.53 -18.94
C TYR B 90 -14.98 -11.51 -18.56
N TYR B 91 -14.38 -12.16 -19.55
CA TYR B 91 -13.37 -13.17 -19.31
C TYR B 91 -12.11 -12.60 -18.67
N ASN B 92 -11.74 -11.36 -19.00
CA ASN B 92 -10.51 -10.77 -18.51
C ASN B 92 -10.67 -10.07 -17.17
N ASP B 93 -11.86 -10.09 -16.57
CA ASP B 93 -12.07 -9.50 -15.25
C ASP B 93 -11.86 -10.49 -14.13
N LEU B 94 -11.56 -11.75 -14.45
CA LEU B 94 -11.39 -12.78 -13.43
C LEU B 94 -10.09 -12.58 -12.67
N VAL B 95 -10.13 -12.86 -11.36
CA VAL B 95 -8.96 -12.78 -10.50
C VAL B 95 -8.85 -14.09 -9.74
N PRO B 96 -7.66 -14.42 -9.24
CA PRO B 96 -7.48 -15.66 -8.48
C PRO B 96 -8.18 -15.58 -7.13
N PRO B 97 -8.26 -16.70 -6.40
CA PRO B 97 -8.94 -16.67 -5.09
C PRO B 97 -8.34 -15.68 -4.11
N ILE B 98 -7.06 -15.34 -4.22
CA ILE B 98 -6.48 -14.35 -3.32
C ILE B 98 -7.08 -12.97 -3.51
N GLY B 99 -7.69 -12.72 -4.67
CA GLY B 99 -8.37 -11.46 -4.91
C GLY B 99 -9.83 -11.42 -4.52
N MET B 100 -10.37 -12.50 -3.97
CA MET B 100 -11.78 -12.57 -3.59
C MET B 100 -11.91 -13.21 -2.21
N LEU B 101 -11.15 -12.69 -1.25
CA LEU B 101 -11.15 -13.28 0.10
C LEU B 101 -12.52 -13.18 0.77
N ASN B 102 -13.33 -12.20 0.41
CA ASN B 102 -14.64 -12.04 1.02
C ASN B 102 -15.70 -12.94 0.39
N ASN B 103 -15.44 -13.53 -0.76
CA ASN B 103 -16.38 -14.42 -1.45
C ASN B 103 -15.68 -15.70 -1.82
N PRO B 104 -15.57 -16.64 -0.87
CA PRO B 104 -14.96 -17.94 -1.19
C PRO B 104 -15.79 -18.82 -2.12
N MET B 105 -16.97 -18.35 -2.54
CA MET B 105 -17.78 -19.14 -3.47
C MET B 105 -17.17 -19.21 -4.86
N ASN B 106 -16.20 -18.35 -5.16
CA ASN B 106 -15.53 -18.42 -6.45
C ASN B 106 -14.80 -19.75 -6.61
N ALA B 107 -14.18 -20.23 -5.54
CA ALA B 107 -13.42 -21.48 -5.57
C ALA B 107 -14.28 -22.68 -5.22
N VAL B 108 -15.44 -22.77 -5.86
CA VAL B 108 -16.26 -23.98 -5.82
C VAL B 108 -16.12 -24.58 -7.22
N THR B 109 -15.13 -25.47 -7.36
CA THR B 109 -14.67 -25.92 -8.67
C THR B 109 -15.62 -27.00 -9.18
N THR B 110 -16.65 -26.56 -9.90
CA THR B 110 -17.65 -27.44 -10.47
C THR B 110 -17.55 -27.57 -11.98
N LYS B 111 -16.66 -26.82 -12.62
CA LYS B 111 -16.49 -26.91 -14.06
C LYS B 111 -15.45 -27.98 -14.37
N PHE B 112 -15.87 -29.01 -15.11
CA PHE B 112 -14.98 -30.10 -15.50
C PHE B 112 -14.02 -29.62 -16.59
N VAL B 113 -12.74 -29.96 -16.43
CA VAL B 113 -11.69 -29.57 -17.37
C VAL B 113 -11.21 -30.75 -18.19
N ARG B 114 -10.62 -31.75 -17.54
CA ARG B 114 -10.07 -32.90 -18.25
C ARG B 114 -10.02 -34.10 -17.33
N THR B 115 -10.06 -35.28 -17.94
CA THR B 115 -9.83 -36.55 -17.25
C THR B 115 -8.49 -37.10 -17.72
N SER B 116 -7.57 -37.30 -16.79
CA SER B 116 -6.24 -37.83 -17.09
C SER B 116 -6.20 -39.30 -16.72
N THR B 117 -5.96 -40.16 -17.70
CA THR B 117 -6.00 -41.60 -17.52
C THR B 117 -4.70 -42.22 -18.03
N ASN B 118 -4.11 -43.10 -17.23
CA ASN B 118 -2.95 -43.85 -17.68
C ASN B 118 -3.35 -44.87 -18.74
N LYS B 119 -2.36 -45.34 -19.49
CA LYS B 119 -2.60 -46.33 -20.53
C LYS B 119 -2.87 -47.72 -19.97
N VAL B 120 -2.68 -47.93 -18.67
CA VAL B 120 -2.85 -49.25 -18.07
C VAL B 120 -4.11 -49.38 -17.24
N LYS B 121 -4.82 -48.27 -16.98
CA LYS B 121 -6.09 -48.30 -16.23
C LYS B 121 -5.89 -48.90 -14.83
N CYS B 122 -5.12 -48.17 -14.02
CA CYS B 122 -4.88 -48.53 -12.64
C CYS B 122 -5.56 -47.53 -11.70
N PRO B 123 -6.19 -48.00 -10.62
CA PRO B 123 -6.83 -47.08 -9.68
C PRO B 123 -5.82 -46.12 -9.04
N VAL B 124 -6.28 -44.89 -8.81
CA VAL B 124 -5.44 -43.82 -8.28
C VAL B 124 -5.76 -43.64 -6.81
N PHE B 125 -4.74 -43.74 -5.96
CA PHE B 125 -4.91 -43.66 -4.51
C PHE B 125 -4.58 -42.29 -3.93
N VAL B 126 -3.54 -41.62 -4.44
CA VAL B 126 -3.14 -40.32 -3.93
C VAL B 126 -2.77 -39.42 -5.10
N VAL B 127 -3.20 -38.15 -5.03
CA VAL B 127 -2.81 -37.13 -5.98
C VAL B 127 -2.26 -35.95 -5.19
N ARG B 128 -1.11 -35.42 -5.64
CA ARG B 128 -0.50 -34.28 -5.00
C ARG B 128 0.08 -33.35 -6.06
N TRP B 129 -0.13 -32.05 -5.88
CA TRP B 129 0.53 -31.06 -6.70
C TRP B 129 1.95 -30.83 -6.21
N THR B 130 2.84 -30.52 -7.14
CA THR B 130 4.17 -30.06 -6.76
C THR B 130 4.04 -28.71 -6.06
N PRO B 131 4.98 -28.39 -5.16
CA PRO B 131 4.79 -27.20 -4.30
C PRO B 131 4.57 -25.90 -5.06
N GLU B 132 5.12 -25.75 -6.25
CA GLU B 132 4.89 -24.57 -7.07
C GLU B 132 3.76 -24.76 -8.07
N GLY B 133 3.12 -25.94 -8.09
CA GLY B 133 2.03 -26.19 -9.00
C GLY B 133 2.42 -26.49 -10.43
N ARG B 134 3.71 -26.70 -10.70
CA ARG B 134 4.14 -26.97 -12.05
C ARG B 134 3.56 -28.27 -12.59
N ARG B 135 3.54 -29.32 -11.76
CA ARG B 135 3.03 -30.62 -12.16
C ARG B 135 2.07 -31.15 -11.10
N LEU B 136 1.37 -32.22 -11.45
CA LEU B 136 0.55 -32.97 -10.51
C LEU B 136 0.98 -34.43 -10.58
N VAL B 137 1.33 -35.01 -9.44
CA VAL B 137 1.82 -36.38 -9.36
C VAL B 137 0.72 -37.25 -8.79
N THR B 138 0.47 -38.39 -9.42
CA THR B 138 -0.50 -39.36 -8.93
C THR B 138 0.19 -40.64 -8.46
N GLY B 139 -0.40 -41.26 -7.45
CA GLY B 139 0.07 -42.55 -6.98
C GLY B 139 -0.98 -43.62 -7.17
N ALA B 140 -0.62 -44.70 -7.86
CA ALA B 140 -1.57 -45.72 -8.28
C ALA B 140 -1.33 -47.02 -7.51
N SER B 141 -2.22 -47.99 -7.73
CA SER B 141 -2.10 -49.30 -7.11
C SER B 141 -0.98 -50.14 -7.72
N SER B 142 -0.45 -49.74 -8.87
CA SER B 142 0.66 -50.44 -9.48
C SER B 142 2.01 -50.00 -8.92
N GLY B 143 2.03 -49.06 -7.98
CA GLY B 143 3.27 -48.54 -7.47
C GLY B 143 3.93 -47.49 -8.34
N GLU B 144 3.20 -46.90 -9.27
CA GLU B 144 3.75 -45.98 -10.24
C GLU B 144 3.44 -44.53 -9.90
N PHE B 145 4.35 -43.64 -10.26
CA PHE B 145 4.13 -42.20 -10.23
C PHE B 145 3.89 -41.71 -11.65
N THR B 146 2.85 -40.91 -11.83
CA THR B 146 2.54 -40.33 -13.13
C THR B 146 2.49 -38.81 -12.99
N LEU B 147 3.22 -38.12 -13.86
CA LEU B 147 3.31 -36.67 -13.82
C LEU B 147 2.46 -36.06 -14.93
N TRP B 148 1.71 -35.03 -14.57
CA TRP B 148 0.85 -34.33 -15.51
C TRP B 148 1.16 -32.84 -15.47
N ASN B 149 1.06 -32.19 -16.63
CA ASN B 149 1.33 -30.77 -16.71
C ASN B 149 0.31 -29.98 -15.90
N GLY B 150 0.78 -28.94 -15.21
CA GLY B 150 -0.10 -28.15 -14.37
C GLY B 150 -0.95 -27.13 -15.08
N LEU B 151 -0.73 -26.94 -16.38
CA LEU B 151 -1.49 -25.98 -17.17
C LEU B 151 -2.37 -26.65 -18.22
N THR B 152 -1.83 -27.59 -18.98
CA THR B 152 -2.60 -28.28 -20.01
C THR B 152 -3.00 -29.70 -19.61
N PHE B 153 -2.51 -30.19 -18.47
CA PHE B 153 -2.96 -31.46 -17.89
C PHE B 153 -2.67 -32.64 -18.82
N ASN B 154 -1.53 -32.60 -19.49
CA ASN B 154 -1.12 -33.68 -20.38
C ASN B 154 -0.01 -34.50 -19.72
N PHE B 155 0.12 -35.74 -20.19
CA PHE B 155 1.11 -36.66 -19.64
C PHE B 155 2.52 -36.14 -19.87
N GLU B 156 3.34 -36.21 -18.82
CA GLU B 156 4.74 -35.79 -18.88
C GLU B 156 5.69 -36.98 -18.78
N THR B 157 5.61 -37.75 -17.70
CA THR B 157 6.47 -38.92 -17.53
C THR B 157 5.85 -39.83 -16.49
N ILE B 158 6.33 -41.08 -16.46
CA ILE B 158 5.84 -42.09 -15.55
C ILE B 158 7.02 -42.81 -14.93
N LEU B 159 6.93 -43.13 -13.64
CA LEU B 159 8.00 -43.78 -12.90
C LEU B 159 7.45 -45.02 -12.20
N GLN B 160 8.31 -46.04 -12.08
CA GLN B 160 8.02 -47.20 -11.24
C GLN B 160 8.62 -46.92 -9.87
N ALA B 161 7.80 -46.36 -8.98
CA ALA B 161 8.29 -45.85 -7.71
C ALA B 161 8.27 -46.87 -6.60
N HIS B 162 7.25 -47.74 -6.55
CA HIS B 162 7.11 -48.71 -5.48
C HIS B 162 6.74 -50.06 -6.07
N ASP B 163 7.04 -51.12 -5.31
CA ASP B 163 6.66 -52.47 -5.66
C ASP B 163 5.28 -52.85 -5.12
N SER B 164 4.65 -51.96 -4.36
CA SER B 164 3.34 -52.16 -3.78
C SER B 164 2.55 -50.88 -3.98
N PRO B 165 1.21 -50.94 -3.87
CA PRO B 165 0.39 -49.75 -4.15
C PRO B 165 0.83 -48.54 -3.33
N VAL B 166 0.89 -47.39 -4.00
CA VAL B 166 1.28 -46.14 -3.36
C VAL B 166 0.09 -45.60 -2.58
N ARG B 167 0.25 -45.44 -1.27
CA ARG B 167 -0.81 -44.98 -0.40
C ARG B 167 -0.63 -43.53 0.05
N ALA B 168 0.58 -43.13 0.42
CA ALA B 168 0.85 -41.82 0.97
C ALA B 168 1.78 -41.03 0.05
N MET B 169 1.60 -39.71 0.06
CA MET B 169 2.45 -38.81 -0.71
C MET B 169 2.29 -37.41 -0.13
N THR B 170 3.38 -36.86 0.42
CA THR B 170 3.32 -35.55 1.03
C THR B 170 4.64 -34.82 0.79
N TRP B 171 4.55 -33.52 0.58
CA TRP B 171 5.71 -32.66 0.43
C TRP B 171 6.03 -31.98 1.75
N SER B 172 7.29 -31.64 1.94
CA SER B 172 7.69 -30.92 3.14
C SER B 172 7.36 -29.44 3.00
N HIS B 173 7.37 -28.74 4.14
CA HIS B 173 7.01 -27.33 4.15
C HIS B 173 8.06 -26.45 3.48
N ASN B 174 9.29 -26.94 3.36
CA ASN B 174 10.34 -26.20 2.64
C ASN B 174 10.37 -26.53 1.16
N ASP B 175 9.43 -27.35 0.67
CA ASP B 175 9.24 -27.68 -0.74
C ASP B 175 10.38 -28.48 -1.33
N MET B 176 11.25 -29.07 -0.51
CA MET B 176 12.43 -29.76 -1.01
C MET B 176 12.27 -31.27 -1.07
N TRP B 177 11.43 -31.87 -0.23
CA TRP B 177 11.33 -33.32 -0.16
C TRP B 177 9.89 -33.76 -0.35
N MET B 178 9.71 -34.80 -1.16
CA MET B 178 8.43 -35.49 -1.30
C MET B 178 8.56 -36.86 -0.64
N LEU B 179 7.74 -37.11 0.38
CA LEU B 179 7.76 -38.37 1.12
C LEU B 179 6.57 -39.21 0.70
N THR B 180 6.84 -40.45 0.30
CA THR B 180 5.79 -41.37 -0.13
C THR B 180 5.93 -42.68 0.63
N ALA B 181 4.82 -43.39 0.75
CA ALA B 181 4.77 -44.69 1.39
C ALA B 181 3.90 -45.62 0.57
N ASP B 182 4.16 -46.91 0.68
CA ASP B 182 3.46 -47.91 -0.11
C ASP B 182 2.73 -48.91 0.81
N HIS B 183 2.12 -49.91 0.18
CA HIS B 183 1.36 -50.92 0.91
C HIS B 183 2.26 -51.95 1.59
N GLY B 184 3.53 -52.02 1.21
CA GLY B 184 4.46 -52.92 1.86
C GLY B 184 5.10 -52.40 3.12
N GLY B 185 4.89 -51.12 3.45
CA GLY B 185 5.47 -50.53 4.63
C GLY B 185 6.75 -49.76 4.41
N TYR B 186 7.14 -49.50 3.17
CA TYR B 186 8.37 -48.79 2.88
C TYR B 186 8.11 -47.29 2.72
N VAL B 187 9.08 -46.50 3.16
CA VAL B 187 9.04 -45.04 3.04
C VAL B 187 10.22 -44.61 2.18
N LYS B 188 9.95 -43.79 1.17
CA LYS B 188 10.96 -43.32 0.24
C LYS B 188 11.04 -41.80 0.27
N TYR B 189 12.24 -41.28 0.02
CA TYR B 189 12.50 -39.86 -0.07
C TYR B 189 12.76 -39.48 -1.52
N TRP B 190 12.14 -38.39 -1.97
CA TRP B 190 12.24 -37.95 -3.36
C TRP B 190 12.59 -36.47 -3.41
N GLN B 191 13.20 -36.07 -4.52
CA GLN B 191 13.51 -34.68 -4.82
C GLN B 191 12.58 -34.18 -5.92
N SER B 192 12.80 -32.92 -6.33
CA SER B 192 11.96 -32.34 -7.38
C SER B 192 12.14 -33.05 -8.71
N ASN B 193 13.36 -33.51 -9.02
CA ASN B 193 13.61 -34.23 -10.25
C ASN B 193 13.10 -35.66 -10.23
N MET B 194 12.38 -36.05 -9.18
CA MET B 194 11.79 -37.38 -9.04
C MET B 194 12.85 -38.47 -9.03
N ASN B 195 13.88 -38.25 -8.22
CA ASN B 195 14.95 -39.22 -8.01
C ASN B 195 14.91 -39.70 -6.57
N ASN B 196 14.90 -41.01 -6.38
CA ASN B 196 14.81 -41.60 -5.05
C ASN B 196 16.19 -41.63 -4.41
N VAL B 197 16.30 -41.04 -3.22
CA VAL B 197 17.59 -40.90 -2.55
C VAL B 197 17.69 -41.71 -1.26
N LYS B 198 16.57 -42.17 -0.70
CA LYS B 198 16.63 -42.95 0.52
C LYS B 198 15.37 -43.80 0.62
N MET B 199 15.52 -45.03 1.13
CA MET B 199 14.43 -45.96 1.29
C MET B 199 14.63 -46.75 2.57
N PHE B 200 13.54 -46.93 3.32
CA PHE B 200 13.58 -47.75 4.52
C PHE B 200 12.16 -48.23 4.82
N GLN B 201 12.07 -49.35 5.54
CA GLN B 201 10.79 -49.94 5.89
C GLN B 201 10.35 -49.38 7.24
N ALA B 202 9.27 -48.60 7.23
CA ALA B 202 8.78 -47.99 8.46
C ALA B 202 7.88 -48.93 9.25
N HIS B 203 7.04 -49.69 8.56
CA HIS B 203 6.11 -50.62 9.20
C HIS B 203 6.16 -51.95 8.48
N LYS B 204 5.75 -53.01 9.19
CA LYS B 204 5.62 -54.32 8.57
C LYS B 204 4.31 -54.48 7.83
N GLU B 205 3.36 -53.58 8.02
CA GLU B 205 2.08 -53.60 7.33
C GLU B 205 1.90 -52.32 6.52
N ALA B 206 0.77 -52.22 5.83
CA ALA B 206 0.53 -51.11 4.92
C ALA B 206 0.49 -49.79 5.66
N ILE B 207 1.20 -48.80 5.12
CA ILE B 207 1.17 -47.44 5.64
C ILE B 207 0.07 -46.67 4.92
N ARG B 208 -0.79 -46.01 5.70
CA ARG B 208 -1.94 -45.33 5.14
C ARG B 208 -1.72 -43.84 4.90
N GLU B 209 -0.90 -43.17 5.72
CA GLU B 209 -0.64 -41.76 5.52
C GLU B 209 0.67 -41.40 6.22
N ALA B 210 1.21 -40.25 5.83
CA ALA B 210 2.38 -39.66 6.48
C ALA B 210 2.22 -38.14 6.47
N SER B 211 2.88 -37.49 7.42
CA SER B 211 2.79 -36.04 7.54
C SER B 211 4.04 -35.51 8.23
N PHE B 212 4.56 -34.40 7.71
CA PHE B 212 5.76 -33.79 8.26
C PHE B 212 5.43 -32.94 9.49
N SER B 213 6.44 -32.73 10.33
CA SER B 213 6.34 -31.80 11.44
C SER B 213 6.33 -30.37 10.89
N PRO B 214 6.15 -29.36 11.75
CA PRO B 214 6.26 -27.98 11.25
C PRO B 214 7.57 -27.70 10.54
N THR B 215 8.67 -28.26 11.03
CA THR B 215 9.92 -28.30 10.30
C THR B 215 10.07 -29.66 9.62
N ASP B 216 11.18 -29.83 8.93
CA ASP B 216 11.44 -31.08 8.19
C ASP B 216 12.07 -32.16 9.06
N ASN B 217 12.32 -31.87 10.34
CA ASN B 217 13.14 -32.77 11.15
C ASN B 217 12.43 -34.08 11.46
N LYS B 218 11.11 -34.08 11.57
CA LYS B 218 10.38 -35.28 11.97
C LYS B 218 9.12 -35.44 11.13
N PHE B 219 8.66 -36.69 11.03
CA PHE B 219 7.38 -36.98 10.39
C PHE B 219 6.77 -38.20 11.07
N ALA B 220 5.47 -38.35 10.89
CA ALA B 220 4.70 -39.44 11.50
C ALA B 220 4.04 -40.28 10.41
N THR B 221 4.02 -41.60 10.63
CA THR B 221 3.35 -42.52 9.74
C THR B 221 2.32 -43.34 10.50
N CYS B 222 1.24 -43.68 9.83
CA CYS B 222 0.21 -44.55 10.36
C CYS B 222 0.13 -45.82 9.52
N SER B 223 -0.21 -46.93 10.16
CA SER B 223 -0.17 -48.22 9.47
C SER B 223 -1.33 -49.09 9.92
N ASP B 224 -1.43 -50.26 9.27
CA ASP B 224 -2.46 -51.24 9.57
C ASP B 224 -2.14 -52.07 10.81
N ASP B 225 -0.96 -51.91 11.40
CA ASP B 225 -0.62 -52.60 12.63
C ASP B 225 -1.20 -51.93 13.87
N GLY B 226 -1.96 -50.85 13.70
CA GLY B 226 -2.57 -50.17 14.82
C GLY B 226 -1.69 -49.18 15.53
N THR B 227 -0.56 -48.79 14.94
CA THR B 227 0.39 -47.92 15.60
C THR B 227 0.64 -46.67 14.77
N VAL B 228 1.09 -45.62 15.46
CA VAL B 228 1.63 -44.42 14.84
C VAL B 228 3.08 -44.32 15.29
N ARG B 229 3.98 -44.08 14.34
CA ARG B 229 5.41 -44.03 14.64
C ARG B 229 5.97 -42.66 14.24
N ILE B 230 6.79 -42.10 15.11
CA ILE B 230 7.46 -40.82 14.88
C ILE B 230 8.87 -41.11 14.38
N TRP B 231 9.26 -40.47 13.28
CA TRP B 231 10.52 -40.74 12.62
C TRP B 231 11.34 -39.47 12.49
N ASP B 232 12.66 -39.63 12.61
CA ASP B 232 13.61 -38.56 12.31
C ASP B 232 13.93 -38.63 10.82
N PHE B 233 13.71 -37.52 10.11
CA PHE B 233 13.79 -37.54 8.66
C PHE B 233 15.21 -37.83 8.18
N LEU B 234 16.20 -37.12 8.72
CA LEU B 234 17.57 -37.27 8.23
C LEU B 234 18.12 -38.66 8.55
N ARG B 235 17.95 -39.11 9.79
CA ARG B 235 18.55 -40.36 10.23
C ARG B 235 17.68 -41.57 9.98
N CYS B 236 16.43 -41.39 9.54
CA CYS B 236 15.51 -42.48 9.27
C CYS B 236 15.37 -43.39 10.50
N HIS B 237 15.31 -42.77 11.67
CA HIS B 237 15.33 -43.49 12.94
C HIS B 237 13.96 -43.38 13.61
N GLU B 238 13.51 -44.51 14.16
CA GLU B 238 12.23 -44.57 14.85
C GLU B 238 12.41 -44.00 16.26
N GLU B 239 11.68 -42.93 16.57
CA GLU B 239 11.79 -42.28 17.87
C GLU B 239 10.75 -42.81 18.86
N ARG B 240 9.47 -42.71 18.51
CA ARG B 240 8.39 -43.16 19.37
C ARG B 240 7.45 -44.06 18.60
N ILE B 241 6.83 -44.99 19.31
CA ILE B 241 5.78 -45.85 18.77
C ILE B 241 4.51 -45.56 19.56
N LEU B 242 3.51 -44.99 18.90
CA LEU B 242 2.27 -44.56 19.56
C LEU B 242 1.26 -45.69 19.45
N ARG B 243 1.01 -46.38 20.57
CA ARG B 243 0.07 -47.48 20.63
C ARG B 243 -1.13 -47.08 21.49
N GLY B 244 -2.28 -47.66 21.17
CA GLY B 244 -3.48 -47.40 21.95
C GLY B 244 -4.75 -47.34 21.13
N HIS B 245 -4.62 -47.32 19.80
CA HIS B 245 -5.80 -47.26 18.95
C HIS B 245 -6.62 -48.54 19.03
N GLY B 246 -5.96 -49.69 18.93
CA GLY B 246 -6.62 -50.98 19.01
C GLY B 246 -6.99 -51.57 17.65
N ALA B 247 -7.01 -50.76 16.61
CA ALA B 247 -7.26 -51.23 15.25
C ALA B 247 -6.37 -50.45 14.30
N ASP B 248 -6.43 -50.81 13.02
CA ASP B 248 -5.54 -50.20 12.04
C ASP B 248 -5.81 -48.71 11.90
N VAL B 249 -4.74 -47.92 11.95
CA VAL B 249 -4.83 -46.47 11.84
C VAL B 249 -4.92 -46.10 10.36
N LYS B 250 -5.96 -45.35 10.00
CA LYS B 250 -6.21 -45.02 8.60
C LYS B 250 -5.72 -43.65 8.20
N CYS B 251 -5.50 -42.75 9.15
CA CYS B 251 -5.06 -41.40 8.84
C CYS B 251 -4.28 -40.83 10.01
N VAL B 252 -3.45 -39.82 9.71
CA VAL B 252 -2.63 -39.15 10.71
C VAL B 252 -2.34 -37.75 10.21
N ASP B 253 -2.20 -36.81 11.15
CA ASP B 253 -1.91 -35.42 10.79
C ASP B 253 -1.09 -34.78 11.89
N TRP B 254 -0.14 -33.95 11.48
CA TRP B 254 0.70 -33.19 12.41
C TRP B 254 0.21 -31.75 12.49
N HIS B 255 0.20 -31.20 13.69
CA HIS B 255 -0.29 -29.85 13.87
C HIS B 255 0.63 -28.84 13.18
N PRO B 256 0.08 -27.78 12.58
CA PRO B 256 0.94 -26.80 11.90
C PRO B 256 1.97 -26.14 12.80
N THR B 257 1.63 -25.86 14.06
CA THR B 257 2.53 -25.13 14.95
C THR B 257 2.85 -25.88 16.23
N LYS B 258 1.84 -26.42 16.91
CA LYS B 258 2.00 -26.79 18.31
C LYS B 258 2.94 -27.97 18.49
N GLY B 259 2.94 -28.92 17.56
CA GLY B 259 3.63 -30.16 17.81
C GLY B 259 2.68 -31.18 18.41
N LEU B 260 1.58 -31.42 17.71
CA LEU B 260 0.53 -32.33 18.14
C LEU B 260 0.16 -33.22 16.97
N VAL B 261 -0.10 -34.50 17.27
CA VAL B 261 -0.39 -35.50 16.25
C VAL B 261 -1.78 -36.06 16.50
N VAL B 262 -2.61 -36.06 15.46
CA VAL B 262 -3.97 -36.58 15.51
C VAL B 262 -4.08 -37.73 14.51
N SER B 263 -4.69 -38.83 14.92
CA SER B 263 -4.83 -40.00 14.08
C SER B 263 -6.23 -40.56 14.15
N GLY B 264 -6.64 -41.23 13.07
CA GLY B 264 -7.89 -41.96 13.03
C GLY B 264 -7.69 -43.43 13.35
N SER B 265 -8.76 -44.20 13.15
CA SER B 265 -8.71 -45.63 13.41
C SER B 265 -9.97 -46.29 12.86
N LYS B 266 -9.99 -47.61 12.91
CA LYS B 266 -11.15 -48.39 12.51
C LYS B 266 -12.07 -48.75 13.67
N ASP B 267 -11.52 -49.04 14.85
CA ASP B 267 -12.34 -49.45 15.98
C ASP B 267 -13.03 -48.25 16.59
N SER B 268 -14.28 -48.46 17.03
CA SER B 268 -15.09 -47.37 17.58
C SER B 268 -14.69 -47.01 19.00
N GLN B 269 -13.92 -47.85 19.69
CA GLN B 269 -13.53 -47.54 21.06
C GLN B 269 -12.52 -46.40 21.10
N GLN B 270 -11.57 -46.38 20.16
CA GLN B 270 -10.57 -45.31 20.04
C GLN B 270 -10.55 -44.81 18.61
N PRO B 271 -11.58 -44.07 18.19
CA PRO B 271 -11.66 -43.65 16.78
C PRO B 271 -10.69 -42.53 16.42
N ILE B 272 -10.48 -41.60 17.33
CA ILE B 272 -9.55 -40.48 17.12
C ILE B 272 -8.73 -40.30 18.40
N LYS B 273 -7.41 -40.17 18.23
CA LYS B 273 -6.50 -40.01 19.35
C LYS B 273 -5.60 -38.80 19.10
N PHE B 274 -5.21 -38.15 20.19
CA PHE B 274 -4.28 -37.03 20.16
C PHE B 274 -3.00 -37.45 20.86
N TRP B 275 -1.87 -37.15 20.25
CA TRP B 275 -0.57 -37.64 20.70
C TRP B 275 0.40 -36.49 20.90
N ASP B 276 1.36 -36.70 21.81
CA ASP B 276 2.48 -35.80 21.97
C ASP B 276 3.70 -36.45 21.32
N PRO B 277 4.21 -35.93 20.21
CA PRO B 277 5.33 -36.60 19.53
C PRO B 277 6.59 -36.71 20.37
N LYS B 278 6.87 -35.73 21.23
CA LYS B 278 8.10 -35.76 22.02
C LYS B 278 8.06 -36.86 23.07
N THR B 279 6.97 -36.92 23.83
CA THR B 279 6.85 -37.90 24.91
C THR B 279 6.23 -39.21 24.46
N GLY B 280 5.48 -39.21 23.36
CA GLY B 280 4.86 -40.43 22.89
C GLY B 280 3.66 -40.88 23.68
N GLN B 281 3.03 -39.99 24.43
CA GLN B 281 1.91 -40.34 25.30
C GLN B 281 0.63 -39.72 24.77
N SER B 282 -0.48 -40.46 24.91
CA SER B 282 -1.77 -40.00 24.43
C SER B 282 -2.25 -38.81 25.27
N LEU B 283 -2.81 -37.81 24.60
CA LEU B 283 -3.32 -36.62 25.25
C LEU B 283 -4.84 -36.61 25.37
N ALA B 284 -5.55 -37.13 24.38
CA ALA B 284 -7.01 -37.16 24.42
C ALA B 284 -7.51 -38.23 23.47
N THR B 285 -8.75 -38.66 23.72
CA THR B 285 -9.47 -39.56 22.83
C THR B 285 -10.79 -38.91 22.46
N LEU B 286 -11.04 -38.79 21.16
CA LEU B 286 -12.22 -38.11 20.64
C LEU B 286 -13.14 -39.15 19.99
N HIS B 287 -14.27 -39.41 20.64
CA HIS B 287 -15.27 -40.35 20.11
C HIS B 287 -16.17 -39.63 19.10
N ALA B 288 -15.55 -39.19 18.01
CA ALA B 288 -16.24 -38.37 17.02
C ALA B 288 -17.23 -39.18 16.20
N HIS B 289 -16.85 -40.37 15.77
CA HIS B 289 -17.64 -41.15 14.84
C HIS B 289 -17.83 -42.56 15.36
N LYS B 290 -18.92 -43.18 14.91
CA LYS B 290 -19.22 -44.57 15.25
C LYS B 290 -18.69 -45.56 14.22
N ASN B 291 -18.14 -45.08 13.12
CA ASN B 291 -17.56 -45.93 12.08
C ASN B 291 -16.10 -45.53 11.84
N THR B 292 -15.48 -46.19 10.87
CA THR B 292 -14.08 -45.94 10.58
C THR B 292 -13.85 -44.49 10.17
N VAL B 293 -12.83 -43.87 10.75
CA VAL B 293 -12.46 -42.50 10.42
C VAL B 293 -11.47 -42.54 9.27
N MET B 294 -11.84 -41.92 8.15
CA MET B 294 -11.02 -41.98 6.94
C MET B 294 -10.05 -40.82 6.81
N GLU B 295 -10.40 -39.64 7.34
CA GLU B 295 -9.58 -38.45 7.19
C GLU B 295 -9.51 -37.69 8.50
N VAL B 296 -8.32 -37.17 8.81
CA VAL B 296 -8.14 -36.17 9.84
C VAL B 296 -7.28 -35.06 9.23
N LYS B 297 -7.80 -33.84 9.21
CA LYS B 297 -7.11 -32.71 8.58
C LYS B 297 -7.20 -31.50 9.50
N LEU B 298 -6.06 -31.09 10.04
CA LEU B 298 -5.99 -29.90 10.87
C LEU B 298 -5.88 -28.67 9.99
N ASN B 299 -6.74 -27.69 10.23
CA ASN B 299 -6.71 -26.45 9.47
C ASN B 299 -5.43 -25.68 9.77
N LEU B 300 -4.99 -24.90 8.78
CA LEU B 300 -3.76 -24.13 8.92
C LEU B 300 -3.86 -23.04 9.98
N ASN B 301 -5.07 -22.71 10.44
CA ASN B 301 -5.21 -21.74 11.52
C ASN B 301 -4.84 -22.30 12.88
N GLY B 302 -4.72 -23.63 13.00
CA GLY B 302 -4.35 -24.24 14.25
C GLY B 302 -5.47 -24.41 15.24
N ASN B 303 -6.72 -24.17 14.83
CA ASN B 303 -7.86 -24.28 15.72
C ASN B 303 -8.81 -25.42 15.37
N TRP B 304 -8.93 -25.76 14.10
CA TRP B 304 -9.97 -26.65 13.62
C TRP B 304 -9.40 -28.02 13.24
N LEU B 305 -10.13 -29.06 13.61
CA LEU B 305 -9.87 -30.42 13.17
C LEU B 305 -11.02 -30.87 12.28
N LEU B 306 -10.70 -31.24 11.04
CA LEU B 306 -11.69 -31.74 10.10
C LEU B 306 -11.55 -33.24 10.00
N THR B 307 -12.69 -33.94 10.11
CA THR B 307 -12.70 -35.40 10.08
C THR B 307 -13.69 -35.89 9.04
N ALA B 308 -13.40 -37.06 8.48
CA ALA B 308 -14.30 -37.77 7.59
C ALA B 308 -14.40 -39.21 8.06
N SER B 309 -15.55 -39.83 7.82
CA SER B 309 -15.78 -41.16 8.35
C SER B 309 -16.69 -41.94 7.41
N ARG B 310 -16.76 -43.25 7.67
CA ARG B 310 -17.63 -44.13 6.90
C ARG B 310 -19.08 -44.07 7.33
N ASP B 311 -19.40 -43.31 8.38
CA ASP B 311 -20.78 -43.09 8.79
C ASP B 311 -21.48 -41.99 7.97
N HIS B 312 -20.91 -41.65 6.81
CA HIS B 312 -21.47 -40.70 5.86
C HIS B 312 -21.43 -39.26 6.37
N LEU B 313 -20.51 -38.93 7.28
CA LEU B 313 -20.49 -37.64 7.92
C LEU B 313 -19.09 -37.04 7.92
N CYS B 314 -19.04 -35.72 7.82
CA CYS B 314 -17.85 -34.93 8.08
C CYS B 314 -18.11 -34.02 9.27
N LYS B 315 -17.13 -33.90 10.16
CA LYS B 315 -17.30 -33.14 11.39
C LYS B 315 -16.14 -32.17 11.56
N LEU B 316 -16.44 -31.03 12.19
CA LEU B 316 -15.45 -30.03 12.55
C LEU B 316 -15.33 -29.95 14.05
N PHE B 317 -14.10 -29.87 14.53
CA PHE B 317 -13.83 -29.80 15.96
C PHE B 317 -12.88 -28.64 16.25
N ASP B 318 -13.07 -28.04 17.42
CA ASP B 318 -12.14 -27.05 17.96
C ASP B 318 -11.22 -27.78 18.93
N ILE B 319 -9.93 -27.87 18.58
CA ILE B 319 -9.00 -28.64 19.40
C ILE B 319 -8.76 -27.98 20.75
N ARG B 320 -9.11 -26.70 20.90
CA ARG B 320 -9.05 -26.04 22.20
C ARG B 320 -10.21 -26.43 23.10
N ASN B 321 -11.26 -27.02 22.55
CA ASN B 321 -12.42 -27.46 23.34
C ASN B 321 -13.00 -28.69 22.65
N LEU B 322 -12.58 -29.87 23.10
CA LEU B 322 -12.93 -31.12 22.47
C LEU B 322 -14.19 -31.76 23.06
N LYS B 323 -14.85 -31.09 23.99
CA LYS B 323 -16.04 -31.66 24.63
C LYS B 323 -17.27 -31.60 23.75
N GLU B 324 -17.25 -30.84 22.66
CA GLU B 324 -18.41 -30.72 21.79
C GLU B 324 -17.94 -30.53 20.35
N GLU B 325 -18.83 -30.88 19.43
CA GLU B 325 -18.56 -30.74 18.01
C GLU B 325 -18.86 -29.33 17.54
N LEU B 326 -17.96 -28.77 16.72
CA LEU B 326 -18.22 -27.45 16.16
C LEU B 326 -19.34 -27.48 15.12
N GLN B 327 -19.30 -28.47 14.23
CA GLN B 327 -20.26 -28.53 13.14
C GLN B 327 -20.26 -29.95 12.56
N VAL B 328 -21.43 -30.38 12.11
CA VAL B 328 -21.58 -31.65 11.41
C VAL B 328 -22.02 -31.35 9.99
N PHE B 329 -21.31 -31.90 9.01
CA PHE B 329 -21.57 -31.64 7.60
C PHE B 329 -22.31 -32.85 7.03
N ARG B 330 -23.61 -32.70 6.80
CA ARG B 330 -24.46 -33.76 6.27
C ARG B 330 -24.80 -33.46 4.83
N GLY B 331 -24.87 -34.52 4.01
CA GLY B 331 -25.12 -34.36 2.60
C GLY B 331 -24.44 -35.39 1.73
N HIS B 332 -23.49 -36.14 2.29
CA HIS B 332 -22.91 -37.28 1.60
C HIS B 332 -23.87 -38.46 1.73
N LYS B 333 -24.34 -38.98 0.59
CA LYS B 333 -25.24 -40.12 0.63
C LYS B 333 -24.53 -41.38 1.08
N LYS B 334 -23.24 -41.50 0.75
CA LYS B 334 -22.41 -42.64 1.13
C LYS B 334 -21.26 -42.16 2.01
N GLU B 335 -20.30 -43.05 2.24
CA GLU B 335 -19.17 -42.74 3.11
C GLU B 335 -18.37 -41.56 2.58
N ALA B 336 -17.90 -40.71 3.49
CA ALA B 336 -17.00 -39.62 3.15
C ALA B 336 -15.56 -40.15 3.25
N THR B 337 -14.87 -40.18 2.11
CA THR B 337 -13.58 -40.84 2.03
C THR B 337 -12.41 -39.90 1.81
N ALA B 338 -12.65 -38.62 1.53
CA ALA B 338 -11.56 -37.68 1.27
C ALA B 338 -12.04 -36.27 1.54
N VAL B 339 -11.17 -35.48 2.18
CA VAL B 339 -11.41 -34.06 2.40
C VAL B 339 -10.15 -33.29 2.04
N ALA B 340 -10.31 -31.99 1.79
CA ALA B 340 -9.18 -31.13 1.45
C ALA B 340 -9.50 -29.66 1.73
N TRP B 341 -8.78 -29.06 2.66
CA TRP B 341 -8.93 -27.64 2.92
C TRP B 341 -8.45 -26.81 1.73
N HIS B 342 -9.13 -25.69 1.48
CA HIS B 342 -8.69 -24.79 0.43
C HIS B 342 -7.43 -24.05 0.86
N PRO B 343 -6.45 -23.90 -0.04
CA PRO B 343 -5.19 -23.23 0.34
C PRO B 343 -5.35 -21.75 0.66
N VAL B 344 -6.42 -21.11 0.21
CA VAL B 344 -6.60 -19.68 0.37
C VAL B 344 -7.73 -19.34 1.33
N HIS B 345 -8.92 -19.89 1.10
CA HIS B 345 -10.07 -19.64 1.97
C HIS B 345 -10.04 -20.64 3.12
N GLU B 346 -9.91 -20.13 4.35
CA GLU B 346 -9.69 -21.00 5.49
C GLU B 346 -10.97 -21.72 5.96
N GLY B 347 -12.13 -21.26 5.54
CA GLY B 347 -13.37 -21.92 5.93
C GLY B 347 -13.86 -22.89 4.88
N LEU B 348 -13.27 -22.84 3.70
CA LEU B 348 -13.74 -23.62 2.55
C LEU B 348 -12.94 -24.92 2.44
N PHE B 349 -13.63 -26.03 2.21
CA PHE B 349 -12.98 -27.29 1.93
C PHE B 349 -13.88 -28.12 1.02
N ALA B 350 -13.27 -29.09 0.36
CA ALA B 350 -13.97 -30.02 -0.51
C ALA B 350 -13.97 -31.41 0.13
N SER B 351 -14.98 -32.21 -0.21
CA SER B 351 -15.15 -33.53 0.35
C SER B 351 -15.42 -34.53 -0.76
N GLY B 352 -14.89 -35.75 -0.58
CA GLY B 352 -15.08 -36.82 -1.54
C GLY B 352 -15.78 -37.99 -0.91
N GLY B 353 -16.53 -38.73 -1.73
CA GLY B 353 -17.35 -39.82 -1.23
C GLY B 353 -17.08 -41.11 -1.97
N SER B 354 -17.47 -42.22 -1.33
CA SER B 354 -17.27 -43.55 -1.91
C SER B 354 -18.16 -43.78 -3.13
N ASP B 355 -19.23 -43.01 -3.28
CA ASP B 355 -20.11 -43.13 -4.43
C ASP B 355 -19.65 -42.28 -5.61
N GLY B 356 -18.55 -41.55 -5.47
CA GLY B 356 -18.06 -40.69 -6.53
C GLY B 356 -18.56 -39.27 -6.50
N SER B 357 -19.13 -38.82 -5.38
CA SER B 357 -19.61 -37.46 -5.26
C SER B 357 -18.50 -36.55 -4.73
N LEU B 358 -18.61 -35.26 -5.07
CA LEU B 358 -17.61 -34.26 -4.68
C LEU B 358 -18.35 -33.01 -4.23
N LEU B 359 -18.38 -32.78 -2.92
CA LEU B 359 -19.15 -31.70 -2.32
C LEU B 359 -18.24 -30.63 -1.77
N PHE B 360 -18.78 -29.43 -1.63
CA PHE B 360 -18.05 -28.27 -1.12
C PHE B 360 -18.76 -27.71 0.10
N TRP B 361 -17.99 -27.38 1.12
CA TRP B 361 -18.53 -26.89 2.38
C TRP B 361 -17.77 -25.66 2.83
N HIS B 362 -18.43 -24.86 3.67
CA HIS B 362 -17.80 -23.72 4.32
C HIS B 362 -18.13 -23.75 5.80
N VAL B 363 -17.16 -23.31 6.61
CA VAL B 363 -17.34 -23.28 8.05
C VAL B 363 -18.37 -22.23 8.41
N GLY B 364 -19.34 -22.60 9.24
CA GLY B 364 -20.43 -21.72 9.61
C GLY B 364 -21.65 -21.80 8.72
N VAL B 365 -21.61 -22.61 7.66
CA VAL B 365 -22.73 -22.79 6.75
C VAL B 365 -23.24 -24.21 6.91
N GLU B 366 -24.56 -24.35 7.08
CA GLU B 366 -25.13 -25.65 7.43
C GLU B 366 -25.06 -26.62 6.26
N LYS B 367 -25.59 -26.23 5.11
CA LYS B 367 -25.64 -27.11 3.95
C LYS B 367 -24.43 -26.88 3.05
N GLU B 368 -24.26 -27.78 2.10
CA GLU B 368 -23.13 -27.68 1.17
C GLU B 368 -23.29 -26.46 0.26
N VAL B 369 -22.18 -25.76 0.02
CA VAL B 369 -22.18 -24.61 -0.88
C VAL B 369 -22.06 -25.01 -2.32
N GLY B 370 -21.96 -26.31 -2.61
CA GLY B 370 -21.84 -26.80 -3.97
C GLY B 370 -21.54 -28.27 -3.92
N GLY B 371 -21.62 -28.90 -5.10
CA GLY B 371 -21.35 -30.32 -5.16
C GLY B 371 -21.54 -30.85 -6.56
N MET B 372 -21.13 -32.11 -6.73
CA MET B 372 -21.24 -32.83 -8.00
C MET B 372 -21.58 -34.28 -7.70
N GLU B 373 -22.85 -34.63 -7.75
CA GLU B 373 -23.24 -36.04 -7.69
C GLU B 373 -22.68 -36.76 -8.90
N MET B 374 -22.05 -37.92 -8.66
CA MET B 374 -21.44 -38.71 -9.72
C MET B 374 -20.34 -37.95 -10.43
N ALA B 375 -19.51 -37.25 -9.66
CA ALA B 375 -18.31 -36.63 -10.21
C ALA B 375 -17.32 -37.70 -10.70
N HIS B 376 -17.20 -38.78 -9.94
CA HIS B 376 -16.43 -39.96 -10.33
C HIS B 376 -17.34 -41.17 -10.29
N GLU B 377 -16.86 -42.28 -10.85
CA GLU B 377 -17.55 -43.56 -10.79
C GLU B 377 -16.72 -44.48 -9.90
N GLY B 378 -16.94 -44.37 -8.59
CA GLY B 378 -16.14 -45.09 -7.62
C GLY B 378 -15.62 -44.17 -6.53
N MET B 379 -15.04 -44.79 -5.52
CA MET B 379 -14.56 -44.06 -4.35
C MET B 379 -13.49 -43.04 -4.73
N ILE B 380 -13.66 -41.81 -4.27
CA ILE B 380 -12.67 -40.76 -4.45
C ILE B 380 -11.66 -40.89 -3.32
N TRP B 381 -10.41 -41.23 -3.67
CA TRP B 381 -9.42 -41.55 -2.65
C TRP B 381 -8.73 -40.30 -2.12
N SER B 382 -8.42 -39.33 -2.98
CA SER B 382 -7.68 -38.16 -2.57
C SER B 382 -8.16 -36.93 -3.32
N LEU B 383 -7.99 -35.78 -2.68
CA LEU B 383 -8.29 -34.48 -3.25
C LEU B 383 -7.08 -33.57 -3.07
N ALA B 384 -6.75 -32.80 -4.10
CA ALA B 384 -5.60 -31.92 -4.05
C ALA B 384 -5.95 -30.60 -4.74
N TRP B 385 -5.87 -29.51 -4.00
CA TRP B 385 -6.04 -28.18 -4.58
C TRP B 385 -4.73 -27.70 -5.17
N HIS B 386 -4.83 -27.04 -6.33
CA HIS B 386 -3.69 -26.34 -6.88
C HIS B 386 -3.24 -25.26 -5.89
N PRO B 387 -1.94 -24.99 -5.78
CA PRO B 387 -1.47 -24.03 -4.78
C PRO B 387 -2.11 -22.66 -4.89
N LEU B 388 -2.51 -22.24 -6.09
CA LEU B 388 -3.22 -20.98 -6.24
C LEU B 388 -4.67 -21.08 -5.78
N GLY B 389 -5.26 -22.28 -5.84
CA GLY B 389 -6.61 -22.50 -5.38
C GLY B 389 -7.69 -22.44 -6.44
N HIS B 390 -7.33 -22.30 -7.72
CA HIS B 390 -8.30 -22.21 -8.79
C HIS B 390 -8.59 -23.55 -9.46
N ILE B 391 -7.84 -24.59 -9.12
CA ILE B 391 -8.02 -25.92 -9.70
C ILE B 391 -8.02 -26.94 -8.57
N LEU B 392 -8.96 -27.89 -8.65
CA LEU B 392 -9.02 -29.02 -7.73
C LEU B 392 -8.86 -30.30 -8.53
N CYS B 393 -8.00 -31.19 -8.07
CA CYS B 393 -7.79 -32.49 -8.69
C CYS B 393 -8.28 -33.60 -7.77
N SER B 394 -8.95 -34.59 -8.34
CA SER B 394 -9.46 -35.73 -7.60
C SER B 394 -8.94 -37.03 -8.19
N GLY B 395 -8.54 -37.94 -7.32
CA GLY B 395 -8.17 -39.29 -7.71
C GLY B 395 -9.20 -40.27 -7.18
N SER B 396 -9.61 -41.20 -8.04
CA SER B 396 -10.74 -42.07 -7.74
C SER B 396 -10.35 -43.53 -7.86
N ASN B 397 -11.21 -44.40 -7.32
CA ASN B 397 -11.03 -45.83 -7.46
C ASN B 397 -11.21 -46.27 -8.91
N ASP B 398 -12.07 -45.57 -9.65
CA ASP B 398 -12.03 -45.69 -11.10
C ASP B 398 -10.69 -45.15 -11.60
N HIS B 399 -10.16 -45.78 -12.64
CA HIS B 399 -8.77 -45.58 -13.03
C HIS B 399 -8.59 -44.26 -13.78
N THR B 400 -9.04 -43.18 -13.15
CA THR B 400 -8.99 -41.85 -13.75
C THR B 400 -8.67 -40.81 -12.69
N SER B 401 -8.20 -39.66 -13.15
CA SER B 401 -7.98 -38.47 -12.33
C SER B 401 -8.54 -37.27 -13.07
N LYS B 402 -9.34 -36.47 -12.39
CA LYS B 402 -10.07 -35.39 -13.03
C LYS B 402 -9.67 -34.04 -12.44
N PHE B 403 -9.74 -33.01 -13.28
CA PHE B 403 -9.41 -31.64 -12.90
C PHE B 403 -10.67 -30.78 -12.97
N TRP B 404 -10.85 -29.93 -11.96
CA TRP B 404 -12.01 -29.07 -11.86
C TRP B 404 -11.56 -27.64 -11.60
N THR B 405 -12.22 -26.69 -12.25
CA THR B 405 -11.88 -25.29 -12.10
C THR B 405 -13.13 -24.49 -11.81
N ARG B 406 -12.94 -23.20 -11.54
CA ARG B 406 -14.04 -22.31 -11.23
C ARG B 406 -14.94 -22.13 -12.45
N ASN B 407 -16.23 -21.96 -12.20
CA ASN B 407 -17.20 -21.76 -13.27
C ASN B 407 -17.04 -20.38 -13.89
N ARG B 408 -17.14 -20.32 -15.20
CA ARG B 408 -16.94 -19.05 -15.89
C ARG B 408 -18.21 -18.21 -15.84
N PRO B 409 -18.08 -16.90 -15.60
CA PRO B 409 -19.26 -16.03 -15.62
C PRO B 409 -19.96 -16.09 -16.98
N GLY B 410 -21.29 -16.06 -16.93
CA GLY B 410 -22.07 -16.18 -18.14
C GLY B 410 -22.26 -17.60 -18.64
N ASP B 411 -21.98 -18.59 -17.80
CA ASP B 411 -22.13 -20.00 -18.16
C ASP B 411 -23.47 -20.51 -17.66
N LYS B 412 -24.29 -21.04 -18.57
CA LYS B 412 -25.50 -21.75 -18.20
C LYS B 412 -25.10 -23.18 -17.87
N MET B 413 -24.96 -23.47 -16.58
CA MET B 413 -24.35 -24.72 -16.13
C MET B 413 -25.26 -25.90 -16.36
N ARG B 414 -25.45 -26.27 -17.63
CA ARG B 414 -26.35 -27.36 -18.02
C ARG B 414 -25.61 -28.64 -18.36
N ASP B 415 -24.32 -28.74 -18.04
CA ASP B 415 -23.57 -29.93 -18.38
C ASP B 415 -23.91 -31.07 -17.43
N ARG B 416 -23.34 -32.24 -17.71
CA ARG B 416 -23.68 -33.46 -16.98
C ARG B 416 -23.34 -33.38 -15.50
N TYR B 417 -22.36 -32.56 -15.12
CA TYR B 417 -21.95 -32.46 -13.72
C TYR B 417 -22.74 -31.40 -12.96
N ASN B 418 -23.54 -30.58 -13.63
CA ASN B 418 -24.29 -29.53 -12.96
C ASN B 418 -25.80 -29.74 -13.07
N LEU B 419 -26.34 -29.85 -14.28
CA LEU B 419 -27.78 -29.98 -14.46
C LEU B 419 -28.10 -30.97 -15.59
N MET C 1 20.02 5.00 -13.46
CA MET C 1 20.03 6.15 -12.56
C MET C 1 20.25 5.71 -11.12
N GLN C 2 19.73 4.53 -10.80
CA GLN C 2 19.88 3.99 -9.45
C GLN C 2 21.35 3.75 -9.10
N GLU C 3 22.11 3.19 -10.05
CA GLU C 3 23.53 2.95 -9.82
C GLU C 3 24.36 4.22 -9.93
N ILE C 4 23.84 5.26 -10.59
CA ILE C 4 24.55 6.52 -10.66
C ILE C 4 24.55 7.22 -9.31
N ILE C 5 23.39 7.25 -8.64
CA ILE C 5 23.28 7.98 -7.38
C ILE C 5 23.66 7.10 -6.19
N ALA C 6 23.34 5.80 -6.24
CA ALA C 6 23.62 4.87 -5.14
C ALA C 6 24.35 3.66 -5.72
N SER C 7 25.67 3.76 -5.83
CA SER C 7 26.49 2.68 -6.34
C SER C 7 27.01 1.83 -5.18
N VAL C 8 27.12 0.52 -5.45
CA VAL C 8 27.59 -0.44 -4.46
C VAL C 8 28.83 -1.19 -4.93
N ASP C 9 29.46 -0.73 -6.00
CA ASP C 9 30.64 -1.41 -6.54
C ASP C 9 31.83 -1.33 -5.59
N HIS C 10 31.86 -0.35 -4.70
CA HIS C 10 32.96 -0.16 -3.76
C HIS C 10 32.72 -0.87 -2.43
N ILE C 11 31.61 -1.56 -2.27
CA ILE C 11 31.24 -2.21 -1.02
C ILE C 11 31.40 -3.71 -1.17
N LYS C 12 32.18 -4.33 -0.29
CA LYS C 12 32.31 -5.78 -0.24
C LYS C 12 31.30 -6.31 0.77
N PHE C 13 30.33 -7.08 0.29
CA PHE C 13 29.23 -7.55 1.12
C PHE C 13 29.55 -8.89 1.79
N ASP C 14 29.00 -9.07 2.99
CA ASP C 14 29.14 -10.35 3.68
C ASP C 14 28.49 -11.48 2.90
N LEU C 15 27.44 -11.18 2.13
CA LEU C 15 26.87 -12.19 1.24
C LEU C 15 27.90 -12.64 0.20
N GLU C 16 28.63 -11.69 -0.39
CA GLU C 16 29.66 -12.04 -1.36
C GLU C 16 30.77 -12.83 -0.71
N ILE C 17 31.18 -12.45 0.50
CA ILE C 17 32.22 -13.20 1.21
C ILE C 17 31.75 -14.61 1.53
N ALA C 18 30.47 -14.76 1.88
CA ALA C 18 29.95 -16.07 2.25
C ALA C 18 29.84 -17.00 1.05
N VAL C 19 29.34 -16.50 -0.08
CA VAL C 19 29.18 -17.36 -1.25
C VAL C 19 30.53 -17.77 -1.81
N GLU C 20 31.51 -16.85 -1.81
CA GLU C 20 32.83 -17.16 -2.34
C GLU C 20 33.53 -18.24 -1.52
N GLN C 21 33.42 -18.17 -0.20
CA GLN C 21 34.10 -19.10 0.69
C GLN C 21 33.23 -20.30 1.07
N GLN C 22 32.01 -20.38 0.52
CA GLN C 22 31.08 -21.48 0.83
C GLN C 22 30.86 -21.61 2.33
N LEU C 23 30.70 -20.47 3.00
CA LEU C 23 30.50 -20.48 4.45
C LEU C 23 29.17 -21.12 4.79
N GLY C 24 29.17 -21.95 5.82
CA GLY C 24 27.97 -22.64 6.27
C GLY C 24 27.60 -23.86 5.47
N ALA C 25 28.36 -24.20 4.43
CA ALA C 25 28.06 -25.36 3.62
C ALA C 25 28.26 -26.65 4.42
N GLN C 26 27.34 -27.59 4.24
CA GLN C 26 27.39 -28.87 4.93
C GLN C 26 27.19 -30.00 3.94
N PRO C 27 27.77 -31.17 4.22
CA PRO C 27 27.66 -32.29 3.27
C PRO C 27 26.21 -32.71 3.05
N LEU C 28 25.91 -33.08 1.81
CA LEU C 28 24.58 -33.57 1.49
C LEU C 28 24.38 -34.96 2.10
N PRO C 29 23.30 -35.19 2.84
CA PRO C 29 22.92 -36.56 3.17
C PRO C 29 22.27 -37.24 1.97
N PHE C 30 21.97 -38.54 2.07
CA PHE C 30 21.32 -39.26 0.97
C PHE C 30 22.13 -39.09 -0.31
N PRO C 31 23.25 -39.82 -0.45
CA PRO C 31 24.25 -39.52 -1.49
C PRO C 31 23.74 -39.12 -2.87
N GLY C 32 22.65 -39.73 -3.33
CA GLY C 32 22.22 -39.53 -4.69
C GLY C 32 21.48 -38.22 -4.99
N MET C 33 21.73 -37.18 -4.20
CA MET C 33 21.04 -35.92 -4.42
C MET C 33 21.47 -35.27 -5.73
N ASP C 34 20.57 -34.48 -6.32
CA ASP C 34 20.73 -34.03 -7.70
C ASP C 34 21.74 -32.90 -7.84
N LYS C 35 21.79 -31.98 -6.86
CA LYS C 35 22.57 -30.75 -6.90
C LYS C 35 22.08 -29.77 -7.95
N SER C 36 20.93 -30.03 -8.57
CA SER C 36 20.41 -29.12 -9.59
C SER C 36 19.93 -27.83 -8.96
N GLY C 37 20.21 -26.71 -9.63
CA GLY C 37 19.91 -25.40 -9.07
C GLY C 37 20.91 -24.92 -8.06
N ALA C 38 22.08 -25.54 -7.96
CA ALA C 38 23.12 -25.16 -7.02
C ALA C 38 24.31 -24.60 -7.78
N ALA C 39 25.06 -23.72 -7.11
CA ALA C 39 26.25 -23.14 -7.71
C ALA C 39 27.33 -24.20 -7.91
N VAL C 40 28.17 -23.99 -8.93
CA VAL C 40 29.30 -24.88 -9.15
C VAL C 40 30.33 -24.64 -8.05
N CYS C 41 31.12 -25.68 -7.76
CA CYS C 41 32.10 -25.61 -6.69
C CYS C 41 33.35 -24.90 -7.20
N GLU C 42 33.61 -23.71 -6.66
CA GLU C 42 34.80 -22.96 -7.07
C GLU C 42 36.08 -23.65 -6.59
N PHE C 43 36.05 -24.23 -5.40
CA PHE C 43 37.23 -24.91 -4.86
C PHE C 43 37.61 -26.09 -5.73
N PHE C 44 36.62 -26.89 -6.16
CA PHE C 44 36.89 -28.06 -6.99
C PHE C 44 37.55 -27.67 -8.31
N LEU C 45 37.03 -26.63 -8.96
CA LEU C 45 37.64 -26.16 -10.21
C LEU C 45 39.03 -25.60 -9.96
N LYS C 46 39.22 -24.85 -8.88
CA LYS C 46 40.48 -24.13 -8.69
C LYS C 46 41.59 -25.06 -8.18
N ALA C 47 41.46 -25.55 -6.95
CA ALA C 47 42.48 -26.44 -6.40
C ALA C 47 41.91 -27.78 -5.97
N ALA C 48 40.92 -27.80 -5.07
CA ALA C 48 40.39 -29.03 -4.52
C ALA C 48 39.13 -28.75 -3.70
N CYS C 49 38.06 -29.49 -3.96
CA CYS C 49 36.84 -29.32 -3.18
C CYS C 49 37.04 -29.76 -1.74
N GLY C 50 37.67 -30.91 -1.54
CA GLY C 50 37.84 -31.46 -0.21
C GLY C 50 36.78 -32.47 0.17
N LYS C 51 35.50 -32.07 0.12
CA LYS C 51 34.42 -32.96 0.52
C LYS C 51 34.35 -34.19 -0.37
N GLY C 52 34.00 -34.01 -1.64
CA GLY C 52 34.04 -35.07 -2.61
C GLY C 52 32.76 -35.88 -2.65
N GLY C 53 31.99 -35.76 -3.72
CA GLY C 53 30.80 -36.56 -3.90
C GLY C 53 29.64 -36.13 -3.02
N MET C 54 29.95 -35.62 -1.83
CA MET C 54 28.95 -35.15 -0.88
C MET C 54 28.85 -33.64 -0.81
N CYS C 55 29.66 -32.93 -1.59
CA CYS C 55 29.60 -31.47 -1.60
C CYS C 55 28.25 -31.02 -2.15
N PRO C 56 27.61 -30.03 -1.52
CA PRO C 56 26.35 -29.52 -2.07
C PRO C 56 26.51 -28.85 -3.43
N PHE C 57 27.72 -28.48 -3.81
CA PHE C 57 27.97 -27.74 -5.03
C PHE C 57 28.46 -28.65 -6.15
N ARG C 58 28.15 -28.27 -7.37
CA ARG C 58 28.41 -29.12 -8.53
C ARG C 58 29.91 -29.25 -8.80
N HIS C 59 30.31 -30.47 -9.17
CA HIS C 59 31.66 -30.75 -9.66
C HIS C 59 31.53 -31.13 -11.14
N ILE C 60 31.99 -30.25 -12.02
CA ILE C 60 31.73 -30.37 -13.44
C ILE C 60 32.96 -30.94 -14.14
N SER C 61 32.73 -31.47 -15.35
CA SER C 61 33.79 -31.99 -16.20
C SER C 61 33.62 -31.44 -17.61
N GLY C 62 34.74 -31.23 -18.28
CA GLY C 62 34.72 -30.63 -19.61
C GLY C 62 34.65 -31.63 -20.75
N GLU C 63 33.64 -32.50 -20.72
CA GLU C 63 33.47 -33.51 -21.76
C GLU C 63 32.04 -33.55 -22.30
N LYS C 64 31.24 -32.53 -22.03
CA LYS C 64 29.85 -32.50 -22.45
C LYS C 64 29.67 -31.54 -23.62
N THR C 65 29.06 -32.03 -24.70
CA THR C 65 28.83 -31.23 -25.90
C THR C 65 27.37 -31.15 -26.30
N VAL C 66 26.47 -31.89 -25.65
CA VAL C 66 25.05 -31.90 -25.99
C VAL C 66 24.27 -31.55 -24.72
N VAL C 67 23.31 -30.64 -24.86
CA VAL C 67 22.50 -30.22 -23.72
C VAL C 67 21.65 -31.39 -23.24
N CYS C 68 21.53 -31.52 -21.92
CA CYS C 68 20.73 -32.58 -21.31
C CYS C 68 19.25 -32.25 -21.46
N LYS C 69 18.52 -33.12 -22.17
CA LYS C 69 17.10 -32.88 -22.39
C LYS C 69 16.26 -33.15 -21.15
N HIS C 70 16.72 -33.99 -20.23
CA HIS C 70 16.01 -34.19 -18.98
C HIS C 70 16.19 -32.99 -18.05
N TRP C 71 17.39 -32.40 -18.06
CA TRP C 71 17.65 -31.22 -17.25
C TRP C 71 16.78 -30.04 -17.68
N LEU C 72 16.45 -29.95 -18.97
CA LEU C 72 15.56 -28.89 -19.43
C LEU C 72 14.15 -29.08 -18.89
N ARG C 73 13.66 -30.33 -18.87
CA ARG C 73 12.36 -30.61 -18.26
C ARG C 73 12.41 -30.58 -16.74
N GLY C 74 13.60 -30.52 -16.15
CA GLY C 74 13.72 -30.46 -14.71
C GLY C 74 13.71 -31.79 -14.00
N LEU C 75 13.91 -32.89 -14.72
CA LEU C 75 13.91 -34.24 -14.14
C LEU C 75 15.19 -34.94 -14.59
N CYS C 76 16.29 -34.67 -13.88
CA CYS C 76 17.58 -35.28 -14.18
C CYS C 76 18.08 -35.98 -12.92
N LYS C 77 18.34 -37.27 -13.03
CA LYS C 77 18.73 -38.08 -11.89
C LYS C 77 20.24 -38.25 -11.75
N LYS C 78 21.00 -38.00 -12.82
CA LYS C 78 22.44 -38.25 -12.78
C LYS C 78 23.19 -37.18 -12.01
N GLY C 79 22.74 -35.94 -12.06
CA GLY C 79 23.44 -34.87 -11.34
C GLY C 79 24.79 -34.59 -11.95
N ASP C 80 25.83 -34.58 -11.11
CA ASP C 80 27.18 -34.32 -11.61
C ASP C 80 27.68 -35.44 -12.50
N GLN C 81 27.14 -36.65 -12.34
CA GLN C 81 27.54 -37.80 -13.13
C GLN C 81 26.78 -37.88 -14.45
N CYS C 82 26.21 -36.77 -14.90
CA CYS C 82 25.47 -36.74 -16.17
C CYS C 82 26.45 -36.54 -17.32
N GLU C 83 26.25 -37.31 -18.39
CA GLU C 83 27.12 -37.26 -19.56
C GLU C 83 26.70 -36.19 -20.56
N PHE C 84 25.66 -35.42 -20.26
CA PHE C 84 25.19 -34.38 -21.16
C PHE C 84 25.25 -33.03 -20.46
N LEU C 85 25.35 -31.98 -21.28
CA LEU C 85 25.61 -30.64 -20.76
C LEU C 85 24.41 -30.09 -20.00
N HIS C 86 24.69 -29.41 -18.90
CA HIS C 86 23.68 -28.74 -18.09
C HIS C 86 23.78 -27.23 -18.23
N GLU C 87 24.02 -26.76 -19.44
CA GLU C 87 24.07 -25.34 -19.75
C GLU C 87 22.96 -24.98 -20.73
N TYR C 88 22.42 -23.79 -20.59
CA TYR C 88 21.36 -23.31 -21.47
C TYR C 88 22.02 -22.69 -22.71
N ASP C 89 22.36 -23.54 -23.66
CA ASP C 89 23.00 -23.13 -24.91
C ASP C 89 22.21 -23.76 -26.06
N MET C 90 21.40 -22.96 -26.73
CA MET C 90 20.58 -23.48 -27.84
C MET C 90 21.36 -23.48 -29.15
N THR C 91 22.58 -24.01 -29.10
CA THR C 91 23.38 -24.31 -30.27
C THR C 91 23.94 -25.71 -30.13
N LYS C 92 24.12 -26.14 -28.89
CA LYS C 92 24.50 -27.51 -28.55
C LYS C 92 23.29 -28.36 -28.22
N MET C 93 22.11 -27.94 -28.65
CA MET C 93 20.88 -28.67 -28.39
C MET C 93 20.91 -30.03 -29.09
N PRO C 94 20.27 -31.04 -28.52
CA PRO C 94 20.18 -32.33 -29.21
C PRO C 94 19.46 -32.20 -30.54
N GLU C 95 19.85 -33.05 -31.49
CA GLU C 95 19.20 -33.08 -32.79
C GLU C 95 17.75 -33.56 -32.65
N CYS C 96 16.89 -33.05 -33.53
CA CYS C 96 15.48 -33.39 -33.49
C CYS C 96 15.29 -34.81 -34.03
N TYR C 97 14.79 -35.70 -33.17
CA TYR C 97 14.55 -37.08 -33.57
C TYR C 97 13.52 -37.14 -34.70
N PHE C 98 12.44 -36.37 -34.57
CA PHE C 98 11.36 -36.44 -35.56
C PHE C 98 11.77 -35.79 -36.88
N TYR C 99 12.55 -34.72 -36.83
CA TYR C 99 13.02 -34.10 -38.07
C TYR C 99 14.06 -35.00 -38.75
N SER C 100 14.88 -35.69 -37.98
CA SER C 100 15.89 -36.56 -38.57
C SER C 100 15.27 -37.85 -39.10
N LYS C 101 14.15 -38.30 -38.53
CA LYS C 101 13.55 -39.57 -38.93
C LYS C 101 12.36 -39.37 -39.88
N PHE C 102 11.30 -38.71 -39.42
CA PHE C 102 10.07 -38.59 -40.19
C PHE C 102 10.01 -37.29 -40.97
N GLY C 103 11.04 -36.97 -41.74
CA GLY C 103 11.01 -35.76 -42.56
C GLY C 103 10.85 -34.49 -41.75
N GLU C 104 9.66 -33.89 -41.80
CA GLU C 104 9.38 -32.64 -41.13
C GLU C 104 9.17 -32.85 -39.63
N CYS C 105 9.03 -31.74 -38.91
CA CYS C 105 8.78 -31.73 -37.48
C CYS C 105 7.40 -31.12 -37.21
N SER C 106 6.78 -31.55 -36.11
CA SER C 106 5.40 -31.16 -35.85
C SER C 106 5.30 -29.73 -35.33
N ASN C 107 5.89 -29.45 -34.17
CA ASN C 107 5.76 -28.13 -33.57
C ASN C 107 6.70 -27.14 -34.24
N LYS C 108 6.18 -25.92 -34.46
CA LYS C 108 6.94 -24.87 -35.10
C LYS C 108 7.89 -24.15 -34.15
N GLU C 109 7.84 -24.45 -32.86
CA GLU C 109 8.73 -23.87 -31.86
C GLU C 109 9.64 -24.93 -31.27
N CYS C 110 10.13 -25.83 -32.12
CA CYS C 110 10.96 -26.94 -31.67
C CYS C 110 12.34 -26.44 -31.27
N PRO C 111 12.80 -26.66 -30.04
CA PRO C 111 14.15 -26.24 -29.67
C PRO C 111 15.24 -27.13 -30.24
N PHE C 112 14.93 -28.37 -30.58
CA PHE C 112 15.94 -29.29 -31.10
C PHE C 112 16.38 -28.87 -32.50
N LEU C 113 17.62 -29.20 -32.82
CA LEU C 113 18.24 -28.73 -34.07
C LEU C 113 17.70 -29.52 -35.26
N HIS C 114 17.23 -28.79 -36.27
CA HIS C 114 16.75 -29.38 -37.53
C HIS C 114 17.89 -29.30 -38.53
N ILE C 115 18.59 -30.41 -38.73
CA ILE C 115 19.74 -30.44 -39.63
C ILE C 115 19.54 -31.51 -40.70
#